data_4Z8X
#
_entry.id   4Z8X
#
_cell.length_a   127.860
_cell.length_b   188.480
_cell.length_c   206.220
_cell.angle_alpha   90.00
_cell.angle_beta   90.00
_cell.angle_gamma   90.00
#
_symmetry.space_group_name_H-M   'I 2 2 2'
#
loop_
_entity.id
_entity.type
_entity.pdbx_description
1 polymer 'ATP-dependent zinc metalloprotease FtsH'
2 non-polymer 'ZINC ION'
3 non-polymer "ADENOSINE-5'-DIPHOSPHATE"
4 non-polymer 'SULFATE ION'
5 water water
#
_entity_poly.entity_id   1
_entity_poly.type   'polypeptide(L)'
_entity_poly.pdbx_seq_one_letter_code
;GSHMAKVYIEEKPKVTFKDVAGIEEVKEEVKEIIEYLKDPVKFQKLGGRPPKGVLLYGEPGVGKTLLAKAIAGEAHVPFI
SVSGSDFVEMFVGVGAARVRDLFETAKKHAPCMIFIDEIDAVGRARGAIPVGGGHDEREQTLNQLLVEMDGFDTSDGIIV
IAATNRPDILDPALLRPGRFDRQIFIPKPDVRGRYEILKVHARNKKLAKDVDLEFVARATPGLTGADLENLLNEAALLAA
RKGKEEITMEEIEEALDRITMGLERKGMTISPKEKEKIAIHEAGHALMGLVSDDDDKVHKISIIPRGMALGVTQQLPIED
KHIYDKKDLYNKILVLLGGRAAEEVFFGKDGITTGAENDLQRATDLAYRMVSMWGMSDKVGPIAIRRVANPFLGGMTTAV
DTSPDLLREIDEEVRRIITEQYEKAKAIVEEYKEPLKAVVKKLLEKETITCEEFVEVFKLYGIELKDKCKKEELFDKDRK
SEENKELKSGEVKEEVV
;
_entity_poly.pdbx_strand_id   A,B,C
#
loop_
_chem_comp.id
_chem_comp.type
_chem_comp.name
_chem_comp.formula
ADP non-polymer ADENOSINE-5'-DIPHOSPHATE 'C10 H15 N5 O10 P2'
SO4 non-polymer 'SULFATE ION' 'O4 S -2'
ZN non-polymer 'ZINC ION' 'Zn 2'
#
# COMPACT_ATOMS: atom_id res chain seq x y z
N ALA A 5 11.96 0.99 -22.27
CA ALA A 5 11.77 0.44 -23.60
C ALA A 5 12.85 0.93 -24.57
N LYS A 6 13.26 2.23 -24.41
CA LYS A 6 14.29 2.89 -25.22
C LYS A 6 14.80 4.18 -24.50
N VAL A 7 15.50 4.01 -23.36
CA VAL A 7 16.08 5.11 -22.55
C VAL A 7 17.56 4.77 -22.21
N TYR A 8 17.81 3.48 -21.89
CA TYR A 8 19.05 2.80 -21.47
C TYR A 8 20.35 3.61 -21.69
N ILE A 9 20.97 3.92 -20.55
CA ILE A 9 22.23 4.66 -20.38
C ILE A 9 23.32 3.56 -20.08
N GLU A 10 24.60 3.93 -19.84
CA GLU A 10 25.73 3.05 -19.48
C GLU A 10 26.99 3.90 -19.18
N GLU A 11 26.76 5.17 -18.81
CA GLU A 11 27.79 6.15 -18.48
C GLU A 11 28.70 5.74 -17.33
N LYS A 12 29.93 6.28 -17.31
CA LYS A 12 30.88 6.15 -16.23
C LYS A 12 30.67 7.42 -15.41
N PRO A 13 29.91 7.33 -14.28
CA PRO A 13 29.51 8.55 -13.55
C PRO A 13 30.64 9.38 -12.95
N LYS A 14 30.36 10.69 -12.85
CA LYS A 14 31.20 11.74 -12.25
C LYS A 14 30.62 12.07 -10.86
N VAL A 15 29.30 11.75 -10.66
CA VAL A 15 28.55 11.93 -9.42
C VAL A 15 28.77 10.71 -8.50
N THR A 16 29.40 10.94 -7.35
CA THR A 16 29.74 9.90 -6.39
C THR A 16 28.98 10.13 -5.07
N PHE A 17 29.62 9.82 -3.92
CA PHE A 17 29.08 9.98 -2.56
C PHE A 17 29.23 11.45 -2.07
N LYS A 18 29.88 12.30 -2.88
CA LYS A 18 30.08 13.73 -2.60
C LYS A 18 28.84 14.53 -2.99
N ASP A 19 28.19 14.15 -4.11
CA ASP A 19 26.98 14.79 -4.66
C ASP A 19 25.71 14.37 -3.91
N VAL A 20 25.79 13.28 -3.12
CA VAL A 20 24.69 12.75 -2.31
C VAL A 20 25.01 13.06 -0.83
N ALA A 21 24.04 13.65 -0.11
CA ALA A 21 24.19 14.03 1.30
C ALA A 21 22.85 14.05 2.02
N GLY A 22 22.87 13.65 3.29
CA GLY A 22 21.69 13.62 4.15
C GLY A 22 21.23 12.22 4.50
N ILE A 23 21.39 11.27 3.57
CA ILE A 23 20.98 9.87 3.75
C ILE A 23 22.23 9.01 4.08
N GLU A 24 22.89 9.35 5.20
CA GLU A 24 24.11 8.68 5.68
C GLU A 24 23.86 7.23 6.12
N GLU A 25 22.68 6.96 6.71
CA GLU A 25 22.30 5.61 7.17
C GLU A 25 22.01 4.69 5.98
N VAL A 26 21.45 5.27 4.90
CA VAL A 26 21.14 4.60 3.62
C VAL A 26 22.47 4.34 2.89
N LYS A 27 23.47 5.25 3.07
CA LYS A 27 24.81 5.16 2.47
C LYS A 27 25.64 3.99 3.03
N GLU A 28 25.40 3.62 4.31
CA GLU A 28 26.10 2.52 4.98
C GLU A 28 25.64 1.14 4.49
N GLU A 29 24.40 1.03 3.96
CA GLU A 29 23.83 -0.23 3.47
C GLU A 29 24.10 -0.47 1.97
N VAL A 30 24.61 0.55 1.25
CA VAL A 30 24.92 0.45 -0.18
C VAL A 30 26.46 0.30 -0.42
N LYS A 31 27.27 0.34 0.66
CA LYS A 31 28.72 0.21 0.58
C LYS A 31 29.17 -1.22 0.29
N GLU A 32 28.36 -2.24 0.63
CA GLU A 32 28.66 -3.66 0.36
C GLU A 32 28.51 -3.95 -1.14
N ILE A 33 27.70 -3.14 -1.84
CA ILE A 33 27.47 -3.23 -3.29
C ILE A 33 28.66 -2.52 -3.99
N ILE A 34 29.19 -1.43 -3.38
CA ILE A 34 30.34 -0.63 -3.88
C ILE A 34 31.60 -1.51 -3.87
N GLU A 35 31.81 -2.31 -2.80
CA GLU A 35 32.93 -3.23 -2.66
C GLU A 35 32.78 -4.44 -3.60
N TYR A 36 31.53 -4.72 -4.04
CA TYR A 36 31.18 -5.82 -4.94
C TYR A 36 31.43 -5.45 -6.42
N LEU A 37 30.99 -4.25 -6.87
CA LEU A 37 31.17 -3.81 -8.27
C LEU A 37 32.63 -3.43 -8.58
N LYS A 38 33.43 -3.08 -7.54
CA LYS A 38 34.85 -2.74 -7.63
C LYS A 38 35.68 -3.97 -7.99
N ASP A 39 35.47 -5.09 -7.26
CA ASP A 39 36.17 -6.35 -7.47
C ASP A 39 35.21 -7.55 -7.21
N PRO A 40 34.44 -8.00 -8.25
CA PRO A 40 33.52 -9.13 -8.05
C PRO A 40 34.26 -10.47 -7.97
N VAL A 41 35.49 -10.55 -8.54
CA VAL A 41 36.36 -11.74 -8.53
C VAL A 41 36.80 -12.07 -7.09
N LYS A 42 36.78 -11.06 -6.18
CA LYS A 42 37.10 -11.17 -4.76
C LYS A 42 35.90 -11.79 -4.00
N PHE A 43 34.67 -11.53 -4.49
CA PHE A 43 33.40 -12.01 -3.95
C PHE A 43 33.05 -13.41 -4.49
N GLN A 44 33.52 -13.73 -5.72
CA GLN A 44 33.28 -15.01 -6.40
C GLN A 44 34.18 -16.12 -5.87
N LYS A 45 35.52 -15.87 -5.81
CA LYS A 45 36.54 -16.83 -5.34
C LYS A 45 36.41 -17.16 -3.85
N LEU A 46 35.80 -16.26 -3.05
CA LEU A 46 35.59 -16.45 -1.61
C LEU A 46 34.43 -17.43 -1.33
N GLY A 47 33.33 -17.29 -2.09
CA GLY A 47 32.17 -18.16 -1.96
C GLY A 47 30.86 -17.49 -1.56
N GLY A 48 30.88 -16.17 -1.38
CA GLY A 48 29.72 -15.37 -1.00
C GLY A 48 28.68 -15.19 -2.09
N ARG A 49 27.48 -14.69 -1.71
CA ARG A 49 26.36 -14.46 -2.64
C ARG A 49 25.79 -13.03 -2.50
N PRO A 50 25.81 -12.21 -3.58
CA PRO A 50 25.28 -10.84 -3.49
C PRO A 50 23.77 -10.76 -3.80
N PRO A 51 23.06 -9.65 -3.45
CA PRO A 51 21.63 -9.57 -3.80
C PRO A 51 21.45 -9.39 -5.31
N LYS A 52 20.59 -10.23 -5.91
CA LYS A 52 20.30 -10.21 -7.35
C LYS A 52 19.49 -8.96 -7.75
N GLY A 53 19.00 -8.22 -6.75
CA GLY A 53 18.24 -7.00 -6.91
C GLY A 53 18.07 -6.26 -5.60
N VAL A 54 18.26 -4.92 -5.64
CA VAL A 54 18.13 -4.04 -4.46
C VAL A 54 17.05 -2.98 -4.76
N LEU A 55 16.00 -2.93 -3.92
CA LEU A 55 14.87 -2.00 -4.06
C LEU A 55 15.17 -0.62 -3.45
N LEU A 56 14.76 0.44 -4.19
CA LEU A 56 14.90 1.85 -3.81
C LEU A 56 13.53 2.54 -3.89
N TYR A 57 12.70 2.34 -2.84
CA TYR A 57 11.34 2.87 -2.74
C TYR A 57 11.26 4.10 -1.81
N GLY A 58 10.29 4.96 -2.13
CA GLY A 58 10.02 6.20 -1.41
C GLY A 58 9.18 7.19 -2.19
N GLU A 59 9.00 8.40 -1.62
CA GLU A 59 8.22 9.51 -2.18
C GLU A 59 8.86 10.03 -3.49
N PRO A 60 8.08 10.64 -4.42
CA PRO A 60 8.69 11.13 -5.67
C PRO A 60 9.69 12.28 -5.45
N GLY A 61 10.96 12.01 -5.79
CA GLY A 61 12.06 12.96 -5.69
C GLY A 61 12.92 12.89 -4.44
N VAL A 62 12.95 11.72 -3.75
CA VAL A 62 13.73 11.53 -2.51
C VAL A 62 15.24 11.34 -2.78
N GLY A 63 15.60 11.15 -4.05
CA GLY A 63 16.98 10.95 -4.49
C GLY A 63 17.26 9.50 -4.87
N LYS A 64 16.26 8.83 -5.48
CA LYS A 64 16.30 7.44 -5.92
C LYS A 64 17.36 7.24 -7.01
N THR A 65 17.31 8.08 -8.08
CA THR A 65 18.22 8.04 -9.22
C THR A 65 19.65 8.38 -8.80
N LEU A 66 19.81 9.43 -7.97
CA LEU A 66 21.09 9.94 -7.49
C LEU A 66 21.85 8.91 -6.62
N LEU A 67 21.12 8.07 -5.86
CA LEU A 67 21.75 7.03 -5.02
C LEU A 67 22.34 5.94 -5.90
N ALA A 68 21.60 5.51 -6.93
CA ALA A 68 22.02 4.50 -7.89
C ALA A 68 23.23 4.96 -8.71
N LYS A 69 23.33 6.28 -8.98
CA LYS A 69 24.43 6.94 -9.71
C LYS A 69 25.70 7.04 -8.84
N ALA A 70 25.53 7.09 -7.50
CA ALA A 70 26.60 7.19 -6.51
C ALA A 70 27.28 5.85 -6.29
N ILE A 71 26.52 4.72 -6.32
CA ILE A 71 27.01 3.34 -6.14
C ILE A 71 27.91 2.97 -7.33
N ALA A 72 27.46 3.27 -8.57
CA ALA A 72 28.21 3.02 -9.80
C ALA A 72 29.41 3.98 -9.92
N GLY A 73 29.23 5.22 -9.45
CA GLY A 73 30.25 6.26 -9.45
C GLY A 73 31.41 6.00 -8.52
N GLU A 74 31.12 5.64 -7.25
CA GLU A 74 32.12 5.34 -6.21
C GLU A 74 32.91 4.07 -6.51
N ALA A 75 32.29 3.07 -7.16
CA ALA A 75 32.90 1.79 -7.51
C ALA A 75 33.66 1.84 -8.85
N HIS A 76 33.55 2.96 -9.60
CA HIS A 76 34.15 3.21 -10.92
C HIS A 76 33.64 2.14 -11.91
N VAL A 77 32.30 1.97 -11.96
CA VAL A 77 31.59 0.98 -12.78
C VAL A 77 30.45 1.68 -13.60
N PRO A 78 30.08 1.18 -14.80
CA PRO A 78 29.02 1.85 -15.60
C PRO A 78 27.63 1.87 -14.93
N PHE A 79 26.78 2.85 -15.35
CA PHE A 79 25.42 3.04 -14.83
C PHE A 79 24.38 3.06 -15.98
N ILE A 80 23.51 2.03 -16.03
CA ILE A 80 22.42 1.89 -17.01
C ILE A 80 21.13 2.43 -16.39
N SER A 81 20.34 3.23 -17.15
CA SER A 81 19.09 3.81 -16.62
C SER A 81 17.97 3.81 -17.66
N VAL A 82 16.74 3.42 -17.25
CA VAL A 82 15.53 3.37 -18.09
C VAL A 82 14.28 3.54 -17.17
N SER A 83 13.11 3.94 -17.74
CA SER A 83 11.86 4.12 -17.00
C SER A 83 10.90 2.92 -17.21
N GLY A 84 10.02 2.71 -16.23
CA GLY A 84 9.03 1.62 -16.24
C GLY A 84 7.72 1.98 -16.90
N SER A 85 7.54 3.28 -17.25
CA SER A 85 6.35 3.81 -17.93
C SER A 85 6.52 3.75 -19.47
N ASP A 86 7.68 3.24 -19.92
CA ASP A 86 8.06 3.06 -21.32
C ASP A 86 7.45 1.79 -21.93
N PHE A 87 7.57 0.64 -21.21
CA PHE A 87 7.05 -0.65 -21.67
C PHE A 87 5.53 -0.73 -21.45
N VAL A 88 4.76 -0.30 -22.46
CA VAL A 88 3.29 -0.32 -22.49
C VAL A 88 2.85 -1.05 -23.77
N GLU A 89 1.96 -2.06 -23.64
CA GLU A 89 1.46 -2.87 -24.75
C GLU A 89 0.71 -2.02 -25.77
N MET A 90 1.23 -2.02 -27.02
CA MET A 90 0.72 -1.31 -28.21
C MET A 90 0.81 -2.30 -29.38
N PHE A 91 -0.32 -3.00 -29.64
CA PHE A 91 -0.50 -4.08 -30.62
C PHE A 91 0.23 -5.33 -30.08
N VAL A 92 -0.43 -6.01 -29.11
CA VAL A 92 0.01 -7.22 -28.37
C VAL A 92 1.35 -6.90 -27.66
N GLY A 93 2.50 -7.06 -28.35
CA GLY A 93 3.79 -6.73 -27.79
C GLY A 93 4.88 -7.79 -27.77
N VAL A 94 6.13 -7.30 -27.65
CA VAL A 94 7.37 -8.07 -27.56
C VAL A 94 8.22 -7.42 -26.41
N GLY A 95 7.56 -7.28 -25.24
CA GLY A 95 8.13 -6.71 -24.03
C GLY A 95 9.04 -7.63 -23.24
N ALA A 96 8.80 -8.95 -23.33
CA ALA A 96 9.58 -9.99 -22.66
C ALA A 96 10.97 -10.17 -23.33
N ALA A 97 11.04 -10.16 -24.67
CA ALA A 97 12.28 -10.31 -25.45
C ALA A 97 13.30 -9.20 -25.13
N ARG A 98 12.82 -8.06 -24.62
CA ARG A 98 13.63 -6.90 -24.21
C ARG A 98 14.54 -7.30 -23.04
N VAL A 99 13.94 -7.67 -21.88
CA VAL A 99 14.56 -8.08 -20.60
C VAL A 99 15.72 -9.07 -20.82
N ARG A 100 15.55 -9.99 -21.80
CA ARG A 100 16.54 -11.01 -22.18
C ARG A 100 17.87 -10.38 -22.64
N ASP A 101 17.80 -9.24 -23.36
CA ASP A 101 18.97 -8.52 -23.92
C ASP A 101 19.63 -7.56 -22.90
N LEU A 102 18.97 -7.25 -21.77
CA LEU A 102 19.50 -6.37 -20.71
C LEU A 102 20.70 -7.03 -20.02
N PHE A 103 20.53 -8.28 -19.58
CA PHE A 103 21.52 -9.09 -18.87
C PHE A 103 22.62 -9.58 -19.82
N GLU A 104 22.31 -9.71 -21.13
CA GLU A 104 23.27 -10.13 -22.17
C GLU A 104 24.32 -9.03 -22.43
N THR A 105 23.87 -7.75 -22.47
CA THR A 105 24.73 -6.58 -22.67
C THR A 105 25.50 -6.28 -21.38
N ALA A 106 24.90 -6.65 -20.22
CA ALA A 106 25.49 -6.49 -18.90
C ALA A 106 26.70 -7.42 -18.71
N LYS A 107 26.62 -8.64 -19.29
CA LYS A 107 27.70 -9.64 -19.24
C LYS A 107 28.85 -9.27 -20.20
N LYS A 108 28.53 -8.49 -21.26
CA LYS A 108 29.50 -7.99 -22.25
C LYS A 108 30.31 -6.82 -21.67
N HIS A 109 29.65 -6.01 -20.80
CA HIS A 109 30.24 -4.84 -20.11
C HIS A 109 30.40 -5.12 -18.59
N ALA A 110 30.64 -6.39 -18.22
CA ALA A 110 30.80 -6.83 -16.82
C ALA A 110 32.18 -6.44 -16.25
N PRO A 111 32.25 -5.85 -15.03
CA PRO A 111 31.15 -5.51 -14.09
C PRO A 111 30.47 -4.17 -14.42
N CYS A 112 29.15 -4.08 -14.14
CA CYS A 112 28.32 -2.89 -14.36
C CYS A 112 27.04 -2.94 -13.51
N MET A 113 26.36 -1.79 -13.39
CA MET A 113 25.11 -1.62 -12.64
C MET A 113 23.94 -1.28 -13.59
N ILE A 114 22.71 -1.72 -13.24
CA ILE A 114 21.47 -1.47 -14.00
C ILE A 114 20.47 -0.76 -13.07
N PHE A 115 19.65 0.17 -13.62
CA PHE A 115 18.64 0.90 -12.85
C PHE A 115 17.35 1.15 -13.68
N ILE A 116 16.16 0.98 -13.05
CA ILE A 116 14.85 1.18 -13.68
C ILE A 116 13.88 1.87 -12.68
N ASP A 117 13.61 3.17 -12.89
CA ASP A 117 12.66 3.91 -12.03
C ASP A 117 11.24 3.78 -12.58
N GLU A 118 10.22 3.90 -11.69
CA GLU A 118 8.77 3.81 -11.98
C GLU A 118 8.36 2.47 -12.66
N ILE A 119 9.01 1.35 -12.25
CA ILE A 119 8.77 -0.01 -12.74
C ILE A 119 7.38 -0.53 -12.23
N ASP A 120 6.63 0.32 -11.52
CA ASP A 120 5.29 0.04 -10.97
C ASP A 120 4.18 0.13 -12.06
N ALA A 121 4.45 0.80 -13.20
CA ALA A 121 3.52 0.96 -14.33
C ALA A 121 3.48 -0.30 -15.20
N VAL A 122 4.67 -0.88 -15.51
CA VAL A 122 4.83 -2.11 -16.28
C VAL A 122 4.49 -3.31 -15.35
N GLY A 123 4.86 -3.21 -14.07
CA GLY A 123 4.61 -4.22 -13.05
C GLY A 123 3.61 -3.78 -12.01
N ARG A 124 2.31 -4.05 -12.25
CA ARG A 124 1.21 -3.67 -11.36
C ARG A 124 0.52 -4.92 -10.80
N ASP A 136 -2.67 -13.08 -20.11
CA ASP A 136 -2.22 -11.79 -19.59
C ASP A 136 -0.89 -11.40 -20.25
N GLU A 137 -0.86 -10.24 -20.94
CA GLU A 137 0.36 -9.76 -21.62
C GLU A 137 1.28 -9.04 -20.63
N ARG A 138 0.71 -8.24 -19.71
CA ARG A 138 1.43 -7.49 -18.66
C ARG A 138 2.25 -8.44 -17.75
N GLU A 139 1.65 -9.60 -17.38
CA GLU A 139 2.25 -10.62 -16.53
C GLU A 139 3.36 -11.41 -17.24
N GLN A 140 3.28 -11.52 -18.59
CA GLN A 140 4.25 -12.24 -19.44
C GLN A 140 5.63 -11.55 -19.42
N THR A 141 5.63 -10.21 -19.45
CA THR A 141 6.83 -9.37 -19.41
C THR A 141 7.38 -9.36 -17.97
N LEU A 142 6.46 -9.33 -16.97
CA LEU A 142 6.76 -9.35 -15.53
C LEU A 142 7.45 -10.67 -15.14
N ASN A 143 6.87 -11.82 -15.56
CA ASN A 143 7.39 -13.18 -15.28
C ASN A 143 8.74 -13.43 -15.98
N GLN A 144 9.01 -12.74 -17.11
CA GLN A 144 10.28 -12.84 -17.84
C GLN A 144 11.42 -12.26 -17.00
N LEU A 145 11.17 -11.10 -16.36
CA LEU A 145 12.10 -10.38 -15.48
C LEU A 145 12.44 -11.24 -14.24
N LEU A 146 11.46 -12.02 -13.73
CA LEU A 146 11.61 -12.93 -12.57
C LEU A 146 12.62 -14.05 -12.87
N VAL A 147 12.50 -14.70 -14.04
CA VAL A 147 13.36 -15.80 -14.51
C VAL A 147 14.78 -15.26 -14.81
N GLU A 148 14.87 -14.06 -15.42
CA GLU A 148 16.12 -13.38 -15.78
C GLU A 148 16.99 -13.04 -14.54
N MET A 149 16.36 -12.97 -13.33
CA MET A 149 17.04 -12.71 -12.06
C MET A 149 17.57 -14.02 -11.46
N ASP A 150 16.73 -15.10 -11.44
CA ASP A 150 17.06 -16.43 -10.92
C ASP A 150 18.13 -17.16 -11.77
N GLY A 151 18.18 -16.85 -13.06
CA GLY A 151 19.11 -17.44 -14.01
C GLY A 151 20.56 -17.03 -13.86
N PHE A 152 20.84 -15.71 -13.93
CA PHE A 152 22.20 -15.15 -13.80
C PHE A 152 22.69 -15.31 -12.35
N ASP A 153 24.01 -15.54 -12.17
CA ASP A 153 24.59 -15.76 -10.84
C ASP A 153 25.69 -14.71 -10.50
N THR A 154 26.42 -14.93 -9.38
CA THR A 154 27.48 -14.07 -8.84
C THR A 154 28.65 -13.87 -9.82
N SER A 155 28.96 -14.89 -10.65
CA SER A 155 30.05 -14.91 -11.64
C SER A 155 29.93 -13.78 -12.68
N ASP A 156 28.70 -13.33 -12.97
CA ASP A 156 28.40 -12.28 -13.94
C ASP A 156 28.86 -10.88 -13.47
N GLY A 157 28.98 -10.70 -12.15
CA GLY A 157 29.42 -9.46 -11.52
C GLY A 157 28.55 -8.23 -11.75
N ILE A 158 27.24 -8.44 -12.02
CA ILE A 158 26.28 -7.36 -12.30
C ILE A 158 25.15 -7.35 -11.24
N ILE A 159 24.60 -6.15 -10.96
CA ILE A 159 23.51 -5.94 -9.98
C ILE A 159 22.45 -4.98 -10.59
N VAL A 160 21.16 -5.24 -10.28
CA VAL A 160 20.01 -4.48 -10.78
C VAL A 160 19.35 -3.71 -9.62
N ILE A 161 18.91 -2.44 -9.87
CA ILE A 161 18.23 -1.59 -8.91
C ILE A 161 16.96 -1.03 -9.57
N ALA A 162 15.77 -1.35 -9.04
CA ALA A 162 14.52 -0.88 -9.62
C ALA A 162 13.75 0.02 -8.63
N ALA A 163 13.63 1.32 -8.96
CA ALA A 163 12.95 2.31 -8.11
C ALA A 163 11.46 2.45 -8.47
N THR A 164 10.69 3.15 -7.61
CA THR A 164 9.24 3.36 -7.76
C THR A 164 8.76 4.61 -6.96
N ASN A 165 7.57 5.14 -7.32
CA ASN A 165 6.94 6.26 -6.63
C ASN A 165 5.96 5.74 -5.57
N ARG A 166 5.48 4.50 -5.73
CA ARG A 166 4.56 3.80 -4.80
C ARG A 166 5.03 2.35 -4.59
N PRO A 167 5.27 1.89 -3.33
CA PRO A 167 5.73 0.50 -3.14
C PRO A 167 4.57 -0.51 -3.04
N ASP A 168 3.37 -0.02 -2.69
CA ASP A 168 2.15 -0.79 -2.51
C ASP A 168 1.50 -1.26 -3.82
N ILE A 169 1.86 -0.64 -4.97
CA ILE A 169 1.25 -0.98 -6.26
C ILE A 169 2.14 -1.93 -7.13
N LEU A 170 3.38 -2.25 -6.70
CA LEU A 170 4.23 -3.18 -7.43
C LEU A 170 3.83 -4.64 -7.11
N ASP A 171 4.21 -5.61 -7.98
CA ASP A 171 3.87 -7.04 -7.82
C ASP A 171 4.60 -7.69 -6.64
N PRO A 172 3.91 -8.50 -5.78
CA PRO A 172 4.58 -9.12 -4.62
C PRO A 172 5.68 -10.13 -4.99
N ALA A 173 5.62 -10.69 -6.22
CA ALA A 173 6.60 -11.65 -6.76
C ALA A 173 7.96 -10.98 -7.03
N LEU A 174 7.96 -9.64 -7.19
CA LEU A 174 9.18 -8.86 -7.42
C LEU A 174 9.84 -8.49 -6.07
N LEU A 175 9.60 -9.33 -5.02
CA LEU A 175 10.13 -9.13 -3.67
C LEU A 175 10.65 -10.46 -3.03
N ARG A 176 10.41 -11.62 -3.68
CA ARG A 176 10.85 -12.94 -3.19
C ARG A 176 12.39 -13.11 -3.32
N PRO A 177 13.06 -13.99 -2.50
CA PRO A 177 14.53 -14.12 -2.61
C PRO A 177 14.99 -14.56 -4.00
N GLY A 178 16.05 -13.91 -4.48
CA GLY A 178 16.61 -14.13 -5.81
C GLY A 178 15.98 -13.21 -6.85
N ARG A 179 14.82 -12.61 -6.51
CA ARG A 179 14.02 -11.69 -7.31
C ARG A 179 13.72 -10.45 -6.45
N PHE A 180 14.78 -9.66 -6.11
CA PHE A 180 14.81 -8.46 -5.25
C PHE A 180 14.51 -8.84 -3.79
N ASP A 181 15.55 -9.28 -3.06
CA ASP A 181 15.45 -9.69 -1.66
C ASP A 181 15.83 -8.56 -0.67
N ARG A 182 16.58 -7.55 -1.13
CA ARG A 182 17.02 -6.41 -0.31
C ARG A 182 16.06 -5.21 -0.46
N GLN A 183 15.63 -4.63 0.68
CA GLN A 183 14.71 -3.47 0.70
C GLN A 183 15.33 -2.31 1.47
N ILE A 184 15.51 -1.16 0.77
CA ILE A 184 16.10 0.07 1.33
C ILE A 184 15.12 1.25 1.12
N PHE A 185 14.82 1.99 2.20
CA PHE A 185 13.93 3.13 2.16
C PHE A 185 14.70 4.46 2.24
N ILE A 186 14.46 5.34 1.27
CA ILE A 186 15.05 6.67 1.18
C ILE A 186 14.01 7.67 1.70
N PRO A 187 14.22 8.27 2.90
CA PRO A 187 13.21 9.18 3.45
C PRO A 187 13.38 10.63 3.00
N LYS A 188 12.32 11.45 3.19
CA LYS A 188 12.37 12.88 2.90
C LYS A 188 13.39 13.52 3.85
N PRO A 189 14.25 14.46 3.36
CA PRO A 189 15.30 15.01 4.23
C PRO A 189 14.83 15.78 5.45
N ASP A 190 15.62 15.71 6.55
CA ASP A 190 15.35 16.41 7.81
C ASP A 190 16.10 17.78 7.82
N VAL A 191 16.45 18.33 8.99
CA VAL A 191 17.14 19.63 9.10
C VAL A 191 18.61 19.46 8.64
N ARG A 192 19.35 18.49 9.24
CA ARG A 192 20.74 18.20 8.90
C ARG A 192 20.83 17.58 7.50
N GLY A 193 19.75 16.88 7.10
CA GLY A 193 19.64 16.27 5.79
C GLY A 193 19.54 17.31 4.69
N ARG A 194 18.70 18.34 4.89
CA ARG A 194 18.50 19.42 3.92
C ARG A 194 19.67 20.40 3.91
N TYR A 195 20.31 20.67 5.07
CA TYR A 195 21.46 21.58 5.19
C TYR A 195 22.63 21.08 4.35
N GLU A 196 22.80 19.73 4.29
CA GLU A 196 23.83 19.06 3.51
C GLU A 196 23.45 19.05 2.01
N ILE A 197 22.13 19.07 1.70
CA ILE A 197 21.60 19.13 0.33
C ILE A 197 21.85 20.54 -0.19
N LEU A 198 21.57 21.56 0.66
CA LEU A 198 21.75 23.00 0.39
C LEU A 198 23.23 23.39 0.18
N LYS A 199 24.17 22.50 0.58
CA LYS A 199 25.62 22.67 0.45
C LYS A 199 26.14 21.97 -0.82
N VAL A 200 25.38 21.00 -1.36
CA VAL A 200 25.75 20.25 -2.58
C VAL A 200 25.41 21.10 -3.83
N HIS A 201 24.17 21.62 -3.92
CA HIS A 201 23.70 22.43 -5.06
C HIS A 201 24.24 23.89 -5.00
N ALA A 202 24.90 24.28 -3.88
CA ALA A 202 25.48 25.61 -3.68
C ALA A 202 26.95 25.71 -4.13
N ARG A 203 27.60 24.55 -4.42
CA ARG A 203 29.00 24.51 -4.87
C ARG A 203 29.16 25.09 -6.27
N ASN A 204 28.12 24.91 -7.13
CA ASN A 204 28.06 25.39 -8.50
C ASN A 204 27.71 26.89 -8.56
N LYS A 205 26.64 27.30 -7.85
CA LYS A 205 26.13 28.68 -7.83
C LYS A 205 26.89 29.58 -6.84
N LYS A 206 26.85 30.91 -7.08
CA LYS A 206 27.50 31.93 -6.26
C LYS A 206 26.51 32.49 -5.24
N LEU A 207 26.82 32.38 -3.93
CA LEU A 207 25.94 32.88 -2.87
C LEU A 207 26.55 34.09 -2.15
N ALA A 208 25.67 34.96 -1.61
CA ALA A 208 26.01 36.19 -0.90
C ALA A 208 26.62 35.90 0.49
N LYS A 209 27.02 36.98 1.22
CA LYS A 209 27.61 36.88 2.56
C LYS A 209 26.51 36.90 3.64
N ASP A 210 25.37 37.56 3.34
CA ASP A 210 24.22 37.71 4.25
C ASP A 210 23.26 36.50 4.20
N VAL A 211 23.55 35.48 3.35
CA VAL A 211 22.68 34.30 3.21
C VAL A 211 23.04 33.22 4.24
N ASP A 212 21.99 32.60 4.81
CA ASP A 212 22.09 31.53 5.81
C ASP A 212 21.31 30.32 5.31
N LEU A 213 22.01 29.18 5.12
CA LEU A 213 21.42 27.93 4.63
C LEU A 213 20.67 27.18 5.76
N GLU A 214 21.00 27.47 7.03
CA GLU A 214 20.39 26.86 8.21
C GLU A 214 18.92 27.26 8.37
N PHE A 215 18.56 28.52 8.05
CA PHE A 215 17.17 28.99 8.12
C PHE A 215 16.34 28.41 6.97
N VAL A 216 16.98 28.16 5.81
CA VAL A 216 16.35 27.56 4.63
C VAL A 216 16.08 26.08 4.94
N ALA A 217 17.01 25.42 5.66
CA ALA A 217 16.91 24.01 6.08
C ALA A 217 15.82 23.80 7.14
N ARG A 218 15.57 24.81 7.98
CA ARG A 218 14.59 24.81 9.06
C ARG A 218 13.15 25.12 8.59
N ALA A 219 12.99 26.00 7.57
CA ALA A 219 11.69 26.43 7.06
C ALA A 219 11.22 25.62 5.83
N THR A 220 11.63 24.34 5.72
CA THR A 220 11.24 23.48 4.61
C THR A 220 10.68 22.09 5.08
N PRO A 221 9.64 22.02 5.97
CA PRO A 221 9.13 20.70 6.37
C PRO A 221 8.15 20.16 5.33
N GLY A 222 8.40 18.92 4.92
CA GLY A 222 7.59 18.23 3.90
C GLY A 222 8.10 18.50 2.50
N LEU A 223 9.41 18.82 2.38
CA LEU A 223 10.07 19.13 1.11
C LEU A 223 11.30 18.24 0.89
N THR A 224 11.35 17.60 -0.31
CA THR A 224 12.36 16.64 -0.80
C THR A 224 13.68 17.34 -1.18
N GLY A 225 14.69 16.55 -1.56
CA GLY A 225 15.99 17.02 -2.01
C GLY A 225 15.93 17.57 -3.43
N ALA A 226 14.93 17.10 -4.21
CA ALA A 226 14.64 17.50 -5.59
C ALA A 226 13.74 18.74 -5.63
N ASP A 227 12.70 18.81 -4.76
CA ASP A 227 11.80 19.96 -4.65
C ASP A 227 12.55 21.16 -4.05
N LEU A 228 13.69 20.88 -3.37
CA LEU A 228 14.62 21.83 -2.77
C LEU A 228 15.58 22.39 -3.82
N GLU A 229 15.90 21.57 -4.84
CA GLU A 229 16.78 21.95 -5.96
C GLU A 229 16.04 22.95 -6.88
N ASN A 230 14.70 22.83 -6.94
CA ASN A 230 13.78 23.70 -7.70
C ASN A 230 13.78 25.11 -7.11
N LEU A 231 14.03 25.22 -5.78
CA LEU A 231 14.09 26.46 -5.00
C LEU A 231 15.44 27.19 -5.20
N LEU A 232 16.57 26.45 -5.15
CA LEU A 232 17.92 27.02 -5.31
C LEU A 232 18.23 27.37 -6.79
N ASN A 233 17.51 26.75 -7.75
CA ASN A 233 17.67 27.02 -9.20
C ASN A 233 16.83 28.23 -9.62
N GLU A 234 15.66 28.44 -8.98
CA GLU A 234 14.77 29.58 -9.24
C GLU A 234 15.29 30.85 -8.54
N ALA A 235 16.13 30.70 -7.49
CA ALA A 235 16.75 31.81 -6.74
C ALA A 235 17.82 32.49 -7.58
N ALA A 236 18.54 31.72 -8.42
CA ALA A 236 19.55 32.20 -9.37
C ALA A 236 18.87 32.72 -10.63
N LEU A 237 17.70 32.14 -10.97
CA LEU A 237 16.84 32.53 -12.11
C LEU A 237 16.25 33.92 -11.85
N LEU A 238 15.82 34.19 -10.59
CA LEU A 238 15.28 35.48 -10.14
C LEU A 238 16.41 36.51 -9.99
N ALA A 239 17.66 36.03 -9.77
CA ALA A 239 18.87 36.86 -9.65
C ALA A 239 19.38 37.27 -11.05
N ALA A 240 19.09 36.45 -12.08
CA ALA A 240 19.44 36.68 -13.48
C ALA A 240 18.37 37.54 -14.17
N ARG A 241 17.11 37.47 -13.66
CA ARG A 241 15.97 38.26 -14.16
C ARG A 241 16.07 39.71 -13.65
N LYS A 242 16.31 39.89 -12.34
CA LYS A 242 16.46 41.21 -11.68
C LYS A 242 17.76 41.90 -12.09
N GLY A 243 18.87 41.15 -12.08
CA GLY A 243 20.20 41.66 -12.44
C GLY A 243 21.15 41.76 -11.28
N LYS A 244 21.62 40.60 -10.77
CA LYS A 244 22.55 40.51 -9.65
C LYS A 244 23.61 39.42 -9.90
N GLU A 245 24.84 39.65 -9.38
CA GLU A 245 25.96 38.72 -9.52
C GLU A 245 26.07 37.77 -8.31
N GLU A 246 25.31 38.07 -7.23
CA GLU A 246 25.26 37.27 -6.00
C GLU A 246 23.80 36.97 -5.60
N ILE A 247 23.50 35.68 -5.29
CA ILE A 247 22.17 35.24 -4.87
C ILE A 247 21.98 35.66 -3.40
N THR A 248 21.13 36.67 -3.17
CA THR A 248 20.84 37.22 -1.84
C THR A 248 19.60 36.57 -1.21
N MET A 249 19.32 36.89 0.08
CA MET A 249 18.19 36.40 0.88
C MET A 249 16.82 36.79 0.30
N GLU A 250 16.73 37.94 -0.41
CA GLU A 250 15.50 38.48 -1.00
C GLU A 250 14.92 37.56 -2.08
N GLU A 251 15.77 37.03 -2.99
CA GLU A 251 15.38 36.13 -4.09
C GLU A 251 15.23 34.68 -3.61
N ILE A 252 15.89 34.33 -2.48
CA ILE A 252 15.84 33.00 -1.85
C ILE A 252 14.45 32.84 -1.18
N GLU A 253 14.03 33.86 -0.41
CA GLU A 253 12.73 33.89 0.29
C GLU A 253 11.56 34.04 -0.69
N GLU A 254 11.80 34.58 -1.91
CA GLU A 254 10.80 34.78 -2.96
C GLU A 254 10.38 33.42 -3.55
N ALA A 255 11.37 32.55 -3.83
CA ALA A 255 11.17 31.20 -4.38
C ALA A 255 10.45 30.29 -3.37
N LEU A 256 10.52 30.64 -2.06
CA LEU A 256 9.87 29.94 -0.97
C LEU A 256 8.35 30.18 -0.99
N ASP A 257 7.91 31.33 -1.55
CA ASP A 257 6.50 31.72 -1.69
C ASP A 257 5.84 31.04 -2.90
N ARG A 258 6.66 30.54 -3.85
CA ARG A 258 6.22 29.81 -5.04
C ARG A 258 5.70 28.42 -4.63
N ILE A 259 6.24 27.88 -3.52
CA ILE A 259 5.94 26.57 -2.94
C ILE A 259 4.57 26.59 -2.21
N THR A 260 4.27 27.69 -1.48
CA THR A 260 3.02 27.87 -0.71
C THR A 260 1.81 27.91 -1.65
N MET A 268 2.50 22.07 -0.27
CA MET A 268 1.87 21.13 0.65
C MET A 268 2.82 20.80 1.82
N THR A 269 3.34 21.89 2.43
CA THR A 269 4.29 22.00 3.54
C THR A 269 3.64 21.77 4.95
N ILE A 270 4.45 21.37 5.94
CA ILE A 270 3.95 21.15 7.31
C ILE A 270 4.05 22.47 8.10
N SER A 271 2.92 22.95 8.65
CA SER A 271 2.90 24.18 9.45
C SER A 271 3.60 23.94 10.79
N PRO A 272 4.11 24.99 11.48
CA PRO A 272 4.82 24.74 12.74
C PRO A 272 3.91 24.18 13.84
N LYS A 273 2.61 24.54 13.82
CA LYS A 273 1.63 24.04 14.79
C LYS A 273 1.46 22.55 14.58
N GLU A 274 1.32 22.11 13.30
CA GLU A 274 1.19 20.71 12.85
C GLU A 274 2.42 19.90 13.22
N LYS A 275 3.61 20.49 13.00
CA LYS A 275 4.90 19.89 13.33
C LYS A 275 4.88 19.45 14.81
N GLU A 276 4.45 20.35 15.75
CA GLU A 276 4.29 20.06 17.18
C GLU A 276 3.33 18.86 17.41
N LYS A 277 2.18 18.87 16.73
CA LYS A 277 1.21 17.82 16.91
C LYS A 277 1.84 16.50 16.50
N ILE A 278 2.54 16.48 15.32
CA ILE A 278 3.19 15.28 14.77
C ILE A 278 4.23 14.75 15.77
N ALA A 279 5.13 15.66 16.27
CA ALA A 279 6.17 15.33 17.24
C ALA A 279 5.61 14.68 18.47
N ILE A 280 4.58 15.30 19.10
CA ILE A 280 3.94 14.73 20.28
C ILE A 280 3.35 13.33 19.95
N HIS A 281 2.62 13.20 18.83
CA HIS A 281 2.08 11.90 18.44
C HIS A 281 3.17 10.88 18.35
N GLU A 282 4.23 11.18 17.58
CA GLU A 282 5.38 10.31 17.38
C GLU A 282 6.11 9.94 18.69
N ALA A 283 6.26 10.91 19.62
CA ALA A 283 6.85 10.67 20.93
C ALA A 283 5.96 9.70 21.80
N GLY A 284 4.64 9.71 21.61
CA GLY A 284 3.69 8.86 22.33
C GLY A 284 3.95 7.39 22.02
N HIS A 285 4.02 7.07 20.72
CA HIS A 285 4.34 5.76 20.21
C HIS A 285 5.69 5.24 20.75
N ALA A 286 6.69 6.13 20.83
CA ALA A 286 8.01 5.71 21.26
C ALA A 286 7.97 5.37 22.72
N LEU A 287 7.43 6.30 23.55
CA LEU A 287 7.31 6.13 24.99
C LEU A 287 6.61 4.86 25.27
N MET A 288 5.42 4.67 24.68
CA MET A 288 4.62 3.47 24.83
C MET A 288 5.45 2.23 24.66
N GLY A 289 6.30 2.23 23.63
CA GLY A 289 7.16 1.12 23.29
C GLY A 289 8.21 0.83 24.32
N LEU A 290 9.05 1.82 24.60
CA LEU A 290 10.16 1.74 25.55
C LEU A 290 9.74 1.51 26.98
N VAL A 291 8.43 1.49 27.24
CA VAL A 291 7.85 1.36 28.57
C VAL A 291 7.12 0.03 28.76
N SER A 292 6.42 -0.44 27.72
CA SER A 292 5.64 -1.67 27.75
C SER A 292 6.51 -2.87 28.18
N ASP A 293 5.88 -3.80 28.99
CA ASP A 293 6.43 -5.03 29.61
C ASP A 293 7.54 -5.64 28.74
N ASP A 294 7.12 -6.09 27.54
CA ASP A 294 7.93 -6.60 26.44
C ASP A 294 7.25 -6.26 25.18
N ASP A 295 8.03 -5.95 24.15
CA ASP A 295 7.57 -5.68 22.80
C ASP A 295 8.68 -6.09 21.79
N ASP A 296 8.66 -5.49 20.59
CA ASP A 296 9.56 -5.87 19.53
C ASP A 296 10.26 -4.65 18.90
N LYS A 297 11.10 -3.95 19.70
CA LYS A 297 11.99 -2.83 19.35
C LYS A 297 11.30 -1.55 18.85
N VAL A 298 11.95 -0.40 19.21
CA VAL A 298 11.63 1.02 18.96
C VAL A 298 12.72 1.58 18.05
N HIS A 299 12.32 2.29 16.99
CA HIS A 299 13.31 2.80 16.03
C HIS A 299 13.27 4.33 15.99
N LYS A 300 14.08 4.95 15.09
CA LYS A 300 14.19 6.41 14.93
C LYS A 300 12.83 7.09 15.00
N ILE A 301 12.74 8.16 15.79
CA ILE A 301 11.54 8.99 15.98
C ILE A 301 11.72 10.19 15.03
N SER A 302 10.75 10.46 14.14
CA SER A 302 10.90 11.55 13.17
C SER A 302 9.60 12.28 12.94
N ILE A 303 9.66 13.61 12.74
CA ILE A 303 8.44 14.38 12.47
C ILE A 303 8.06 14.26 11.00
N ILE A 304 9.05 13.98 10.12
CA ILE A 304 8.82 13.84 8.69
C ILE A 304 7.95 12.62 8.49
N PRO A 305 6.70 12.83 7.99
CA PRO A 305 5.76 11.71 7.84
C PRO A 305 6.16 10.73 6.74
N PRO A 317 -2.70 -3.87 8.09
CA PRO A 317 -1.36 -4.26 7.59
C PRO A 317 -0.40 -4.71 8.71
N ILE A 318 -0.93 -4.92 9.95
CA ILE A 318 -0.18 -5.32 11.17
C ILE A 318 0.15 -6.84 11.23
N GLU A 319 1.34 -7.15 11.86
CA GLU A 319 1.92 -8.43 12.31
C GLU A 319 2.29 -9.54 11.29
N ASP A 320 3.09 -10.52 11.82
CA ASP A 320 3.59 -11.76 11.18
C ASP A 320 3.05 -12.98 11.96
N LYS A 321 3.41 -14.24 11.54
CA LYS A 321 2.99 -15.50 12.20
C LYS A 321 3.41 -15.46 13.70
N HIS A 322 4.74 -15.66 13.98
CA HIS A 322 5.43 -15.56 15.28
C HIS A 322 4.86 -16.49 16.39
N ILE A 323 3.72 -16.11 17.03
CA ILE A 323 2.93 -16.65 18.16
C ILE A 323 2.98 -15.60 19.26
N TYR A 324 1.84 -14.99 19.63
CA TYR A 324 1.80 -13.96 20.67
C TYR A 324 0.90 -14.30 21.81
N ASP A 325 1.18 -13.84 23.05
CA ASP A 325 0.23 -14.10 24.13
C ASP A 325 -0.70 -12.88 24.30
N LYS A 326 -1.72 -12.99 25.16
CA LYS A 326 -2.70 -11.95 25.41
C LYS A 326 -1.99 -10.70 25.88
N LYS A 327 -1.02 -10.84 26.83
CA LYS A 327 -0.24 -9.72 27.38
C LYS A 327 0.49 -8.96 26.27
N ASP A 328 1.07 -9.65 25.28
CA ASP A 328 1.81 -9.04 24.18
C ASP A 328 0.91 -8.19 23.33
N LEU A 329 -0.26 -8.74 22.95
CA LEU A 329 -1.22 -8.04 22.09
C LEU A 329 -1.79 -6.82 22.79
N TYR A 330 -2.01 -6.88 24.11
CA TYR A 330 -2.47 -5.69 24.78
C TYR A 330 -1.42 -4.60 24.59
N ASN A 331 -0.12 -4.93 24.80
CA ASN A 331 0.97 -3.98 24.62
C ASN A 331 1.09 -3.51 23.17
N LYS A 332 0.74 -4.40 22.20
CA LYS A 332 0.78 -4.03 20.78
C LYS A 332 -0.26 -2.88 20.52
N ILE A 333 -1.45 -3.04 21.13
CA ILE A 333 -2.57 -2.11 21.11
C ILE A 333 -2.17 -0.83 21.86
N LEU A 334 -1.49 -1.00 23.01
CA LEU A 334 -1.05 0.13 23.85
C LEU A 334 -0.21 1.09 23.04
N VAL A 335 0.84 0.58 22.36
CA VAL A 335 1.72 1.34 21.48
C VAL A 335 0.92 1.97 20.34
N LEU A 336 0.00 1.22 19.77
CA LEU A 336 -0.81 1.75 18.69
C LEU A 336 -1.59 2.93 19.17
N LEU A 337 -2.04 2.89 20.43
CA LEU A 337 -2.82 3.98 21.00
C LEU A 337 -1.99 5.17 21.55
N GLY A 338 -0.70 4.96 21.83
CA GLY A 338 0.21 5.96 22.36
C GLY A 338 0.05 7.39 21.85
N GLY A 339 0.47 7.66 20.61
CA GLY A 339 0.34 8.95 19.93
C GLY A 339 -0.96 9.70 20.17
N ARG A 340 -2.12 9.05 19.98
CA ARG A 340 -3.43 9.67 20.23
C ARG A 340 -3.51 10.10 21.71
N ALA A 341 -3.12 9.22 22.65
CA ALA A 341 -3.09 9.52 24.06
C ALA A 341 -2.16 10.71 24.30
N ALA A 342 -1.01 10.75 23.60
CA ALA A 342 -0.04 11.84 23.72
C ALA A 342 -0.67 13.12 23.25
N GLU A 343 -1.45 13.07 22.15
CA GLU A 343 -2.19 14.20 21.59
C GLU A 343 -3.20 14.69 22.61
N GLU A 344 -3.98 13.76 23.19
CA GLU A 344 -5.04 14.07 24.16
C GLU A 344 -4.49 14.72 25.41
N VAL A 345 -3.32 14.22 25.86
CA VAL A 345 -2.65 14.69 27.08
C VAL A 345 -2.09 16.09 26.84
N PHE A 346 -1.46 16.31 25.69
CA PHE A 346 -0.82 17.58 25.36
C PHE A 346 -1.80 18.63 24.87
N PHE A 347 -2.68 18.33 23.94
CA PHE A 347 -3.56 19.34 23.40
C PHE A 347 -4.98 19.28 23.89
N GLY A 348 -5.34 18.22 24.56
CA GLY A 348 -6.71 18.11 25.06
C GLY A 348 -7.64 17.37 24.12
N LYS A 349 -8.89 17.17 24.58
CA LYS A 349 -9.90 16.45 23.81
C LYS A 349 -10.13 17.13 22.46
N ASP A 350 -10.29 18.47 22.44
CA ASP A 350 -10.48 19.23 21.20
C ASP A 350 -9.25 19.23 20.28
N GLY A 351 -8.11 18.83 20.84
CA GLY A 351 -6.83 18.88 20.14
C GLY A 351 -6.39 17.65 19.40
N ILE A 352 -7.08 16.51 19.60
CA ILE A 352 -6.78 15.23 18.96
C ILE A 352 -6.96 15.35 17.45
N THR A 353 -6.04 14.78 16.67
CA THR A 353 -6.06 14.93 15.22
C THR A 353 -6.42 13.69 14.40
N THR A 354 -6.56 13.89 13.08
CA THR A 354 -6.87 12.80 12.16
C THR A 354 -5.63 11.93 11.88
N GLY A 355 -4.57 12.19 12.60
CA GLY A 355 -3.34 11.43 12.48
C GLY A 355 -3.48 10.06 13.03
N ALA A 356 -4.20 9.90 14.13
CA ALA A 356 -4.43 8.59 14.73
C ALA A 356 -5.32 7.65 13.87
N GLU A 357 -5.73 8.06 12.66
CA GLU A 357 -6.61 7.26 11.81
C GLU A 357 -6.14 5.80 11.70
N ASN A 358 -4.94 5.50 11.14
CA ASN A 358 -4.57 4.08 11.01
C ASN A 358 -4.31 3.41 12.34
N ASP A 359 -3.63 4.07 13.30
CA ASP A 359 -3.40 3.54 14.63
C ASP A 359 -4.69 3.05 15.20
N LEU A 360 -5.72 3.94 15.25
CA LEU A 360 -7.02 3.61 15.83
C LEU A 360 -7.60 2.35 15.23
N GLN A 361 -7.64 2.31 13.88
CA GLN A 361 -8.10 1.18 13.10
C GLN A 361 -7.31 -0.06 13.44
N ARG A 362 -5.98 -0.03 13.25
CA ARG A 362 -5.07 -1.15 13.53
C ARG A 362 -5.31 -1.74 14.92
N ALA A 363 -5.41 -0.86 15.95
CA ALA A 363 -5.69 -1.24 17.33
C ALA A 363 -7.02 -1.97 17.47
N THR A 364 -8.11 -1.40 16.92
CA THR A 364 -9.42 -2.01 16.99
C THR A 364 -9.40 -3.38 16.33
N ASP A 365 -8.84 -3.49 15.11
CA ASP A 365 -8.80 -4.74 14.39
C ASP A 365 -8.07 -5.80 15.25
N LEU A 366 -6.96 -5.43 15.86
CA LEU A 366 -6.22 -6.33 16.75
C LEU A 366 -7.14 -6.78 17.88
N ALA A 367 -7.88 -5.83 18.49
CA ALA A 367 -8.85 -6.15 19.53
C ALA A 367 -9.98 -7.08 19.03
N TYR A 368 -10.52 -6.91 17.80
CA TYR A 368 -11.53 -7.84 17.34
C TYR A 368 -10.94 -9.24 17.15
N ARG A 369 -9.71 -9.33 16.58
CA ARG A 369 -9.03 -10.63 16.44
C ARG A 369 -8.84 -11.27 17.81
N MET A 370 -8.51 -10.46 18.80
CA MET A 370 -8.36 -10.97 20.14
C MET A 370 -9.68 -11.61 20.63
N VAL A 371 -10.81 -10.89 20.46
CA VAL A 371 -12.09 -11.35 20.98
C VAL A 371 -12.71 -12.48 20.13
N SER A 372 -13.03 -12.14 18.88
CA SER A 372 -13.74 -13.06 18.01
C SER A 372 -12.86 -14.17 17.38
N MET A 373 -11.57 -14.04 17.35
CA MET A 373 -10.79 -15.06 16.66
C MET A 373 -9.90 -15.91 17.50
N TRP A 374 -9.25 -15.35 18.50
CA TRP A 374 -8.30 -16.07 19.32
C TRP A 374 -8.86 -16.42 20.70
N GLY A 375 -10.17 -16.18 20.87
CA GLY A 375 -10.90 -16.41 22.10
C GLY A 375 -10.21 -15.91 23.36
N MET A 376 -9.65 -14.70 23.31
CA MET A 376 -8.95 -14.09 24.43
C MET A 376 -9.89 -13.18 25.25
N SER A 377 -11.22 -13.35 25.10
CA SER A 377 -12.20 -12.60 25.88
C SER A 377 -12.91 -13.55 26.78
N ASP A 378 -12.80 -13.34 28.08
CA ASP A 378 -13.45 -14.21 29.06
C ASP A 378 -14.96 -14.18 28.93
N LYS A 379 -15.52 -12.98 28.68
CA LYS A 379 -16.96 -12.82 28.53
C LYS A 379 -17.48 -13.58 27.30
N VAL A 380 -16.75 -13.53 26.18
CA VAL A 380 -17.12 -14.15 24.93
C VAL A 380 -16.69 -15.65 24.88
N GLY A 381 -15.73 -16.06 25.70
CA GLY A 381 -15.29 -17.45 25.73
C GLY A 381 -14.36 -17.85 24.60
N PRO A 382 -13.91 -19.11 24.56
CA PRO A 382 -13.00 -19.53 23.48
C PRO A 382 -13.73 -19.95 22.20
N ILE A 383 -14.79 -19.21 21.81
CA ILE A 383 -15.52 -19.52 20.59
C ILE A 383 -14.84 -18.73 19.48
N ALA A 384 -14.90 -19.19 18.25
CA ALA A 384 -14.22 -18.41 17.23
C ALA A 384 -15.13 -18.12 16.06
N ILE A 385 -15.49 -16.87 15.92
CA ILE A 385 -16.34 -16.38 14.87
C ILE A 385 -15.60 -16.28 13.53
N ARG A 386 -16.24 -16.92 12.55
CA ARG A 386 -15.87 -16.99 11.15
C ARG A 386 -17.18 -16.83 10.30
N ARG A 387 -17.48 -15.51 9.97
CA ARG A 387 -18.63 -14.92 9.24
C ARG A 387 -19.36 -15.89 8.31
N ASP A 401 -23.92 -14.81 9.52
CA ASP A 401 -24.79 -15.80 10.17
C ASP A 401 -24.59 -15.80 11.71
N THR A 402 -23.89 -14.79 12.24
CA THR A 402 -23.64 -14.64 13.67
C THR A 402 -24.78 -13.85 14.27
N SER A 403 -25.41 -14.41 15.33
CA SER A 403 -26.54 -13.83 16.07
C SER A 403 -26.23 -12.40 16.51
N PRO A 404 -27.23 -11.50 16.46
CA PRO A 404 -27.01 -10.08 16.83
C PRO A 404 -26.42 -9.88 18.23
N ASP A 405 -26.91 -10.67 19.22
CA ASP A 405 -26.48 -10.65 20.61
C ASP A 405 -25.02 -10.95 20.76
N LEU A 406 -24.52 -11.94 19.98
CA LEU A 406 -23.11 -12.31 20.04
C LEU A 406 -22.28 -11.18 19.47
N LEU A 407 -22.74 -10.56 18.36
CA LEU A 407 -22.02 -9.43 17.76
C LEU A 407 -21.87 -8.34 18.77
N ARG A 408 -22.97 -8.03 19.49
CA ARG A 408 -23.02 -7.04 20.57
C ARG A 408 -21.91 -7.35 21.58
N GLU A 409 -21.95 -8.57 22.15
CA GLU A 409 -20.97 -9.03 23.12
C GLU A 409 -19.55 -8.81 22.60
N ILE A 410 -19.28 -9.13 21.32
CA ILE A 410 -17.95 -8.99 20.70
C ILE A 410 -17.51 -7.53 20.71
N ASP A 411 -18.37 -6.66 20.21
CA ASP A 411 -18.15 -5.23 20.12
C ASP A 411 -17.92 -4.64 21.49
N GLU A 412 -18.81 -4.94 22.45
CA GLU A 412 -18.75 -4.42 23.83
C GLU A 412 -17.40 -4.76 24.49
N GLU A 413 -16.86 -5.95 24.20
CA GLU A 413 -15.57 -6.38 24.72
C GLU A 413 -14.45 -5.66 24.00
N VAL A 414 -14.58 -5.45 22.69
CA VAL A 414 -13.55 -4.73 21.94
C VAL A 414 -13.47 -3.28 22.53
N ARG A 415 -14.64 -2.63 22.76
CA ARG A 415 -14.60 -1.30 23.37
C ARG A 415 -13.92 -1.36 24.74
N ARG A 416 -14.21 -2.40 25.55
CA ARG A 416 -13.58 -2.60 26.86
C ARG A 416 -12.09 -2.66 26.75
N ILE A 417 -11.55 -3.47 25.81
CA ILE A 417 -10.09 -3.55 25.60
C ILE A 417 -9.53 -2.19 25.16
N ILE A 418 -10.09 -1.59 24.10
CA ILE A 418 -9.53 -0.36 23.55
C ILE A 418 -9.50 0.77 24.59
N THR A 419 -10.65 1.08 25.21
CA THR A 419 -10.72 2.11 26.24
C THR A 419 -9.77 1.81 27.39
N GLU A 420 -9.74 0.55 27.87
CA GLU A 420 -8.81 0.14 28.96
C GLU A 420 -7.36 0.49 28.65
N GLN A 421 -6.85 0.06 27.47
CA GLN A 421 -5.48 0.33 27.05
C GLN A 421 -5.28 1.81 26.81
N TYR A 422 -6.30 2.49 26.24
CA TYR A 422 -6.17 3.91 25.96
C TYR A 422 -6.03 4.68 27.26
N GLU A 423 -6.86 4.35 28.28
CA GLU A 423 -6.73 5.00 29.58
C GLU A 423 -5.31 4.79 30.15
N LYS A 424 -4.70 3.62 29.85
CA LYS A 424 -3.36 3.21 30.26
C LYS A 424 -2.30 4.06 29.55
N ALA A 425 -2.45 4.28 28.23
CA ALA A 425 -1.50 5.07 27.45
C ALA A 425 -1.51 6.52 27.93
N LYS A 426 -2.72 7.13 28.01
CA LYS A 426 -2.91 8.50 28.50
C LYS A 426 -2.13 8.72 29.84
N ALA A 427 -2.29 7.78 30.79
CA ALA A 427 -1.67 7.79 32.10
C ALA A 427 -0.13 7.81 32.05
N ILE A 428 0.48 7.09 31.06
CA ILE A 428 1.93 6.99 30.89
C ILE A 428 2.45 8.34 30.38
N VAL A 429 1.80 8.88 29.34
CA VAL A 429 2.14 10.18 28.76
C VAL A 429 1.99 11.24 29.82
N GLU A 430 0.95 11.14 30.65
CA GLU A 430 0.75 12.05 31.74
C GLU A 430 1.89 11.94 32.73
N GLU A 431 2.28 10.70 33.11
CA GLU A 431 3.39 10.45 34.06
C GLU A 431 4.69 11.01 33.55
N TYR A 432 4.97 10.80 32.28
CA TYR A 432 6.22 11.24 31.68
C TYR A 432 6.09 12.52 30.78
N LYS A 433 5.06 13.37 31.02
CA LYS A 433 4.83 14.62 30.28
C LYS A 433 6.09 15.47 30.22
N GLU A 434 6.85 15.56 31.34
CA GLU A 434 8.04 16.40 31.37
C GLU A 434 9.14 15.86 30.46
N PRO A 435 9.81 14.72 30.73
CA PRO A 435 10.84 14.28 29.78
C PRO A 435 10.35 14.26 28.33
N LEU A 436 9.04 14.00 28.07
CA LEU A 436 8.43 13.99 26.72
C LEU A 436 8.46 15.39 26.08
N LYS A 437 8.16 16.46 26.87
CA LYS A 437 8.18 17.81 26.34
C LYS A 437 9.54 18.05 25.77
N ALA A 438 10.56 17.53 26.49
CA ALA A 438 11.97 17.58 26.15
C ALA A 438 12.23 16.89 24.84
N VAL A 439 11.79 15.63 24.71
CA VAL A 439 11.91 14.91 23.46
C VAL A 439 11.30 15.78 22.37
N VAL A 440 9.99 16.15 22.49
CA VAL A 440 9.31 17.02 21.53
C VAL A 440 10.21 18.19 21.13
N LYS A 441 10.84 18.86 22.11
CA LYS A 441 11.70 20.00 21.78
C LYS A 441 12.87 19.61 20.88
N LYS A 442 13.59 18.52 21.24
CA LYS A 442 14.72 17.99 20.48
C LYS A 442 14.27 17.61 19.10
N LEU A 443 13.11 16.99 19.06
CA LEU A 443 12.49 16.48 17.87
C LEU A 443 12.09 17.62 16.92
N LEU A 444 11.63 18.77 17.46
CA LEU A 444 11.22 19.85 16.57
C LEU A 444 12.44 20.46 15.93
N GLU A 445 13.56 20.61 16.70
CA GLU A 445 14.76 21.24 16.16
C GLU A 445 15.53 20.30 15.22
N LYS A 446 15.83 19.06 15.66
CA LYS A 446 16.56 18.08 14.86
C LYS A 446 15.70 17.48 13.75
N GLU A 447 14.37 17.45 13.95
CA GLU A 447 13.32 16.86 13.10
C GLU A 447 13.30 15.34 13.22
N THR A 448 14.45 14.72 13.43
CA THR A 448 14.56 13.28 13.66
C THR A 448 15.53 13.02 14.80
N ILE A 449 15.14 12.14 15.74
CA ILE A 449 16.02 11.73 16.82
C ILE A 449 16.03 10.22 16.82
N THR A 450 17.12 9.61 17.29
CA THR A 450 17.22 8.14 17.33
C THR A 450 16.52 7.63 18.57
N CYS A 451 16.38 6.31 18.73
CA CYS A 451 15.79 5.75 19.94
C CYS A 451 16.70 6.07 21.13
N GLU A 452 18.01 5.86 20.92
CA GLU A 452 19.04 6.13 21.88
C GLU A 452 18.98 7.58 22.36
N GLU A 453 18.70 8.55 21.45
CA GLU A 453 18.61 10.00 21.78
C GLU A 453 17.44 10.26 22.73
N PHE A 454 16.31 9.56 22.50
CA PHE A 454 15.09 9.59 23.31
C PHE A 454 15.43 9.11 24.71
N VAL A 455 15.95 7.85 24.81
CA VAL A 455 16.37 7.20 26.05
C VAL A 455 17.22 8.16 26.87
N GLU A 456 18.22 8.73 26.21
CA GLU A 456 19.15 9.70 26.72
C GLU A 456 18.40 10.85 27.40
N VAL A 457 17.45 11.49 26.65
CA VAL A 457 16.65 12.62 27.14
C VAL A 457 15.95 12.18 28.43
N PHE A 458 15.48 10.91 28.47
CA PHE A 458 14.81 10.38 29.64
C PHE A 458 15.79 10.20 30.78
N LYS A 459 16.94 9.55 30.52
CA LYS A 459 17.99 9.36 31.51
C LYS A 459 18.28 10.67 32.24
N LEU A 460 18.17 11.83 31.55
CA LEU A 460 18.41 13.16 32.09
C LEU A 460 17.45 13.53 33.23
N TYR A 461 16.18 13.16 33.04
CA TYR A 461 15.06 13.32 33.96
C TYR A 461 15.04 12.12 34.95
N GLY A 462 16.14 11.35 34.94
CA GLY A 462 16.42 10.20 35.80
C GLY A 462 15.40 9.14 35.70
N ILE A 463 15.13 8.71 34.46
CA ILE A 463 14.10 7.74 34.12
C ILE A 463 14.70 6.66 33.21
N GLU A 464 14.72 5.45 33.76
CA GLU A 464 15.18 4.25 33.09
C GLU A 464 14.05 3.67 32.33
N LEU A 465 14.28 3.39 31.05
CA LEU A 465 13.28 2.74 30.19
C LEU A 465 13.77 1.35 29.87
N LYS A 466 12.97 0.57 29.17
CA LYS A 466 13.34 -0.80 28.79
C LYS A 466 14.39 -0.75 27.65
N ASP A 467 15.32 -1.74 27.56
CA ASP A 467 16.31 -1.70 26.48
C ASP A 467 15.70 -2.27 25.21
N LYS A 468 14.94 -1.42 24.49
CA LYS A 468 14.19 -1.76 23.29
C LYS A 468 14.66 -1.00 22.04
N CYS A 469 15.89 -0.52 22.00
CA CYS A 469 16.39 0.19 20.83
C CYS A 469 16.87 -0.80 19.76
N LYS A 470 16.64 -0.47 18.48
CA LYS A 470 17.07 -1.30 17.34
C LYS A 470 18.58 -1.09 17.08
N LYS A 471 19.26 -2.11 16.49
CA LYS A 471 20.69 -2.02 16.20
C LYS A 471 20.98 -2.28 14.72
N ALA B 5 -9.48 14.24 -34.63
CA ALA B 5 -9.06 13.21 -35.58
C ALA B 5 -8.77 13.82 -36.95
N LYS B 6 -9.56 14.84 -37.36
CA LYS B 6 -9.43 15.59 -38.62
C LYS B 6 -10.23 16.92 -38.56
N VAL B 7 -9.78 17.88 -37.71
CA VAL B 7 -10.40 19.21 -37.52
C VAL B 7 -9.30 20.31 -37.54
N TYR B 8 -8.11 19.99 -37.00
CA TYR B 8 -6.87 20.77 -36.81
C TYR B 8 -6.73 21.99 -37.75
N ILE B 9 -6.56 23.16 -37.12
CA ILE B 9 -6.41 24.51 -37.69
C ILE B 9 -5.03 25.05 -37.31
N GLU B 10 -4.36 25.89 -38.13
CA GLU B 10 -3.07 26.51 -37.76
C GLU B 10 -3.04 27.97 -38.20
N GLU B 11 -4.07 28.71 -37.79
CA GLU B 11 -4.25 30.11 -38.13
C GLU B 11 -3.43 31.06 -37.26
N LYS B 12 -3.12 32.24 -37.82
CA LYS B 12 -2.49 33.37 -37.13
C LYS B 12 -3.68 34.24 -36.72
N PRO B 13 -4.12 34.15 -35.45
CA PRO B 13 -5.37 34.82 -35.05
C PRO B 13 -5.39 36.35 -35.15
N LYS B 14 -6.60 36.87 -35.37
CA LYS B 14 -6.96 38.29 -35.43
C LYS B 14 -7.65 38.66 -34.12
N VAL B 15 -8.21 37.63 -33.41
CA VAL B 15 -8.89 37.73 -32.11
C VAL B 15 -7.84 37.68 -31.00
N THR B 16 -7.71 38.77 -30.24
CA THR B 16 -6.73 38.92 -29.16
C THR B 16 -7.46 39.08 -27.81
N PHE B 17 -6.90 39.89 -26.89
CA PHE B 17 -7.43 40.19 -25.56
C PHE B 17 -8.55 41.26 -25.63
N LYS B 18 -8.78 41.82 -26.83
CA LYS B 18 -9.82 42.83 -27.10
C LYS B 18 -11.18 42.18 -27.31
N ASP B 19 -11.20 41.00 -27.96
CA ASP B 19 -12.41 40.22 -28.26
C ASP B 19 -12.90 39.41 -27.06
N VAL B 20 -12.06 39.28 -26.00
CA VAL B 20 -12.39 38.57 -24.76
C VAL B 20 -12.47 39.59 -23.62
N ALA B 21 -13.55 39.54 -22.81
CA ALA B 21 -13.77 40.46 -21.70
C ALA B 21 -14.64 39.82 -20.61
N GLY B 22 -14.40 40.22 -19.37
CA GLY B 22 -15.13 39.73 -18.21
C GLY B 22 -14.33 38.83 -17.29
N ILE B 23 -13.43 38.01 -17.85
CA ILE B 23 -12.60 37.08 -17.10
C ILE B 23 -11.16 37.67 -16.93
N GLU B 24 -11.07 38.87 -16.30
CA GLU B 24 -9.83 39.62 -16.08
C GLU B 24 -8.85 38.88 -15.15
N GLU B 25 -9.36 38.12 -14.17
CA GLU B 25 -8.54 37.34 -13.23
C GLU B 25 -7.91 36.14 -13.94
N VAL B 26 -8.65 35.56 -14.91
CA VAL B 26 -8.23 34.42 -15.74
C VAL B 26 -7.18 34.94 -16.75
N LYS B 27 -7.33 36.22 -17.21
CA LYS B 27 -6.42 36.90 -18.13
C LYS B 27 -5.02 37.11 -17.55
N GLU B 28 -4.94 37.32 -16.22
CA GLU B 28 -3.68 37.56 -15.50
C GLU B 28 -2.82 36.29 -15.35
N GLU B 29 -3.45 35.10 -15.39
CA GLU B 29 -2.77 33.81 -15.26
C GLU B 29 -2.33 33.22 -16.60
N VAL B 30 -2.80 33.79 -17.73
CA VAL B 30 -2.44 33.32 -19.09
C VAL B 30 -1.40 34.25 -19.75
N LYS B 31 -0.99 35.34 -19.08
CA LYS B 31 -0.02 36.30 -19.58
C LYS B 31 1.42 35.75 -19.56
N GLU B 32 1.71 34.79 -18.67
CA GLU B 32 3.04 34.15 -18.57
C GLU B 32 3.28 33.21 -19.76
N ILE B 33 2.18 32.72 -20.37
CA ILE B 33 2.19 31.87 -21.56
C ILE B 33 2.38 32.77 -22.80
N ILE B 34 1.79 34.00 -22.77
CA ILE B 34 1.87 35.02 -23.83
C ILE B 34 3.34 35.49 -23.97
N GLU B 35 4.04 35.71 -22.84
CA GLU B 35 5.44 36.12 -22.80
C GLU B 35 6.36 34.95 -23.22
N TYR B 36 5.86 33.70 -23.10
CA TYR B 36 6.58 32.47 -23.45
C TYR B 36 6.52 32.17 -24.96
N LEU B 37 5.32 32.28 -25.59
CA LEU B 37 5.15 32.00 -27.03
C LEU B 37 5.74 33.11 -27.91
N LYS B 38 5.87 34.34 -27.35
CA LYS B 38 6.46 35.52 -28.02
C LYS B 38 7.98 35.32 -28.23
N ASP B 39 8.70 34.92 -27.16
CA ASP B 39 10.14 34.67 -27.19
C ASP B 39 10.50 33.47 -26.27
N PRO B 40 10.46 32.22 -26.79
CA PRO B 40 10.80 31.05 -25.96
C PRO B 40 12.31 30.93 -25.71
N VAL B 41 13.14 31.53 -26.59
CA VAL B 41 14.61 31.55 -26.50
C VAL B 41 15.05 32.36 -25.25
N LYS B 42 14.18 33.27 -24.76
CA LYS B 42 14.37 34.10 -23.57
C LYS B 42 14.10 33.25 -22.30
N PHE B 43 13.19 32.25 -22.41
CA PHE B 43 12.79 31.32 -21.37
C PHE B 43 13.73 30.11 -21.30
N GLN B 44 14.36 29.75 -22.44
CA GLN B 44 15.31 28.63 -22.57
C GLN B 44 16.67 28.99 -21.99
N LYS B 45 17.28 30.10 -22.47
CA LYS B 45 18.61 30.59 -22.07
C LYS B 45 18.69 30.99 -20.59
N LEU B 46 17.54 31.35 -19.97
CA LEU B 46 17.46 31.74 -18.55
C LEU B 46 17.54 30.50 -17.64
N GLY B 47 16.85 29.42 -18.00
CA GLY B 47 16.84 28.16 -17.26
C GLY B 47 15.51 27.71 -16.69
N GLY B 48 14.45 28.49 -16.95
CA GLY B 48 13.10 28.22 -16.47
C GLY B 48 12.39 27.07 -17.15
N ARG B 49 11.25 26.63 -16.57
CA ARG B 49 10.45 25.53 -17.11
C ARG B 49 8.96 25.91 -17.23
N PRO B 50 8.39 25.88 -18.47
CA PRO B 50 6.96 26.24 -18.63
C PRO B 50 6.00 25.05 -18.44
N PRO B 51 4.67 25.27 -18.25
CA PRO B 51 3.77 24.12 -18.12
C PRO B 51 3.61 23.39 -19.46
N LYS B 52 3.78 22.06 -19.45
CA LYS B 52 3.66 21.21 -20.64
C LYS B 52 2.20 21.08 -21.11
N GLY B 53 1.27 21.57 -20.29
CA GLY B 53 -0.16 21.58 -20.56
C GLY B 53 -0.93 22.43 -19.56
N VAL B 54 -1.87 23.24 -20.07
CA VAL B 54 -2.72 24.14 -19.26
C VAL B 54 -4.20 23.77 -19.50
N LEU B 55 -4.92 23.42 -18.42
CA LEU B 55 -6.32 23.01 -18.45
C LEU B 55 -7.28 24.22 -18.44
N LEU B 56 -8.34 24.14 -19.28
CA LEU B 56 -9.40 25.14 -19.45
C LEU B 56 -10.77 24.47 -19.25
N TYR B 57 -11.17 24.25 -17.98
CA TYR B 57 -12.41 23.58 -17.61
C TYR B 57 -13.49 24.56 -17.15
N GLY B 58 -14.75 24.17 -17.37
CA GLY B 58 -15.94 24.94 -17.02
C GLY B 58 -17.19 24.48 -17.75
N GLU B 59 -18.28 25.23 -17.56
CA GLU B 59 -19.60 24.99 -18.16
C GLU B 59 -19.57 25.13 -19.69
N PRO B 60 -20.47 24.46 -20.46
CA PRO B 60 -20.43 24.59 -21.92
C PRO B 60 -20.75 26.01 -22.42
N GLY B 61 -19.75 26.62 -23.06
CA GLY B 61 -19.84 27.96 -23.64
C GLY B 61 -19.35 29.11 -22.78
N VAL B 62 -18.45 28.85 -21.83
CA VAL B 62 -17.90 29.89 -20.92
C VAL B 62 -16.81 30.76 -21.60
N GLY B 63 -16.37 30.35 -22.79
CA GLY B 63 -15.35 31.05 -23.57
C GLY B 63 -14.01 30.34 -23.55
N LYS B 64 -14.05 28.99 -23.54
CA LYS B 64 -12.88 28.10 -23.52
C LYS B 64 -12.04 28.27 -24.79
N THR B 65 -12.68 28.18 -25.97
CA THR B 65 -12.05 28.30 -27.29
C THR B 65 -11.48 29.71 -27.50
N LEU B 66 -12.27 30.75 -27.14
CA LEU B 66 -11.91 32.15 -27.30
C LEU B 66 -10.70 32.57 -26.46
N LEU B 67 -10.50 31.95 -25.26
CA LEU B 67 -9.35 32.25 -24.41
C LEU B 67 -8.07 31.71 -25.04
N ALA B 68 -8.12 30.49 -25.59
CA ALA B 68 -7.01 29.82 -26.26
C ALA B 68 -6.60 30.59 -27.54
N LYS B 69 -7.59 31.21 -28.23
CA LYS B 69 -7.40 32.02 -29.44
C LYS B 69 -6.76 33.39 -29.12
N ALA B 70 -6.99 33.90 -27.89
CA ALA B 70 -6.46 35.17 -27.40
C ALA B 70 -4.99 35.07 -27.00
N ILE B 71 -4.56 33.92 -26.42
CA ILE B 71 -3.17 33.65 -25.99
C ILE B 71 -2.26 33.56 -27.24
N ALA B 72 -2.71 32.84 -28.28
CA ALA B 72 -1.99 32.70 -29.54
C ALA B 72 -2.03 34.01 -30.34
N GLY B 73 -3.14 34.74 -30.25
CA GLY B 73 -3.36 36.02 -30.91
C GLY B 73 -2.50 37.15 -30.39
N GLU B 74 -2.47 37.32 -29.06
CA GLU B 74 -1.69 38.37 -28.37
C GLU B 74 -0.17 38.15 -28.49
N ALA B 75 0.27 36.87 -28.56
CA ALA B 75 1.69 36.50 -28.68
C ALA B 75 2.19 36.47 -30.13
N HIS B 76 1.26 36.63 -31.11
CA HIS B 76 1.50 36.60 -32.57
C HIS B 76 2.10 35.23 -32.95
N VAL B 77 1.43 34.15 -32.49
CA VAL B 77 1.84 32.75 -32.68
C VAL B 77 0.64 31.92 -33.24
N PRO B 78 0.88 30.84 -34.04
CA PRO B 78 -0.24 30.06 -34.61
C PRO B 78 -1.13 29.36 -33.58
N PHE B 79 -2.38 29.03 -33.97
CA PHE B 79 -3.37 28.37 -33.12
C PHE B 79 -3.93 27.09 -33.79
N ILE B 80 -3.68 25.91 -33.17
CA ILE B 80 -4.15 24.59 -33.62
C ILE B 80 -5.41 24.23 -32.83
N SER B 81 -6.47 23.71 -33.50
CA SER B 81 -7.71 23.37 -32.81
C SER B 81 -8.38 22.13 -33.39
N VAL B 82 -8.82 21.22 -32.50
CA VAL B 82 -9.48 19.95 -32.84
C VAL B 82 -10.42 19.53 -31.65
N SER B 83 -11.40 18.64 -31.90
CA SER B 83 -12.33 18.14 -30.88
C SER B 83 -11.93 16.74 -30.37
N GLY B 84 -12.34 16.43 -29.14
CA GLY B 84 -12.06 15.15 -28.49
C GLY B 84 -13.10 14.07 -28.75
N SER B 85 -14.22 14.45 -29.40
CA SER B 85 -15.33 13.56 -29.78
C SER B 85 -15.09 12.96 -31.19
N ASP B 86 -13.95 13.34 -31.81
CA ASP B 86 -13.51 12.89 -33.14
C ASP B 86 -12.82 11.52 -33.09
N PHE B 87 -11.88 11.33 -32.13
CA PHE B 87 -11.13 10.08 -31.96
C PHE B 87 -12.00 9.03 -31.23
N VAL B 88 -12.75 8.25 -32.02
CA VAL B 88 -13.61 7.15 -31.55
C VAL B 88 -13.22 5.88 -32.33
N GLU B 89 -13.01 4.76 -31.61
CA GLU B 89 -12.61 3.47 -32.20
C GLU B 89 -13.69 2.95 -33.17
N MET B 90 -13.27 2.75 -34.44
CA MET B 90 -14.05 2.25 -35.57
C MET B 90 -13.18 1.22 -36.29
N PHE B 91 -13.32 -0.08 -35.90
CA PHE B 91 -12.54 -1.24 -36.34
C PHE B 91 -11.14 -1.12 -35.70
N VAL B 92 -11.05 -1.49 -34.40
CA VAL B 92 -9.86 -1.46 -33.54
C VAL B 92 -9.32 0.00 -33.47
N GLY B 93 -8.46 0.40 -34.41
CA GLY B 93 -7.97 1.78 -34.47
C GLY B 93 -6.47 2.03 -34.49
N VAL B 94 -6.11 3.24 -34.93
CA VAL B 94 -4.76 3.80 -35.03
C VAL B 94 -4.84 5.27 -34.47
N GLY B 95 -5.40 5.38 -33.27
CA GLY B 95 -5.59 6.63 -32.54
C GLY B 95 -4.33 7.18 -31.89
N ALA B 96 -3.41 6.28 -31.48
CA ALA B 96 -2.13 6.62 -30.83
C ALA B 96 -1.13 7.25 -31.82
N ALA B 97 -1.02 6.69 -33.05
CA ALA B 97 -0.12 7.17 -34.11
C ALA B 97 -0.42 8.64 -34.49
N ARG B 98 -1.66 9.11 -34.23
CA ARG B 98 -2.10 10.48 -34.50
C ARG B 98 -1.30 11.46 -33.62
N VAL B 99 -1.42 11.34 -32.27
CA VAL B 99 -0.78 12.16 -31.21
C VAL B 99 0.72 12.39 -31.49
N ARG B 100 1.41 11.36 -32.03
CA ARG B 100 2.82 11.37 -32.39
C ARG B 100 3.14 12.46 -33.43
N ASP B 101 2.22 12.69 -34.40
CA ASP B 101 2.37 13.65 -35.50
C ASP B 101 1.98 15.10 -35.12
N LEU B 102 1.26 15.28 -33.98
CA LEU B 102 0.83 16.60 -33.49
C LEU B 102 2.04 17.44 -33.05
N PHE B 103 2.91 16.86 -32.22
CA PHE B 103 4.12 17.47 -31.66
C PHE B 103 5.22 17.59 -32.73
N GLU B 104 5.21 16.72 -33.75
CA GLU B 104 6.18 16.72 -34.85
C GLU B 104 5.95 17.93 -35.78
N THR B 105 4.66 18.27 -36.06
CA THR B 105 4.27 19.41 -36.89
C THR B 105 4.44 20.70 -36.08
N ALA B 106 4.31 20.60 -34.74
CA ALA B 106 4.46 21.71 -33.79
C ALA B 106 5.92 22.17 -33.74
N LYS B 107 6.87 21.23 -33.86
CA LYS B 107 8.31 21.50 -33.85
C LYS B 107 8.77 22.10 -35.20
N LYS B 108 8.02 21.80 -36.29
CA LYS B 108 8.26 22.32 -37.65
C LYS B 108 7.79 23.78 -37.75
N HIS B 109 6.70 24.12 -37.02
CA HIS B 109 6.10 25.45 -36.96
C HIS B 109 6.30 26.11 -35.57
N ALA B 110 7.45 25.80 -34.92
CA ALA B 110 7.81 26.31 -33.60
C ALA B 110 8.29 27.77 -33.65
N PRO B 111 7.81 28.68 -32.77
CA PRO B 111 6.82 28.47 -31.69
C PRO B 111 5.37 28.52 -32.17
N CYS B 112 4.48 27.74 -31.51
CA CYS B 112 3.04 27.66 -31.80
C CYS B 112 2.26 27.08 -30.61
N MET B 113 0.93 27.23 -30.64
CA MET B 113 0.00 26.75 -29.61
C MET B 113 -0.92 25.66 -30.17
N ILE B 114 -1.34 24.70 -29.31
CA ILE B 114 -2.24 23.58 -29.66
C ILE B 114 -3.47 23.65 -28.72
N PHE B 115 -4.66 23.28 -29.22
CA PHE B 115 -5.91 23.27 -28.43
C PHE B 115 -6.82 22.10 -28.82
N ILE B 116 -7.44 21.43 -27.81
CA ILE B 116 -8.37 20.30 -28.00
C ILE B 116 -9.55 20.41 -27.01
N ASP B 117 -10.74 20.78 -27.50
CA ASP B 117 -11.94 20.87 -26.65
C ASP B 117 -12.66 19.51 -26.62
N GLU B 118 -13.42 19.23 -25.53
CA GLU B 118 -14.20 18.01 -25.27
C GLU B 118 -13.34 16.71 -25.33
N ILE B 119 -12.09 16.78 -24.84
CA ILE B 119 -11.11 15.68 -24.78
C ILE B 119 -11.55 14.63 -23.71
N ASP B 120 -12.73 14.84 -23.08
CA ASP B 120 -13.33 13.97 -22.07
C ASP B 120 -14.01 12.73 -22.68
N ALA B 121 -14.31 12.76 -24.00
CA ALA B 121 -14.94 11.65 -24.75
C ALA B 121 -13.90 10.57 -25.12
N VAL B 122 -12.72 11.01 -25.61
CA VAL B 122 -11.59 10.14 -25.96
C VAL B 122 -10.89 9.69 -24.66
N GLY B 123 -10.82 10.58 -23.67
CA GLY B 123 -10.21 10.35 -22.37
C GLY B 123 -11.22 10.32 -21.24
N ARG B 124 -11.77 9.13 -20.94
CA ARG B 124 -12.77 8.92 -19.89
C ARG B 124 -12.22 8.04 -18.78
N ASP B 136 -7.76 -2.77 -23.62
CA ASP B 136 -8.24 -1.40 -23.52
C ASP B 136 -7.64 -0.53 -24.65
N GLU B 137 -8.42 -0.30 -25.73
CA GLU B 137 -7.98 0.51 -26.88
C GLU B 137 -8.01 2.01 -26.54
N ARG B 138 -9.04 2.44 -25.77
CA ARG B 138 -9.24 3.82 -25.31
C ARG B 138 -8.02 4.31 -24.48
N GLU B 139 -7.49 3.43 -23.60
CA GLU B 139 -6.34 3.70 -22.72
C GLU B 139 -5.01 3.77 -23.48
N GLN B 140 -4.87 3.06 -24.64
CA GLN B 140 -3.64 3.04 -25.44
C GLN B 140 -3.40 4.37 -26.18
N THR B 141 -4.48 5.06 -26.57
CA THR B 141 -4.44 6.38 -27.21
C THR B 141 -4.19 7.43 -26.10
N LEU B 142 -4.81 7.21 -24.91
CA LEU B 142 -4.72 8.03 -23.70
C LEU B 142 -3.28 8.07 -23.17
N ASN B 143 -2.66 6.88 -23.02
CA ASN B 143 -1.29 6.70 -22.52
C ASN B 143 -0.24 7.24 -23.51
N GLN B 144 -0.56 7.27 -24.83
CA GLN B 144 0.31 7.81 -25.87
C GLN B 144 0.47 9.33 -25.68
N LEU B 145 -0.64 10.03 -25.38
CA LEU B 145 -0.69 11.48 -25.13
C LEU B 145 0.13 11.84 -23.86
N LEU B 146 0.14 10.95 -22.84
CA LEU B 146 0.88 11.11 -21.59
C LEU B 146 2.40 11.14 -21.84
N VAL B 147 2.92 10.19 -22.64
CA VAL B 147 4.33 10.03 -23.00
C VAL B 147 4.77 11.21 -23.90
N GLU B 148 3.90 11.62 -24.86
CA GLU B 148 4.12 12.73 -25.80
C GLU B 148 4.31 14.09 -25.09
N MET B 149 3.82 14.21 -23.83
CA MET B 149 3.95 15.40 -23.00
C MET B 149 5.28 15.39 -22.22
N ASP B 150 5.62 14.22 -21.61
CA ASP B 150 6.87 14.02 -20.84
C ASP B 150 8.14 14.02 -21.73
N GLY B 151 7.98 13.65 -23.00
CA GLY B 151 9.06 13.57 -23.98
C GLY B 151 9.60 14.91 -24.44
N PHE B 152 8.72 15.78 -24.99
CA PHE B 152 9.09 17.11 -25.49
C PHE B 152 9.44 18.04 -24.31
N ASP B 153 10.40 18.95 -24.50
CA ASP B 153 10.85 19.87 -23.45
C ASP B 153 10.65 21.35 -23.82
N THR B 154 11.22 22.27 -22.99
CA THR B 154 11.14 23.74 -23.13
C THR B 154 11.73 24.25 -24.46
N SER B 155 12.78 23.57 -24.98
CA SER B 155 13.50 23.92 -26.22
C SER B 155 12.59 23.95 -27.46
N ASP B 156 11.50 23.15 -27.46
CA ASP B 156 10.54 23.04 -28.55
C ASP B 156 9.68 24.31 -28.71
N GLY B 157 9.52 25.08 -27.63
CA GLY B 157 8.77 26.33 -27.59
C GLY B 157 7.29 26.23 -27.89
N ILE B 158 6.68 25.05 -27.64
CA ILE B 158 5.26 24.80 -27.90
C ILE B 158 4.51 24.45 -26.59
N ILE B 159 3.21 24.78 -26.52
CA ILE B 159 2.33 24.46 -25.39
C ILE B 159 1.01 23.89 -25.91
N VAL B 160 0.36 23.07 -25.07
CA VAL B 160 -0.91 22.41 -25.37
C VAL B 160 -1.98 22.86 -24.36
N ILE B 161 -3.23 23.08 -24.83
CA ILE B 161 -4.38 23.46 -24.01
C ILE B 161 -5.55 22.53 -24.36
N ALA B 162 -6.04 21.76 -23.39
CA ALA B 162 -7.14 20.83 -23.63
C ALA B 162 -8.37 21.17 -22.78
N ALA B 163 -9.47 21.62 -23.43
CA ALA B 163 -10.71 22.01 -22.76
C ALA B 163 -11.69 20.85 -22.61
N THR B 164 -12.73 21.03 -21.78
CA THR B 164 -13.76 20.03 -21.46
C THR B 164 -15.08 20.67 -20.97
N ASN B 165 -16.21 19.93 -21.13
CA ASN B 165 -17.54 20.36 -20.66
C ASN B 165 -17.78 19.86 -19.23
N ARG B 166 -17.06 18.79 -18.83
CA ARG B 166 -17.10 18.18 -17.49
C ARG B 166 -15.67 17.86 -17.00
N PRO B 167 -15.23 18.37 -15.83
CA PRO B 167 -13.85 18.07 -15.38
C PRO B 167 -13.73 16.75 -14.60
N ASP B 168 -14.86 16.28 -14.03
CA ASP B 168 -15.00 15.08 -13.21
C ASP B 168 -14.94 13.78 -14.03
N ILE B 169 -15.15 13.83 -15.37
CA ILE B 169 -15.18 12.63 -16.21
C ILE B 169 -13.84 12.41 -17.00
N LEU B 170 -12.87 13.34 -16.91
CA LEU B 170 -11.56 13.15 -17.57
C LEU B 170 -10.66 12.25 -16.69
N ASP B 171 -9.61 11.63 -17.29
CA ASP B 171 -8.69 10.72 -16.59
C ASP B 171 -7.78 11.46 -15.57
N PRO B 172 -7.61 10.93 -14.33
CA PRO B 172 -6.77 11.61 -13.33
C PRO B 172 -5.29 11.73 -13.72
N ALA B 173 -4.80 10.83 -14.62
CA ALA B 173 -3.42 10.81 -15.13
C ALA B 173 -3.13 12.01 -16.03
N LEU B 174 -4.18 12.64 -16.59
CA LEU B 174 -4.06 13.82 -17.44
C LEU B 174 -4.03 15.10 -16.58
N LEU B 175 -3.56 14.97 -15.31
CA LEU B 175 -3.48 16.06 -14.34
C LEU B 175 -2.15 16.04 -13.52
N ARG B 176 -1.32 14.97 -13.67
CA ARG B 176 -0.04 14.83 -12.96
C ARG B 176 1.03 15.80 -13.52
N PRO B 177 2.09 16.20 -12.74
CA PRO B 177 3.10 17.15 -13.29
C PRO B 177 3.79 16.63 -14.54
N GLY B 178 3.93 17.51 -15.54
CA GLY B 178 4.50 17.19 -16.84
C GLY B 178 3.44 16.75 -17.83
N ARG B 179 2.28 16.32 -17.30
CA ARG B 179 1.10 15.85 -18.04
C ARG B 179 -0.12 16.68 -17.56
N PHE B 180 -0.08 18.01 -17.86
CA PHE B 180 -1.06 19.06 -17.50
C PHE B 180 -1.04 19.29 -15.98
N ASP B 181 -0.15 20.19 -15.53
CA ASP B 181 0.04 20.54 -14.12
C ASP B 181 -0.68 21.84 -13.72
N ARG B 182 -1.03 22.71 -14.69
CA ARG B 182 -1.72 23.99 -14.47
C ARG B 182 -3.24 23.84 -14.66
N GLN B 183 -4.03 24.34 -13.68
CA GLN B 183 -5.50 24.28 -13.70
C GLN B 183 -6.10 25.68 -13.60
N ILE B 184 -6.88 26.10 -14.62
CA ILE B 184 -7.54 27.41 -14.70
C ILE B 184 -9.05 27.22 -14.93
N PHE B 185 -9.88 27.89 -14.10
CA PHE B 185 -11.34 27.81 -14.21
C PHE B 185 -11.93 29.09 -14.80
N ILE B 186 -12.73 28.92 -15.87
CA ILE B 186 -13.43 30.01 -16.56
C ILE B 186 -14.88 30.01 -16.07
N PRO B 187 -15.30 31.01 -15.27
CA PRO B 187 -16.67 30.99 -14.72
C PRO B 187 -17.70 31.64 -15.63
N LYS B 188 -19.01 31.38 -15.38
CA LYS B 188 -20.12 32.02 -16.09
C LYS B 188 -20.07 33.53 -15.78
N PRO B 189 -20.25 34.42 -16.78
CA PRO B 189 -20.09 35.86 -16.52
C PRO B 189 -21.11 36.45 -15.53
N ASP B 190 -20.66 37.47 -14.77
CA ASP B 190 -21.44 38.20 -13.77
C ASP B 190 -22.09 39.44 -14.44
N VAL B 191 -22.37 40.52 -13.67
CA VAL B 191 -22.99 41.74 -14.21
C VAL B 191 -21.94 42.52 -15.06
N ARG B 192 -20.76 42.82 -14.47
CA ARG B 192 -19.66 43.51 -15.16
C ARG B 192 -19.05 42.61 -16.24
N GLY B 193 -19.13 41.29 -16.01
CA GLY B 193 -18.64 40.27 -16.93
C GLY B 193 -19.48 40.16 -18.20
N ARG B 194 -20.81 40.34 -18.08
CA ARG B 194 -21.74 40.31 -19.21
C ARG B 194 -21.82 41.65 -19.92
N TYR B 195 -21.71 42.78 -19.18
CA TYR B 195 -21.74 44.13 -19.74
C TYR B 195 -20.58 44.32 -20.73
N GLU B 196 -19.41 43.73 -20.43
CA GLU B 196 -18.22 43.76 -21.26
C GLU B 196 -18.37 42.80 -22.46
N ILE B 197 -19.18 41.72 -22.29
CA ILE B 197 -19.50 40.73 -23.34
C ILE B 197 -20.53 41.36 -24.30
N LEU B 198 -21.45 42.20 -23.76
CA LEU B 198 -22.49 42.95 -24.48
C LEU B 198 -21.91 44.16 -25.26
N LYS B 199 -20.60 44.46 -25.05
CA LYS B 199 -19.85 45.53 -25.71
C LYS B 199 -18.92 44.95 -26.79
N VAL B 200 -18.62 43.63 -26.70
CA VAL B 200 -17.75 42.89 -27.63
C VAL B 200 -18.50 42.57 -28.94
N HIS B 201 -19.72 42.00 -28.84
CA HIS B 201 -20.54 41.60 -29.99
C HIS B 201 -21.36 42.79 -30.57
N ALA B 202 -21.38 43.94 -29.86
CA ALA B 202 -22.10 45.16 -30.27
C ALA B 202 -21.24 46.10 -31.15
N ARG B 203 -19.92 45.85 -31.25
CA ARG B 203 -19.00 46.64 -32.09
C ARG B 203 -19.30 46.44 -33.58
N ASN B 204 -19.72 45.21 -33.94
CA ASN B 204 -20.06 44.81 -35.31
C ASN B 204 -21.47 45.30 -35.71
N LYS B 205 -22.48 45.04 -34.87
CA LYS B 205 -23.89 45.39 -35.12
C LYS B 205 -24.21 46.85 -34.79
N LYS B 206 -25.29 47.38 -35.41
CA LYS B 206 -25.78 48.76 -35.22
C LYS B 206 -26.87 48.79 -34.15
N LEU B 207 -26.65 49.54 -33.05
CA LEU B 207 -27.62 49.64 -31.95
C LEU B 207 -28.25 51.03 -31.88
N ALA B 208 -29.50 51.09 -31.37
CA ALA B 208 -30.30 52.30 -31.21
C ALA B 208 -29.76 53.22 -30.09
N LYS B 209 -30.40 54.40 -29.90
CA LYS B 209 -30.02 55.37 -28.87
C LYS B 209 -30.76 55.07 -27.55
N ASP B 210 -31.97 54.46 -27.64
CA ASP B 210 -32.81 54.11 -26.49
C ASP B 210 -32.43 52.77 -25.84
N VAL B 211 -31.40 52.06 -26.38
CA VAL B 211 -30.98 50.76 -25.86
C VAL B 211 -29.94 50.90 -24.74
N ASP B 212 -30.11 50.09 -23.68
CA ASP B 212 -29.26 50.06 -22.50
C ASP B 212 -28.74 48.63 -22.32
N LEU B 213 -27.41 48.46 -22.38
CA LEU B 213 -26.75 47.15 -22.22
C LEU B 213 -26.67 46.73 -20.74
N GLU B 214 -26.76 47.70 -19.80
CA GLU B 214 -26.70 47.48 -18.36
C GLU B 214 -27.92 46.69 -17.84
N PHE B 215 -29.12 46.94 -18.41
CA PHE B 215 -30.34 46.22 -18.01
C PHE B 215 -30.34 44.80 -18.59
N VAL B 216 -29.76 44.60 -19.79
CA VAL B 216 -29.66 43.28 -20.43
C VAL B 216 -28.72 42.39 -19.60
N ALA B 217 -27.59 42.95 -19.13
CA ALA B 217 -26.58 42.29 -18.29
C ALA B 217 -27.18 41.91 -16.94
N ARG B 218 -27.97 42.82 -16.32
CA ARG B 218 -28.63 42.61 -15.03
C ARG B 218 -29.72 41.52 -15.09
N ALA B 219 -30.43 41.41 -16.24
CA ALA B 219 -31.53 40.46 -16.43
C ALA B 219 -31.07 39.16 -17.14
N THR B 220 -29.81 38.74 -16.95
CA THR B 220 -29.30 37.51 -17.56
C THR B 220 -28.59 36.59 -16.51
N PRO B 221 -29.23 36.17 -15.38
CA PRO B 221 -28.54 35.28 -14.43
C PRO B 221 -28.63 33.83 -14.87
N GLY B 222 -27.48 33.17 -14.93
CA GLY B 222 -27.35 31.78 -15.34
C GLY B 222 -27.16 31.65 -16.84
N LEU B 223 -26.62 32.72 -17.48
CA LEU B 223 -26.37 32.79 -18.92
C LEU B 223 -24.91 33.12 -19.23
N THR B 224 -24.30 32.28 -20.12
CA THR B 224 -22.90 32.32 -20.57
C THR B 224 -22.65 33.47 -21.57
N GLY B 225 -21.40 33.57 -22.03
CA GLY B 225 -20.98 34.54 -23.05
C GLY B 225 -21.39 34.09 -24.44
N ALA B 226 -21.49 32.76 -24.63
CA ALA B 226 -21.89 32.08 -25.88
C ALA B 226 -23.43 32.02 -26.03
N ASP B 227 -24.17 31.92 -24.90
CA ASP B 227 -25.64 31.89 -24.89
C ASP B 227 -26.18 33.33 -24.99
N LEU B 228 -25.31 34.34 -24.72
CA LEU B 228 -25.58 35.79 -24.79
C LEU B 228 -25.39 36.33 -26.21
N GLU B 229 -24.51 35.70 -27.01
CA GLU B 229 -24.29 36.07 -28.42
C GLU B 229 -25.48 35.58 -29.25
N ASN B 230 -26.13 34.46 -28.81
CA ASN B 230 -27.33 33.88 -29.42
C ASN B 230 -28.50 34.88 -29.32
N LEU B 231 -28.51 35.71 -28.25
CA LEU B 231 -29.49 36.75 -27.95
C LEU B 231 -29.27 38.02 -28.80
N LEU B 232 -28.00 38.49 -28.90
CA LEU B 232 -27.66 39.69 -29.67
C LEU B 232 -27.67 39.44 -31.19
N ASN B 233 -27.56 38.16 -31.64
CA ASN B 233 -27.61 37.77 -33.05
C ASN B 233 -29.07 37.60 -33.52
N GLU B 234 -29.96 37.14 -32.62
CA GLU B 234 -31.39 36.97 -32.91
C GLU B 234 -32.14 38.32 -32.84
N ALA B 235 -31.56 39.32 -32.12
CA ALA B 235 -32.11 40.68 -31.99
C ALA B 235 -31.98 41.45 -33.32
N ALA B 236 -30.89 41.18 -34.08
CA ALA B 236 -30.62 41.75 -35.40
C ALA B 236 -31.40 40.97 -36.46
N LEU B 237 -31.63 39.66 -36.20
CA LEU B 237 -32.39 38.73 -37.04
C LEU B 237 -33.87 39.14 -37.03
N LEU B 238 -34.40 39.52 -35.84
CA LEU B 238 -35.77 40.00 -35.64
C LEU B 238 -35.94 41.42 -36.20
N ALA B 239 -34.82 42.19 -36.27
CA ALA B 239 -34.75 43.56 -36.82
C ALA B 239 -34.73 43.52 -38.36
N ALA B 240 -34.18 42.42 -38.94
CA ALA B 240 -34.10 42.18 -40.37
C ALA B 240 -35.40 41.52 -40.89
N ARG B 241 -36.12 40.80 -40.00
CA ARG B 241 -37.41 40.15 -40.29
C ARG B 241 -38.54 41.19 -40.31
N LYS B 242 -38.60 42.06 -39.26
CA LYS B 242 -39.59 43.13 -39.11
C LYS B 242 -39.35 44.26 -40.12
N GLY B 243 -38.10 44.70 -40.26
CA GLY B 243 -37.70 45.76 -41.18
C GLY B 243 -37.27 47.03 -40.48
N LYS B 244 -36.07 47.00 -39.86
CA LYS B 244 -35.49 48.14 -39.15
C LYS B 244 -33.98 48.23 -39.41
N GLU B 245 -33.45 49.47 -39.41
CA GLU B 245 -32.03 49.75 -39.65
C GLU B 245 -31.25 49.86 -38.32
N GLU B 246 -31.98 49.95 -37.18
CA GLU B 246 -31.41 50.04 -35.83
C GLU B 246 -32.06 49.00 -34.90
N ILE B 247 -31.23 48.25 -34.14
CA ILE B 247 -31.68 47.24 -33.18
C ILE B 247 -32.20 47.98 -31.93
N THR B 248 -33.53 47.98 -31.74
CA THR B 248 -34.20 48.67 -30.62
C THR B 248 -34.45 47.71 -29.44
N MET B 249 -34.94 48.25 -28.31
CA MET B 249 -35.24 47.53 -27.06
C MET B 249 -36.35 46.48 -27.22
N GLU B 250 -37.29 46.70 -28.17
CA GLU B 250 -38.44 45.82 -28.45
C GLU B 250 -38.00 44.43 -28.94
N GLU B 251 -37.03 44.37 -29.88
CA GLU B 251 -36.50 43.13 -30.47
C GLU B 251 -35.45 42.48 -29.55
N ILE B 252 -34.82 43.28 -28.66
CA ILE B 252 -33.82 42.84 -27.68
C ILE B 252 -34.54 42.05 -26.58
N GLU B 253 -35.65 42.61 -26.05
CA GLU B 253 -36.47 42.00 -25.00
C GLU B 253 -37.26 40.78 -25.51
N GLU B 254 -37.50 40.71 -26.84
CA GLU B 254 -38.21 39.61 -27.51
C GLU B 254 -37.35 38.33 -27.50
N ALA B 255 -36.05 38.46 -27.82
CA ALA B 255 -35.07 37.37 -27.84
C ALA B 255 -34.81 36.82 -26.43
N LEU B 256 -35.11 37.64 -25.39
CA LEU B 256 -34.98 37.29 -23.97
C LEU B 256 -36.09 36.31 -23.55
N ASP B 257 -37.25 36.33 -24.27
CA ASP B 257 -38.40 35.45 -24.02
C ASP B 257 -38.21 34.09 -24.69
N ARG B 258 -37.28 33.99 -25.67
CA ARG B 258 -36.92 32.77 -26.37
C ARG B 258 -36.13 31.83 -25.42
N ILE B 259 -35.43 32.44 -24.45
CA ILE B 259 -34.58 31.79 -23.44
C ILE B 259 -35.45 31.14 -22.33
N THR B 260 -36.55 31.81 -21.91
CA THR B 260 -37.46 31.34 -20.86
C THR B 260 -38.18 30.06 -21.31
N MET B 268 -33.78 28.20 -18.35
CA MET B 268 -32.81 27.60 -17.42
C MET B 268 -32.03 28.73 -16.66
N THR B 269 -32.71 29.87 -16.45
CA THR B 269 -32.29 31.13 -15.83
C THR B 269 -32.62 31.19 -14.31
N ILE B 270 -31.89 32.05 -13.55
CA ILE B 270 -32.14 32.22 -12.11
C ILE B 270 -33.18 33.35 -11.91
N SER B 271 -34.30 33.05 -11.22
CA SER B 271 -35.32 34.05 -10.92
C SER B 271 -34.79 35.04 -9.87
N PRO B 272 -35.32 36.28 -9.77
CA PRO B 272 -34.77 37.22 -8.77
C PRO B 272 -34.98 36.77 -7.33
N LYS B 273 -36.07 36.01 -7.07
CA LYS B 273 -36.35 35.49 -5.74
C LYS B 273 -35.29 34.45 -5.37
N GLU B 274 -34.96 33.55 -6.33
CA GLU B 274 -33.93 32.50 -6.23
C GLU B 274 -32.56 33.14 -6.02
N LYS B 275 -32.27 34.22 -6.77
CA LYS B 275 -31.03 34.96 -6.67
C LYS B 275 -30.79 35.36 -5.19
N GLU B 276 -31.83 35.92 -4.50
CA GLU B 276 -31.79 36.26 -3.07
C GLU B 276 -31.46 35.03 -2.20
N LYS B 277 -32.13 33.90 -2.47
CA LYS B 277 -31.92 32.68 -1.71
C LYS B 277 -30.45 32.26 -1.87
N ILE B 278 -29.93 32.30 -3.12
CA ILE B 278 -28.56 31.91 -3.44
C ILE B 278 -27.57 32.79 -2.67
N ALA B 279 -27.74 34.14 -2.78
CA ALA B 279 -26.91 35.15 -2.10
C ALA B 279 -26.84 34.91 -0.63
N ILE B 280 -28.00 34.76 0.04
CA ILE B 280 -28.04 34.48 1.49
C ILE B 280 -27.27 33.17 1.79
N HIS B 281 -27.54 32.09 1.04
CA HIS B 281 -26.83 30.84 1.26
C HIS B 281 -25.34 31.07 1.17
N GLU B 282 -24.88 31.69 0.08
CA GLU B 282 -23.46 31.96 -0.18
C GLU B 282 -22.81 32.85 0.86
N ALA B 283 -23.54 33.85 1.37
CA ALA B 283 -23.06 34.75 2.42
C ALA B 283 -22.95 33.99 3.77
N GLY B 284 -23.81 32.98 3.97
CA GLY B 284 -23.80 32.11 5.15
C GLY B 284 -22.44 31.43 5.26
N HIS B 285 -22.07 30.67 4.20
CA HIS B 285 -20.79 30.00 4.08
C HIS B 285 -19.62 30.95 4.40
N ALA B 286 -19.57 32.12 3.73
CA ALA B 286 -18.50 33.12 3.91
C ALA B 286 -18.37 33.50 5.35
N LEU B 287 -19.48 34.01 5.98
CA LEU B 287 -19.54 34.47 7.37
C LEU B 287 -19.03 33.39 8.28
N MET B 288 -19.56 32.16 8.13
CA MET B 288 -19.12 31.01 8.90
C MET B 288 -17.59 30.92 8.88
N GLY B 289 -16.99 30.82 7.68
CA GLY B 289 -15.56 30.75 7.47
C GLY B 289 -14.77 31.92 8.03
N LEU B 290 -15.16 33.17 7.71
CA LEU B 290 -14.49 34.37 8.21
C LEU B 290 -14.60 34.55 9.71
N VAL B 291 -15.39 33.73 10.40
CA VAL B 291 -15.59 33.84 11.83
C VAL B 291 -14.93 32.66 12.58
N SER B 292 -14.83 31.46 11.95
CA SER B 292 -14.31 30.22 12.55
C SER B 292 -12.92 30.40 13.17
N ASP B 293 -12.80 29.97 14.47
CA ASP B 293 -11.65 29.93 15.41
C ASP B 293 -10.33 29.83 14.66
N ASP B 294 -10.23 28.79 13.83
CA ASP B 294 -9.17 28.47 12.91
C ASP B 294 -9.75 27.61 11.83
N ASP B 295 -9.48 28.04 10.62
CA ASP B 295 -9.88 27.41 9.35
C ASP B 295 -8.82 27.87 8.32
N ASP B 296 -9.00 27.51 7.03
CA ASP B 296 -8.04 27.99 6.06
C ASP B 296 -8.72 28.44 4.78
N LYS B 297 -8.64 29.78 4.59
CA LYS B 297 -9.04 30.64 3.47
C LYS B 297 -10.53 30.66 3.16
N VAL B 298 -10.98 31.89 2.83
CA VAL B 298 -12.27 32.37 2.36
C VAL B 298 -11.98 33.08 1.03
N HIS B 299 -12.76 32.78 -0.01
CA HIS B 299 -12.51 33.35 -1.34
C HIS B 299 -13.74 34.13 -1.86
N LYS B 300 -13.66 34.64 -3.12
CA LYS B 300 -14.73 35.37 -3.81
C LYS B 300 -16.10 34.80 -3.51
N ILE B 301 -17.02 35.62 -3.07
CA ILE B 301 -18.40 35.22 -2.82
C ILE B 301 -19.16 35.54 -4.13
N SER B 302 -19.97 34.62 -4.64
CA SER B 302 -20.68 34.92 -5.89
C SER B 302 -22.05 34.27 -5.89
N ILE B 303 -23.01 34.81 -6.64
CA ILE B 303 -24.34 34.21 -6.73
C ILE B 303 -24.35 33.20 -7.87
N ILE B 304 -23.48 33.38 -8.89
CA ILE B 304 -23.41 32.49 -10.04
C ILE B 304 -22.99 31.12 -9.54
N PRO B 305 -23.89 30.12 -9.67
CA PRO B 305 -23.58 28.79 -9.13
C PRO B 305 -22.48 28.06 -9.91
N PRO B 317 -14.90 15.54 -0.95
CA PRO B 317 -13.59 15.53 -0.26
C PRO B 317 -13.15 16.96 0.06
N ILE B 318 -12.96 17.26 1.36
CA ILE B 318 -12.60 18.59 1.88
C ILE B 318 -11.39 18.53 2.87
N GLU B 319 -10.37 17.65 2.58
CA GLU B 319 -9.24 17.40 3.51
C GLU B 319 -7.80 17.58 3.00
N ASP B 320 -7.44 17.06 1.80
CA ASP B 320 -6.06 17.04 1.27
C ASP B 320 -5.23 16.01 2.08
N LYS B 321 -3.88 16.10 2.04
CA LYS B 321 -3.01 15.23 2.87
C LYS B 321 -3.21 15.71 4.32
N HIS B 322 -2.66 16.93 4.67
CA HIS B 322 -2.79 17.69 5.92
C HIS B 322 -2.75 16.83 7.23
N ILE B 323 -3.52 17.22 8.30
CA ILE B 323 -3.73 16.70 9.67
C ILE B 323 -4.68 17.68 10.33
N TYR B 324 -5.85 17.29 10.79
CA TYR B 324 -6.81 18.22 11.42
C TYR B 324 -7.16 17.83 12.83
N ASP B 325 -7.46 18.79 13.72
CA ASP B 325 -7.89 18.41 15.08
C ASP B 325 -9.41 18.43 15.14
N LYS B 326 -9.97 17.95 16.27
CA LYS B 326 -11.42 17.89 16.47
C LYS B 326 -12.03 19.27 16.27
N LYS B 327 -11.41 20.32 16.86
CA LYS B 327 -11.86 21.70 16.77
C LYS B 327 -11.93 22.15 15.33
N ASP B 328 -10.92 21.80 14.51
CA ASP B 328 -10.87 22.17 13.11
C ASP B 328 -12.07 21.63 12.36
N LEU B 329 -12.32 20.32 12.49
CA LEU B 329 -13.38 19.62 11.78
C LEU B 329 -14.76 20.09 12.20
N TYR B 330 -14.94 20.48 13.47
CA TYR B 330 -16.22 21.03 13.86
C TYR B 330 -16.45 22.29 13.02
N ASN B 331 -15.43 23.18 12.93
CA ASN B 331 -15.50 24.39 12.14
C ASN B 331 -15.69 24.09 10.65
N LYS B 332 -15.15 22.96 10.15
CA LYS B 332 -15.31 22.58 8.74
C LYS B 332 -16.80 22.28 8.47
N ILE B 333 -17.44 21.59 9.43
CA ILE B 333 -18.85 21.23 9.45
C ILE B 333 -19.69 22.51 9.60
N LEU B 334 -19.23 23.41 10.47
CA LEU B 334 -19.92 24.68 10.74
C LEU B 334 -20.10 25.44 9.46
N VAL B 335 -19.01 25.58 8.68
CA VAL B 335 -18.99 26.28 7.39
C VAL B 335 -19.94 25.58 6.41
N LEU B 336 -19.86 24.25 6.38
CA LEU B 336 -20.70 23.46 5.52
C LEU B 336 -22.14 23.69 5.85
N LEU B 337 -22.47 23.89 7.13
CA LEU B 337 -23.84 24.14 7.53
C LEU B 337 -24.32 25.59 7.37
N GLY B 338 -23.37 26.56 7.34
CA GLY B 338 -23.60 28.00 7.18
C GLY B 338 -24.78 28.43 6.33
N GLY B 339 -24.63 28.33 5.01
CA GLY B 339 -25.69 28.65 4.04
C GLY B 339 -27.10 28.20 4.40
N ARG B 340 -27.28 26.92 4.80
CA ARG B 340 -28.60 26.41 5.22
C ARG B 340 -29.08 27.20 6.44
N ALA B 341 -28.22 27.41 7.43
CA ALA B 341 -28.55 28.19 8.61
C ALA B 341 -28.94 29.62 8.17
N ALA B 342 -28.18 30.20 7.19
CA ALA B 342 -28.46 31.53 6.66
C ALA B 342 -29.84 31.53 6.01
N GLU B 343 -30.20 30.45 5.26
CA GLU B 343 -31.51 30.25 4.63
C GLU B 343 -32.58 30.20 5.70
N GLU B 344 -32.36 29.40 6.75
CA GLU B 344 -33.32 29.21 7.84
C GLU B 344 -33.58 30.48 8.59
N VAL B 345 -32.51 31.29 8.81
CA VAL B 345 -32.56 32.55 9.55
C VAL B 345 -33.29 33.58 8.74
N PHE B 346 -33.01 33.67 7.44
CA PHE B 346 -33.60 34.66 6.56
C PHE B 346 -34.98 34.28 6.10
N PHE B 347 -35.21 33.07 5.59
CA PHE B 347 -36.51 32.71 5.06
C PHE B 347 -37.38 31.85 5.95
N GLY B 348 -36.81 31.31 7.00
CA GLY B 348 -37.60 30.48 7.91
C GLY B 348 -37.52 29.01 7.59
N LYS B 349 -38.13 28.18 8.45
CA LYS B 349 -38.12 26.73 8.29
C LYS B 349 -38.73 26.34 6.94
N ASP B 350 -39.88 26.91 6.56
CA ASP B 350 -40.54 26.65 5.28
C ASP B 350 -39.74 27.15 4.07
N GLY B 351 -38.76 28.02 4.33
CA GLY B 351 -37.98 28.68 3.28
C GLY B 351 -36.69 28.03 2.85
N ILE B 352 -36.23 27.02 3.61
CA ILE B 352 -34.98 26.31 3.34
C ILE B 352 -35.08 25.60 1.99
N THR B 353 -34.00 25.62 1.19
CA THR B 353 -34.04 25.06 -0.17
C THR B 353 -33.24 23.76 -0.37
N THR B 354 -33.39 23.17 -1.57
CA THR B 354 -32.65 21.99 -1.96
C THR B 354 -31.18 22.34 -2.31
N GLY B 355 -30.80 23.59 -2.09
CA GLY B 355 -29.45 24.04 -2.36
C GLY B 355 -28.46 23.43 -1.39
N ALA B 356 -28.86 23.30 -0.13
CA ALA B 356 -27.96 22.73 0.87
C ALA B 356 -27.69 21.22 0.67
N GLU B 357 -28.20 20.59 -0.41
CA GLU B 357 -28.02 19.18 -0.67
C GLU B 357 -26.56 18.69 -0.44
N ASN B 358 -25.55 19.18 -1.20
CA ASN B 358 -24.19 18.63 -0.98
C ASN B 358 -23.62 19.05 0.33
N ASP B 359 -23.88 20.30 0.77
CA ASP B 359 -23.35 20.80 2.04
C ASP B 359 -23.81 19.89 3.16
N LEU B 360 -25.11 19.55 3.19
CA LEU B 360 -25.65 18.71 4.25
C LEU B 360 -24.97 17.37 4.29
N GLN B 361 -24.86 16.73 3.11
CA GLN B 361 -24.19 15.46 2.91
C GLN B 361 -22.74 15.55 3.37
N ARG B 362 -21.96 16.48 2.78
CA ARG B 362 -20.56 16.65 3.10
C ARG B 362 -20.33 16.74 4.60
N ALA B 363 -21.16 17.57 5.29
CA ALA B 363 -21.12 17.75 6.73
C ALA B 363 -21.36 16.46 7.48
N THR B 364 -22.42 15.72 7.13
CA THR B 364 -22.73 14.46 7.78
C THR B 364 -21.58 13.50 7.62
N ASP B 365 -21.05 13.35 6.39
CA ASP B 365 -19.98 12.41 6.14
C ASP B 365 -18.76 12.75 7.02
N LEU B 366 -18.43 14.04 7.11
CA LEU B 366 -17.34 14.50 7.96
C LEU B 366 -17.62 14.08 9.41
N ALA B 367 -18.88 14.29 9.88
CA ALA B 367 -19.28 13.87 11.21
C ALA B 367 -19.19 12.33 11.40
N TYR B 368 -19.57 11.49 10.41
CA TYR B 368 -19.40 10.06 10.61
C TYR B 368 -17.91 9.70 10.71
N ARG B 369 -17.06 10.29 9.83
CA ARG B 369 -15.62 10.05 9.91
C ARG B 369 -15.10 10.46 11.29
N MET B 370 -15.61 11.57 11.82
CA MET B 370 -15.22 11.98 13.14
C MET B 370 -15.56 10.92 14.18
N VAL B 371 -16.78 10.37 14.16
CA VAL B 371 -17.24 9.42 15.16
C VAL B 371 -16.65 8.00 14.94
N SER B 372 -17.01 7.40 13.83
CA SER B 372 -16.64 6.02 13.56
C SER B 372 -15.20 5.80 13.09
N MET B 373 -14.52 6.82 12.61
CA MET B 373 -13.20 6.56 12.06
C MET B 373 -12.04 7.14 12.81
N TRP B 374 -12.17 8.36 13.33
CA TRP B 374 -11.11 9.04 14.00
C TRP B 374 -11.26 9.05 15.53
N GLY B 375 -12.22 8.29 16.06
CA GLY B 375 -12.50 8.19 17.49
C GLY B 375 -12.62 9.52 18.21
N MET B 376 -13.27 10.49 17.57
CA MET B 376 -13.44 11.81 18.18
C MET B 376 -14.79 11.94 18.89
N SER B 377 -15.41 10.82 19.23
CA SER B 377 -16.65 10.83 19.99
C SER B 377 -16.38 10.24 21.34
N ASP B 378 -16.61 11.00 22.39
CA ASP B 378 -16.35 10.50 23.74
C ASP B 378 -17.24 9.33 24.07
N LYS B 379 -18.52 9.40 23.66
CA LYS B 379 -19.48 8.34 23.94
C LYS B 379 -19.09 7.04 23.23
N VAL B 380 -18.62 7.14 21.98
CA VAL B 380 -18.26 5.99 21.17
C VAL B 380 -16.79 5.53 21.45
N GLY B 381 -15.96 6.39 21.99
CA GLY B 381 -14.58 6.04 22.31
C GLY B 381 -13.62 6.00 21.12
N PRO B 382 -12.32 5.68 21.35
CA PRO B 382 -11.36 5.63 20.25
C PRO B 382 -11.38 4.31 19.47
N ILE B 383 -12.58 3.75 19.24
CA ILE B 383 -12.71 2.52 18.45
C ILE B 383 -12.86 2.92 17.00
N ALA B 384 -12.46 2.09 16.05
CA ALA B 384 -12.58 2.52 14.68
C ALA B 384 -13.27 1.49 13.84
N ILE B 385 -14.41 1.89 13.33
CA ILE B 385 -15.27 1.04 12.56
C ILE B 385 -14.83 0.93 11.10
N ARG B 386 -14.67 -0.37 10.71
CA ARG B 386 -14.38 -0.88 9.36
C ARG B 386 -15.44 -1.96 9.07
N ARG B 387 -16.55 -1.53 8.39
CA ARG B 387 -17.77 -2.28 7.99
C ARG B 387 -17.59 -3.80 8.04
N ASP B 401 -20.63 -6.35 9.84
CA ASP B 401 -20.36 -7.12 11.05
C ASP B 401 -20.34 -6.23 12.33
N THR B 402 -20.79 -4.96 12.20
CA THR B 402 -20.87 -4.03 13.32
C THR B 402 -22.22 -4.21 13.97
N SER B 403 -22.22 -4.49 15.31
CA SER B 403 -23.43 -4.69 16.13
C SER B 403 -24.43 -3.56 15.96
N PRO B 404 -25.75 -3.88 15.94
CA PRO B 404 -26.77 -2.83 15.74
C PRO B 404 -26.69 -1.68 16.74
N ASP B 405 -26.42 -2.00 18.03
CA ASP B 405 -26.28 -1.05 19.14
C ASP B 405 -25.19 -0.04 18.87
N LEU B 406 -24.06 -0.49 18.34
CA LEU B 406 -22.94 0.38 18.04
C LEU B 406 -23.31 1.30 16.92
N LEU B 407 -23.99 0.78 15.89
CA LEU B 407 -24.43 1.62 14.77
C LEU B 407 -25.31 2.74 15.28
N ARG B 408 -26.28 2.39 16.18
CA ARG B 408 -27.16 3.33 16.86
C ARG B 408 -26.34 4.44 17.50
N GLU B 409 -25.41 4.06 18.41
CA GLU B 409 -24.53 4.96 19.12
C GLU B 409 -23.83 5.89 18.15
N ILE B 410 -23.31 5.36 17.02
CA ILE B 410 -22.59 6.15 16.00
C ILE B 410 -23.50 7.23 15.41
N ASP B 411 -24.66 6.82 14.95
CA ASP B 411 -25.65 7.68 14.35
C ASP B 411 -26.08 8.75 15.33
N GLU B 412 -26.45 8.36 16.55
CA GLU B 412 -26.96 9.28 17.57
C GLU B 412 -25.92 10.39 17.91
N GLU B 413 -24.64 10.04 17.85
CA GLU B 413 -23.58 11.00 18.07
C GLU B 413 -23.41 11.89 16.85
N VAL B 414 -23.62 11.33 15.62
CA VAL B 414 -23.48 12.08 14.36
C VAL B 414 -24.59 13.14 14.32
N ARG B 415 -25.79 12.77 14.79
CA ARG B 415 -26.86 13.74 14.86
C ARG B 415 -26.50 14.81 15.89
N ARG B 416 -25.90 14.41 17.04
CA ARG B 416 -25.49 15.35 18.11
C ARG B 416 -24.54 16.38 17.58
N ILE B 417 -23.50 15.99 16.81
CA ILE B 417 -22.54 16.93 16.23
C ILE B 417 -23.20 17.85 15.19
N ILE B 418 -23.99 17.29 14.26
CA ILE B 418 -24.61 18.07 13.19
C ILE B 418 -25.56 19.12 13.77
N THR B 419 -26.55 18.69 14.57
CA THR B 419 -27.50 19.61 15.19
C THR B 419 -26.76 20.65 16.04
N GLU B 420 -25.79 20.23 16.86
CA GLU B 420 -25.01 21.17 17.69
C GLU B 420 -24.36 22.29 16.87
N GLN B 421 -23.63 21.92 15.80
CA GLN B 421 -22.98 22.89 14.91
C GLN B 421 -24.01 23.71 14.17
N TYR B 422 -25.13 23.07 13.74
CA TYR B 422 -26.16 23.79 13.01
C TYR B 422 -26.77 24.86 13.90
N GLU B 423 -27.09 24.52 15.16
CA GLU B 423 -27.61 25.52 16.08
C GLU B 423 -26.61 26.71 16.24
N LYS B 424 -25.29 26.40 16.16
CA LYS B 424 -24.19 27.34 16.26
C LYS B 424 -24.15 28.25 15.03
N ALA B 425 -24.33 27.68 13.81
CA ALA B 425 -24.31 28.46 12.57
C ALA B 425 -25.47 29.43 12.55
N LYS B 426 -26.70 28.92 12.79
CA LYS B 426 -27.93 29.73 12.87
C LYS B 426 -27.71 30.97 13.76
N ALA B 427 -27.14 30.76 14.97
CA ALA B 427 -26.84 31.80 15.95
C ALA B 427 -25.89 32.90 15.43
N ILE B 428 -24.83 32.48 14.67
CA ILE B 428 -23.80 33.38 14.08
C ILE B 428 -24.49 34.24 13.06
N VAL B 429 -25.33 33.60 12.19
CA VAL B 429 -26.13 34.31 11.18
C VAL B 429 -27.01 35.33 11.90
N GLU B 430 -27.85 34.86 12.85
CA GLU B 430 -28.72 35.70 13.66
C GLU B 430 -27.99 36.94 14.21
N GLU B 431 -26.76 36.78 14.73
CA GLU B 431 -25.96 37.88 15.31
C GLU B 431 -25.57 38.92 14.28
N TYR B 432 -25.23 38.47 13.06
CA TYR B 432 -24.77 39.34 11.99
C TYR B 432 -25.79 39.47 10.85
N LYS B 433 -27.10 39.42 11.14
CA LYS B 433 -28.15 39.54 10.11
C LYS B 433 -27.99 40.84 9.33
N GLU B 434 -27.84 41.97 10.06
CA GLU B 434 -27.74 43.30 9.44
C GLU B 434 -26.50 43.43 8.59
N PRO B 435 -25.25 43.18 9.06
CA PRO B 435 -24.11 43.20 8.12
C PRO B 435 -24.29 42.20 6.96
N LEU B 436 -24.98 41.07 7.21
CA LEU B 436 -25.20 40.11 6.15
C LEU B 436 -26.16 40.62 5.09
N LYS B 437 -27.21 41.39 5.49
CA LYS B 437 -28.18 41.92 4.53
C LYS B 437 -27.45 42.88 3.61
N ALA B 438 -26.47 43.63 4.18
CA ALA B 438 -25.60 44.57 3.47
C ALA B 438 -24.74 43.82 2.47
N VAL B 439 -24.17 42.65 2.86
CA VAL B 439 -23.44 41.81 1.91
C VAL B 439 -24.46 41.41 0.81
N VAL B 440 -25.55 40.70 1.18
CA VAL B 440 -26.60 40.28 0.25
C VAL B 440 -26.90 41.39 -0.76
N LYS B 441 -27.09 42.65 -0.32
CA LYS B 441 -27.37 43.78 -1.21
C LYS B 441 -26.30 43.88 -2.29
N LYS B 442 -25.04 43.99 -1.88
CA LYS B 442 -23.87 44.14 -2.76
C LYS B 442 -23.81 42.98 -3.69
N LEU B 443 -23.96 41.80 -3.11
CA LEU B 443 -23.91 40.53 -3.79
C LEU B 443 -24.94 40.43 -4.88
N LEU B 444 -26.16 40.95 -4.66
CA LEU B 444 -27.19 40.86 -5.67
C LEU B 444 -26.89 41.79 -6.81
N GLU B 445 -26.36 43.01 -6.53
CA GLU B 445 -26.11 43.96 -7.60
C GLU B 445 -24.86 43.60 -8.41
N LYS B 446 -23.71 43.38 -7.74
CA LYS B 446 -22.44 43.05 -8.39
C LYS B 446 -22.42 41.63 -8.92
N GLU B 447 -23.19 40.72 -8.28
CA GLU B 447 -23.33 39.29 -8.53
C GLU B 447 -22.14 38.53 -7.94
N THR B 448 -20.95 39.15 -7.92
CA THR B 448 -19.75 38.57 -7.31
C THR B 448 -19.04 39.64 -6.51
N ILE B 449 -18.66 39.32 -5.25
CA ILE B 449 -17.90 40.22 -4.37
C ILE B 449 -16.68 39.45 -3.87
N THR B 450 -15.67 40.17 -3.37
CA THR B 450 -14.46 39.50 -2.86
C THR B 450 -14.54 39.31 -1.35
N CYS B 451 -13.60 38.57 -0.77
CA CYS B 451 -13.56 38.39 0.68
C CYS B 451 -13.22 39.76 1.33
N GLU B 452 -12.25 40.49 0.78
CA GLU B 452 -11.87 41.80 1.28
C GLU B 452 -13.12 42.71 1.29
N GLU B 453 -13.90 42.73 0.18
CA GLU B 453 -15.16 43.47 0.05
C GLU B 453 -16.13 43.07 1.18
N PHE B 454 -16.27 41.74 1.46
CA PHE B 454 -17.12 41.19 2.53
C PHE B 454 -16.68 41.79 3.85
N VAL B 455 -15.38 41.58 4.21
CA VAL B 455 -14.75 42.06 5.44
C VAL B 455 -14.99 43.56 5.61
N GLU B 456 -14.88 44.32 4.51
CA GLU B 456 -15.07 45.77 4.50
C GLU B 456 -16.46 46.14 4.94
N VAL B 457 -17.45 45.38 4.50
CA VAL B 457 -18.85 45.63 4.83
C VAL B 457 -19.06 45.38 6.33
N PHE B 458 -18.38 44.36 6.86
CA PHE B 458 -18.46 44.03 8.26
C PHE B 458 -17.77 45.11 9.07
N LYS B 459 -16.60 45.60 8.59
CA LYS B 459 -15.82 46.68 9.22
C LYS B 459 -16.73 47.90 9.41
N LEU B 460 -17.52 48.22 8.38
CA LEU B 460 -18.50 49.30 8.35
C LEU B 460 -19.52 49.17 9.48
N TYR B 461 -19.87 47.91 9.86
CA TYR B 461 -20.84 47.62 10.91
C TYR B 461 -20.15 47.52 12.27
N GLY B 462 -18.82 47.67 12.28
CA GLY B 462 -18.01 47.60 13.49
C GLY B 462 -17.70 46.20 13.95
N ILE B 463 -17.46 45.28 12.99
CA ILE B 463 -17.16 43.88 13.24
C ILE B 463 -15.82 43.53 12.53
N GLU B 464 -14.81 43.13 13.36
CA GLU B 464 -13.49 42.73 12.91
C GLU B 464 -13.46 41.24 12.76
N LEU B 465 -13.34 40.76 11.52
CA LEU B 465 -13.32 39.34 11.22
C LEU B 465 -11.90 38.87 10.94
N LYS B 466 -11.66 37.54 11.12
CA LYS B 466 -10.37 36.87 10.97
C LYS B 466 -9.79 37.09 9.57
N ASP B 467 -8.45 37.30 9.48
CA ASP B 467 -7.73 37.51 8.21
C ASP B 467 -7.67 36.21 7.44
N LYS B 468 -8.86 35.71 7.04
CA LYS B 468 -8.97 34.43 6.35
C LYS B 468 -9.09 34.67 4.85
N CYS B 469 -8.72 35.86 4.39
CA CYS B 469 -8.81 36.24 2.98
C CYS B 469 -7.66 35.66 2.16
N LYS B 470 -7.99 35.04 0.99
CA LYS B 470 -7.05 34.46 0.03
C LYS B 470 -6.37 35.59 -0.80
N LYS B 471 -5.15 35.33 -1.33
CA LYS B 471 -4.41 36.32 -2.12
C LYS B 471 -4.03 35.77 -3.49
N ALA C 5 12.92 -23.94 -18.63
CA ALA C 5 12.50 -24.83 -19.69
C ALA C 5 13.70 -25.67 -20.21
N LYS C 6 14.76 -25.80 -19.37
CA LYS C 6 16.03 -26.51 -19.59
C LYS C 6 16.82 -26.69 -18.25
N VAL C 7 16.44 -27.70 -17.40
CA VAL C 7 17.08 -27.95 -16.08
C VAL C 7 17.32 -29.48 -15.79
N TYR C 8 16.52 -30.43 -16.36
CA TYR C 8 16.60 -31.88 -16.06
C TYR C 8 17.98 -32.53 -16.29
N ILE C 9 18.39 -33.29 -15.26
CA ILE C 9 19.63 -34.08 -15.13
C ILE C 9 19.32 -35.54 -15.59
N GLU C 10 20.35 -36.44 -15.57
CA GLU C 10 20.28 -37.87 -15.91
C GLU C 10 21.56 -38.57 -15.35
N GLU C 11 21.89 -38.28 -14.08
CA GLU C 11 23.09 -38.76 -13.39
C GLU C 11 22.89 -40.07 -12.62
N LYS C 12 23.99 -40.81 -12.44
CA LYS C 12 24.07 -42.01 -11.61
C LYS C 12 24.60 -41.48 -10.27
N PRO C 13 23.72 -41.27 -9.27
CA PRO C 13 24.15 -40.59 -8.04
C PRO C 13 25.20 -41.31 -7.20
N LYS C 14 25.98 -40.50 -6.48
CA LYS C 14 27.02 -40.87 -5.51
C LYS C 14 26.45 -40.68 -4.10
N VAL C 15 25.41 -39.82 -3.98
CA VAL C 15 24.68 -39.49 -2.74
C VAL C 15 23.59 -40.56 -2.52
N THR C 16 23.73 -41.33 -1.43
CA THR C 16 22.81 -42.41 -1.08
C THR C 16 22.09 -42.08 0.25
N PHE C 17 21.82 -43.12 1.07
CA PHE C 17 21.16 -43.03 2.38
C PHE C 17 22.16 -42.60 3.47
N LYS C 18 23.45 -42.45 3.12
CA LYS C 18 24.53 -42.03 4.01
C LYS C 18 24.56 -40.50 4.12
N ASP C 19 24.28 -39.80 3.00
CA ASP C 19 24.27 -38.33 2.90
C ASP C 19 22.96 -37.73 3.47
N VAL C 20 21.94 -38.56 3.74
CA VAL C 20 20.64 -38.13 4.31
C VAL C 20 20.53 -38.68 5.76
N ALA C 21 20.15 -37.81 6.72
CA ALA C 21 20.04 -38.20 8.14
C ALA C 21 19.00 -37.37 8.90
N GLY C 22 18.29 -38.02 9.83
CA GLY C 22 17.29 -37.39 10.67
C GLY C 22 15.85 -37.77 10.36
N ILE C 23 15.55 -38.04 9.08
CA ILE C 23 14.20 -38.40 8.62
C ILE C 23 14.12 -39.94 8.37
N GLU C 24 14.41 -40.72 9.43
CA GLU C 24 14.44 -42.19 9.43
C GLU C 24 13.07 -42.82 9.15
N GLU C 25 11.97 -42.18 9.61
CA GLU C 25 10.61 -42.66 9.41
C GLU C 25 10.18 -42.50 7.95
N VAL C 26 10.68 -41.43 7.30
CA VAL C 26 10.45 -41.10 5.89
C VAL C 26 11.28 -42.09 5.03
N LYS C 27 12.46 -42.51 5.55
CA LYS C 27 13.40 -43.46 4.93
C LYS C 27 12.80 -44.87 4.80
N GLU C 28 11.94 -45.26 5.75
CA GLU C 28 11.28 -46.57 5.79
C GLU C 28 10.17 -46.72 4.74
N GLU C 29 9.56 -45.59 4.31
CA GLU C 29 8.47 -45.58 3.32
C GLU C 29 8.97 -45.44 1.87
N VAL C 30 10.26 -45.14 1.67
CA VAL C 30 10.86 -44.99 0.34
C VAL C 30 11.72 -46.24 -0.04
N LYS C 31 11.83 -47.22 0.86
CA LYS C 31 12.61 -48.45 0.65
C LYS C 31 11.91 -49.42 -0.32
N GLU C 32 10.56 -49.35 -0.43
CA GLU C 32 9.78 -50.20 -1.35
C GLU C 32 9.99 -49.74 -2.80
N ILE C 33 10.37 -48.46 -2.99
CA ILE C 33 10.68 -47.86 -4.29
C ILE C 33 12.14 -48.26 -4.66
N ILE C 34 13.03 -48.37 -3.65
CA ILE C 34 14.45 -48.76 -3.80
C ILE C 34 14.53 -50.22 -4.30
N GLU C 35 13.68 -51.11 -3.74
CA GLU C 35 13.60 -52.52 -4.13
C GLU C 35 12.94 -52.68 -5.50
N TYR C 36 12.17 -51.65 -5.93
CA TYR C 36 11.46 -51.62 -7.22
C TYR C 36 12.38 -51.17 -8.36
N LEU C 37 13.18 -50.09 -8.17
CA LEU C 37 14.09 -49.57 -9.21
C LEU C 37 15.32 -50.49 -9.41
N LYS C 38 15.68 -51.29 -8.38
CA LYS C 38 16.79 -52.25 -8.40
C LYS C 38 16.47 -53.42 -9.36
N ASP C 39 15.27 -54.01 -9.21
CA ASP C 39 14.81 -55.14 -10.03
C ASP C 39 13.28 -55.01 -10.31
N PRO C 40 12.87 -54.26 -11.38
CA PRO C 40 11.43 -54.13 -11.66
C PRO C 40 10.84 -55.40 -12.27
N VAL C 41 11.68 -56.26 -12.90
CA VAL C 41 11.31 -57.55 -13.50
C VAL C 41 10.81 -58.53 -12.41
N LYS C 42 11.23 -58.32 -11.14
CA LYS C 42 10.84 -59.08 -9.96
C LYS C 42 9.44 -58.65 -9.50
N PHE C 43 9.08 -57.36 -9.73
CA PHE C 43 7.80 -56.73 -9.39
C PHE C 43 6.76 -56.94 -10.50
N GLN C 44 7.21 -57.09 -11.77
CA GLN C 44 6.36 -57.30 -12.94
C GLN C 44 5.88 -58.74 -13.08
N LYS C 45 6.80 -59.74 -12.93
CA LYS C 45 6.51 -61.18 -13.04
C LYS C 45 5.68 -61.70 -11.86
N LEU C 46 5.73 -61.03 -10.69
CA LEU C 46 4.97 -61.40 -9.49
C LEU C 46 3.49 -61.01 -9.62
N GLY C 47 3.20 -59.82 -10.17
CA GLY C 47 1.85 -59.33 -10.38
C GLY C 47 1.45 -58.06 -9.63
N GLY C 48 2.39 -57.49 -8.87
CA GLY C 48 2.18 -56.29 -8.08
C GLY C 48 2.09 -55.00 -8.89
N ARG C 49 1.64 -53.90 -8.23
CA ARG C 49 1.49 -52.60 -8.86
C ARG C 49 2.17 -51.47 -8.03
N PRO C 50 3.17 -50.76 -8.60
CA PRO C 50 3.84 -49.69 -7.86
C PRO C 50 3.15 -48.32 -8.00
N PRO C 51 3.42 -47.31 -7.12
CA PRO C 51 2.78 -46.00 -7.30
C PRO C 51 3.34 -45.28 -8.53
N LYS C 52 2.43 -44.79 -9.39
CA LYS C 52 2.78 -44.08 -10.64
C LYS C 52 3.38 -42.70 -10.36
N GLY C 53 3.30 -42.26 -9.10
CA GLY C 53 3.83 -40.99 -8.61
C GLY C 53 3.82 -40.92 -7.10
N VAL C 54 4.94 -40.42 -6.51
CA VAL C 54 5.11 -40.27 -5.06
C VAL C 54 5.38 -38.78 -4.76
N LEU C 55 4.54 -38.16 -3.91
CA LEU C 55 4.62 -36.75 -3.53
C LEU C 55 5.60 -36.52 -2.37
N LEU C 56 6.42 -35.44 -2.49
CA LEU C 56 7.42 -35.00 -1.53
C LEU C 56 7.17 -33.52 -1.18
N TYR C 57 6.18 -33.28 -0.28
CA TYR C 57 5.77 -31.94 0.14
C TYR C 57 6.32 -31.56 1.52
N GLY C 58 6.51 -30.26 1.72
CA GLY C 58 7.03 -29.67 2.95
C GLY C 58 7.54 -28.25 2.77
N GLU C 59 8.15 -27.72 3.84
CA GLU C 59 8.72 -26.36 3.92
C GLU C 59 9.92 -26.21 2.96
N PRO C 60 10.24 -24.99 2.47
CA PRO C 60 11.40 -24.86 1.55
C PRO C 60 12.74 -25.19 2.20
N GLY C 61 13.38 -26.24 1.69
CA GLY C 61 14.69 -26.71 2.15
C GLY C 61 14.70 -27.84 3.17
N VAL C 62 13.62 -28.64 3.23
CA VAL C 62 13.50 -29.76 4.18
C VAL C 62 14.32 -31.01 3.75
N GLY C 63 14.82 -31.00 2.52
CA GLY C 63 15.60 -32.08 1.95
C GLY C 63 14.83 -32.89 0.92
N LYS C 64 13.96 -32.21 0.15
CA LYS C 64 13.11 -32.79 -0.89
C LYS C 64 13.95 -33.39 -2.02
N THR C 65 14.90 -32.60 -2.57
CA THR C 65 15.80 -33.01 -3.66
C THR C 65 16.74 -34.14 -3.23
N LEU C 66 17.31 -34.03 -2.02
CA LEU C 66 18.26 -34.98 -1.45
C LEU C 66 17.63 -36.37 -1.21
N LEU C 67 16.32 -36.43 -0.87
CA LEU C 67 15.62 -37.70 -0.65
C LEU C 67 15.45 -38.43 -1.97
N ALA C 68 15.07 -37.70 -3.04
CA ALA C 68 14.89 -38.23 -4.39
C ALA C 68 16.21 -38.74 -4.98
N LYS C 69 17.35 -38.09 -4.61
CA LYS C 69 18.71 -38.44 -5.02
C LYS C 69 19.21 -39.70 -4.31
N ALA C 70 18.69 -39.95 -3.08
CA ALA C 70 19.04 -41.11 -2.24
C ALA C 70 18.35 -42.39 -2.72
N ILE C 71 17.08 -42.29 -3.21
CA ILE C 71 16.29 -43.41 -3.72
C ILE C 71 16.94 -43.95 -5.02
N ALA C 72 17.34 -43.04 -5.93
CA ALA C 72 18.00 -43.38 -7.19
C ALA C 72 19.44 -43.86 -6.93
N GLY C 73 20.09 -43.27 -5.92
CA GLY C 73 21.46 -43.59 -5.51
C GLY C 73 21.61 -44.97 -4.89
N GLU C 74 20.73 -45.30 -3.91
CA GLU C 74 20.72 -46.59 -3.21
C GLU C 74 20.33 -47.76 -4.11
N ALA C 75 19.46 -47.52 -5.11
CA ALA C 75 18.98 -48.53 -6.06
C ALA C 75 19.91 -48.71 -7.28
N HIS C 76 20.95 -47.83 -7.40
CA HIS C 76 21.94 -47.77 -8.50
C HIS C 76 21.19 -47.56 -9.84
N VAL C 77 20.32 -46.54 -9.86
CA VAL C 77 19.45 -46.18 -10.99
C VAL C 77 19.60 -44.65 -11.31
N PRO C 78 19.43 -44.20 -12.58
CA PRO C 78 19.59 -42.77 -12.91
C PRO C 78 18.59 -41.84 -12.22
N PHE C 79 18.96 -40.55 -12.09
CA PHE C 79 18.15 -39.51 -11.46
C PHE C 79 17.97 -38.30 -12.39
N ILE C 80 16.71 -37.90 -12.63
CA ILE C 80 16.31 -36.76 -13.47
C ILE C 80 15.78 -35.65 -12.54
N SER C 81 16.21 -34.36 -12.73
CA SER C 81 15.75 -33.27 -11.86
C SER C 81 15.56 -31.94 -12.59
N VAL C 82 14.30 -31.49 -12.71
CA VAL C 82 13.91 -30.23 -13.35
C VAL C 82 13.02 -29.42 -12.39
N SER C 83 12.84 -28.11 -12.66
CA SER C 83 12.00 -27.22 -11.86
C SER C 83 10.64 -26.96 -12.54
N GLY C 84 9.62 -26.66 -11.74
CA GLY C 84 8.27 -26.36 -12.19
C GLY C 84 8.01 -24.91 -12.53
N SER C 85 9.00 -24.03 -12.20
CA SER C 85 8.96 -22.58 -12.47
C SER C 85 9.56 -22.28 -13.86
N ASP C 86 10.00 -23.32 -14.58
CA ASP C 86 10.59 -23.27 -15.91
C ASP C 86 9.52 -23.19 -17.01
N PHE C 87 8.48 -24.05 -16.94
CA PHE C 87 7.39 -24.11 -17.91
C PHE C 87 6.39 -22.96 -17.65
N VAL C 88 6.64 -21.79 -18.28
CA VAL C 88 5.81 -20.59 -18.20
C VAL C 88 5.49 -20.16 -19.64
N GLU C 89 4.20 -19.91 -19.95
CA GLU C 89 3.73 -19.53 -21.27
C GLU C 89 4.36 -18.20 -21.74
N MET C 90 5.10 -18.28 -22.86
CA MET C 90 5.80 -17.21 -23.55
C MET C 90 5.56 -17.44 -25.05
N PHE C 91 4.51 -16.79 -25.60
CA PHE C 91 3.99 -16.93 -26.97
C PHE C 91 3.29 -18.30 -27.07
N VAL C 92 2.06 -18.36 -26.52
CA VAL C 92 1.15 -19.52 -26.44
C VAL C 92 1.87 -20.68 -25.68
N GLY C 93 2.66 -21.51 -26.39
CA GLY C 93 3.41 -22.59 -25.75
C GLY C 93 3.27 -24.01 -26.26
N VAL C 94 4.36 -24.82 -26.08
CA VAL C 94 4.48 -26.26 -26.36
C VAL C 94 4.77 -26.99 -25.03
N GLY C 95 4.07 -26.57 -23.97
CA GLY C 95 4.21 -27.14 -22.63
C GLY C 95 3.80 -28.60 -22.52
N ALA C 96 2.77 -29.00 -23.31
CA ALA C 96 2.21 -30.35 -23.31
C ALA C 96 3.12 -31.34 -24.06
N ALA C 97 3.68 -30.93 -25.21
CA ALA C 97 4.59 -31.74 -26.04
C ALA C 97 5.85 -32.18 -25.26
N ARG C 98 6.23 -31.41 -24.22
CA ARG C 98 7.38 -31.67 -23.34
C ARG C 98 7.20 -32.98 -22.59
N VAL C 99 6.12 -33.06 -21.79
CA VAL C 99 5.71 -34.16 -20.92
C VAL C 99 5.72 -35.52 -21.68
N ARG C 100 5.29 -35.51 -22.96
CA ARG C 100 5.23 -36.67 -23.84
C ARG C 100 6.61 -37.30 -24.05
N ASP C 101 7.67 -36.48 -24.14
CA ASP C 101 9.06 -36.91 -24.37
C ASP C 101 9.80 -37.32 -23.08
N LEU C 102 9.26 -36.99 -21.89
CA LEU C 102 9.85 -37.34 -20.58
C LEU C 102 9.81 -38.85 -20.36
N PHE C 103 8.62 -39.45 -20.55
CA PHE C 103 8.33 -40.88 -20.37
C PHE C 103 8.93 -41.71 -21.51
N GLU C 104 9.10 -41.11 -22.71
CA GLU C 104 9.70 -41.77 -23.88
C GLU C 104 11.20 -42.01 -23.68
N THR C 105 11.92 -41.03 -23.08
CA THR C 105 13.36 -41.10 -22.77
C THR C 105 13.56 -42.00 -21.55
N ALA C 106 12.55 -42.05 -20.66
CA ALA C 106 12.54 -42.87 -19.45
C ALA C 106 12.47 -44.37 -19.81
N LYS C 107 11.73 -44.71 -20.89
CA LYS C 107 11.58 -46.09 -21.37
C LYS C 107 12.84 -46.54 -22.12
N LYS C 108 13.61 -45.58 -22.68
CA LYS C 108 14.88 -45.82 -23.39
C LYS C 108 16.00 -46.10 -22.38
N HIS C 109 15.94 -45.45 -21.19
CA HIS C 109 16.90 -45.59 -20.09
C HIS C 109 16.26 -46.32 -18.88
N ALA C 110 15.32 -47.25 -19.16
CA ALA C 110 14.60 -48.03 -18.15
C ALA C 110 15.49 -49.15 -17.54
N PRO C 111 15.54 -49.31 -16.20
CA PRO C 111 14.84 -48.54 -15.15
C PRO C 111 15.55 -47.24 -14.77
N CYS C 112 14.76 -46.20 -14.38
CA CYS C 112 15.26 -44.88 -13.96
C CYS C 112 14.18 -44.12 -13.16
N MET C 113 14.60 -43.05 -12.47
CA MET C 113 13.76 -42.19 -11.65
C MET C 113 13.67 -40.77 -12.24
N ILE C 114 12.51 -40.10 -12.04
CA ILE C 114 12.24 -38.73 -12.51
C ILE C 114 11.88 -37.87 -11.29
N PHE C 115 12.28 -36.57 -11.29
CA PHE C 115 11.99 -35.64 -10.19
C PHE C 115 11.72 -34.22 -10.73
N ILE C 116 10.70 -33.53 -10.17
CA ILE C 116 10.33 -32.15 -10.54
C ILE C 116 9.94 -31.35 -9.27
N ASP C 117 10.82 -30.43 -8.82
CA ASP C 117 10.53 -29.58 -7.66
C ASP C 117 9.81 -28.30 -8.11
N GLU C 118 9.01 -27.69 -7.21
CA GLU C 118 8.22 -26.46 -7.40
C GLU C 118 7.23 -26.55 -8.61
N ILE C 119 6.64 -27.74 -8.82
CA ILE C 119 5.66 -28.03 -9.88
C ILE C 119 4.30 -27.31 -9.59
N ASP C 120 4.26 -26.51 -8.51
CA ASP C 120 3.09 -25.73 -8.07
C ASP C 120 2.90 -24.45 -8.91
N ALA C 121 3.96 -23.98 -9.62
CA ALA C 121 3.94 -22.78 -10.48
C ALA C 121 3.29 -23.08 -11.84
N VAL C 122 3.66 -24.23 -12.45
CA VAL C 122 3.10 -24.71 -13.72
C VAL C 122 1.69 -25.31 -13.44
N GLY C 123 1.53 -25.96 -12.29
CA GLY C 123 0.28 -26.57 -11.86
C GLY C 123 -0.33 -25.87 -10.66
N ARG C 124 -1.19 -24.88 -10.92
CA ARG C 124 -1.85 -24.08 -9.88
C ARG C 124 -3.37 -24.29 -9.91
N ASP C 136 -7.75 -22.36 -19.79
CA ASP C 136 -6.59 -21.67 -20.34
C ASP C 136 -5.47 -22.68 -20.73
N GLU C 137 -4.33 -22.14 -21.23
CA GLU C 137 -3.13 -22.86 -21.69
C GLU C 137 -2.47 -23.66 -20.55
N ARG C 138 -2.52 -23.12 -19.32
CA ARG C 138 -1.97 -23.72 -18.09
C ARG C 138 -2.56 -25.12 -17.82
N GLU C 139 -3.88 -25.30 -18.06
CA GLU C 139 -4.61 -26.56 -17.86
C GLU C 139 -4.34 -27.59 -18.99
N GLN C 140 -3.90 -27.12 -20.19
CA GLN C 140 -3.58 -28.00 -21.34
C GLN C 140 -2.32 -28.82 -21.07
N THR C 141 -1.35 -28.23 -20.35
CA THR C 141 -0.07 -28.83 -19.98
C THR C 141 -0.27 -29.74 -18.74
N LEU C 142 -1.11 -29.28 -17.79
CA LEU C 142 -1.47 -29.98 -16.55
C LEU C 142 -2.20 -31.29 -16.84
N ASN C 143 -3.22 -31.26 -17.75
CA ASN C 143 -4.02 -32.42 -18.15
C ASN C 143 -3.19 -33.43 -18.98
N GLN C 144 -2.14 -32.96 -19.68
CA GLN C 144 -1.23 -33.81 -20.46
C GLN C 144 -0.44 -34.73 -19.51
N LEU C 145 0.06 -34.17 -18.38
CA LEU C 145 0.82 -34.88 -17.34
C LEU C 145 -0.07 -35.96 -16.67
N LEU C 146 -1.39 -35.70 -16.52
CA LEU C 146 -2.38 -36.62 -15.94
C LEU C 146 -2.52 -37.89 -16.79
N VAL C 147 -2.67 -37.73 -18.12
CA VAL C 147 -2.84 -38.81 -19.11
C VAL C 147 -1.52 -39.63 -19.21
N GLU C 148 -0.36 -38.92 -19.20
CA GLU C 148 0.99 -39.50 -19.27
C GLU C 148 1.30 -40.45 -18.09
N MET C 149 0.57 -40.28 -16.95
CA MET C 149 0.71 -41.12 -15.76
C MET C 149 -0.17 -42.37 -15.87
N ASP C 150 -1.45 -42.21 -16.31
CA ASP C 150 -2.43 -43.29 -16.49
C ASP C 150 -2.06 -44.24 -17.66
N GLY C 151 -1.35 -43.71 -18.65
CA GLY C 151 -0.92 -44.46 -19.84
C GLY C 151 0.16 -45.50 -19.60
N PHE C 152 1.32 -45.08 -19.05
CA PHE C 152 2.46 -45.97 -18.76
C PHE C 152 2.11 -46.90 -17.59
N ASP C 153 2.62 -48.16 -17.63
CA ASP C 153 2.35 -49.15 -16.59
C ASP C 153 3.63 -49.65 -15.88
N THR C 154 3.49 -50.70 -15.04
CA THR C 154 4.55 -51.33 -14.24
C THR C 154 5.72 -51.87 -15.09
N SER C 155 5.42 -52.36 -16.32
CA SER C 155 6.38 -52.95 -17.27
C SER C 155 7.52 -51.98 -17.66
N ASP C 156 7.24 -50.66 -17.63
CA ASP C 156 8.20 -49.60 -17.97
C ASP C 156 9.33 -49.45 -16.93
N GLY C 157 9.07 -49.88 -15.68
CA GLY C 157 10.02 -49.85 -14.59
C GLY C 157 10.51 -48.47 -14.17
N ILE C 158 9.71 -47.41 -14.42
CA ILE C 158 10.05 -46.02 -14.09
C ILE C 158 9.04 -45.44 -13.07
N ILE C 159 9.50 -44.50 -12.22
CA ILE C 159 8.71 -43.82 -11.18
C ILE C 159 9.01 -42.30 -11.21
N VAL C 160 7.98 -41.47 -10.96
CA VAL C 160 8.06 -40.00 -10.96
C VAL C 160 7.85 -39.47 -9.53
N ILE C 161 8.62 -38.43 -9.15
CA ILE C 161 8.53 -37.76 -7.84
C ILE C 161 8.45 -36.24 -8.09
N ALA C 162 7.36 -35.59 -7.69
CA ALA C 162 7.19 -34.16 -7.89
C ALA C 162 7.08 -33.41 -6.55
N ALA C 163 8.10 -32.58 -6.23
CA ALA C 163 8.14 -31.81 -4.97
C ALA C 163 7.52 -30.43 -5.13
N THR C 164 7.29 -29.73 -3.98
CA THR C 164 6.68 -28.39 -3.93
C THR C 164 7.06 -27.65 -2.62
N ASN C 165 6.88 -26.31 -2.61
CA ASN C 165 7.11 -25.46 -1.44
C ASN C 165 5.80 -25.25 -0.67
N ARG C 166 4.65 -25.41 -1.37
CA ARG C 166 3.30 -25.29 -0.83
C ARG C 166 2.40 -26.43 -1.35
N PRO C 167 1.78 -27.26 -0.47
CA PRO C 167 0.94 -28.36 -0.98
C PRO C 167 -0.50 -27.94 -1.30
N ASP C 168 -0.96 -26.83 -0.68
CA ASP C 168 -2.29 -26.24 -0.79
C ASP C 168 -2.55 -25.53 -2.13
N ILE C 169 -1.48 -25.16 -2.88
CA ILE C 169 -1.62 -24.42 -4.14
C ILE C 169 -1.51 -25.33 -5.40
N LEU C 170 -1.19 -26.63 -5.25
CA LEU C 170 -1.13 -27.55 -6.39
C LEU C 170 -2.55 -28.02 -6.75
N ASP C 171 -2.75 -28.53 -8.00
CA ASP C 171 -4.06 -28.98 -8.49
C ASP C 171 -4.54 -30.28 -7.79
N PRO C 172 -5.83 -30.37 -7.36
CA PRO C 172 -6.31 -31.58 -6.67
C PRO C 172 -6.29 -32.84 -7.53
N ALA C 173 -6.32 -32.68 -8.88
CA ALA C 173 -6.29 -33.77 -9.87
C ALA C 173 -4.94 -34.48 -9.89
N LEU C 174 -3.88 -33.78 -9.42
CA LEU C 174 -2.52 -34.34 -9.34
C LEU C 174 -2.34 -35.13 -8.03
N LEU C 175 -3.46 -35.67 -7.47
CA LEU C 175 -3.49 -36.43 -6.22
C LEU C 175 -4.40 -37.68 -6.31
N ARG C 176 -5.18 -37.85 -7.41
CA ARG C 176 -6.09 -38.99 -7.61
C ARG C 176 -5.30 -40.29 -7.91
N PRO C 177 -5.86 -41.52 -7.65
CA PRO C 177 -5.08 -42.75 -7.91
C PRO C 177 -4.65 -42.90 -9.37
N GLY C 178 -3.39 -43.30 -9.55
CA GLY C 178 -2.78 -43.44 -10.87
C GLY C 178 -2.09 -42.16 -11.31
N ARG C 179 -2.48 -41.04 -10.68
CA ARG C 179 -1.99 -39.68 -10.90
C ARG C 179 -1.52 -39.13 -9.53
N PHE C 180 -0.45 -39.75 -8.96
CA PHE C 180 0.18 -39.47 -7.66
C PHE C 180 -0.77 -39.85 -6.52
N ASP C 181 -0.73 -41.13 -6.10
CA ASP C 181 -1.58 -41.69 -5.05
C ASP C 181 -0.88 -41.77 -3.67
N ARG C 182 0.47 -41.75 -3.65
CA ARG C 182 1.28 -41.82 -2.43
C ARG C 182 1.68 -40.41 -1.94
N GLN C 183 1.47 -40.13 -0.63
CA GLN C 183 1.79 -38.84 0.00
C GLN C 183 2.74 -39.02 1.17
N ILE C 184 3.93 -38.39 1.09
CA ILE C 184 4.99 -38.46 2.11
C ILE C 184 5.39 -37.03 2.55
N PHE C 185 5.40 -36.77 3.87
CA PHE C 185 5.76 -35.45 4.41
C PHE C 185 7.16 -35.48 5.04
N ILE C 186 8.01 -34.54 4.62
CA ILE C 186 9.37 -34.36 5.12
C ILE C 186 9.34 -33.19 6.10
N PRO C 187 9.50 -33.45 7.42
CA PRO C 187 9.42 -32.35 8.40
C PRO C 187 10.74 -31.64 8.67
N LYS C 188 10.67 -30.44 9.30
CA LYS C 188 11.86 -29.69 9.72
C LYS C 188 12.60 -30.51 10.79
N PRO C 189 13.96 -30.60 10.73
CA PRO C 189 14.68 -31.46 11.69
C PRO C 189 14.60 -31.02 13.15
N ASP C 190 14.64 -32.01 14.07
CA ASP C 190 14.58 -31.83 15.53
C ASP C 190 16.03 -31.74 16.10
N VAL C 191 16.26 -32.11 17.38
CA VAL C 191 17.59 -32.06 18.00
C VAL C 191 18.46 -33.20 17.44
N ARG C 192 17.97 -34.47 17.50
CA ARG C 192 18.68 -35.64 16.98
C ARG C 192 18.70 -35.60 15.43
N GLY C 193 17.69 -34.95 14.86
CA GLY C 193 17.55 -34.74 13.41
C GLY C 193 18.61 -33.81 12.85
N ARG C 194 18.93 -32.71 13.59
CA ARG C 194 19.93 -31.72 13.21
C ARG C 194 21.35 -32.18 13.56
N TYR C 195 21.53 -32.92 14.69
CA TYR C 195 22.82 -33.46 15.14
C TYR C 195 23.39 -34.40 14.09
N GLU C 196 22.51 -35.18 13.42
CA GLU C 196 22.87 -36.12 12.36
C GLU C 196 23.15 -35.37 11.04
N ILE C 197 22.54 -34.19 10.83
CA ILE C 197 22.76 -33.32 9.66
C ILE C 197 24.13 -32.65 9.83
N LEU C 198 24.42 -32.17 11.07
CA LEU C 198 25.68 -31.51 11.45
C LEU C 198 26.88 -32.48 11.42
N LYS C 199 26.63 -33.83 11.31
CA LYS C 199 27.62 -34.90 11.19
C LYS C 199 27.80 -35.32 9.71
N VAL C 200 26.78 -35.03 8.86
CA VAL C 200 26.77 -35.33 7.42
C VAL C 200 27.68 -34.33 6.67
N HIS C 201 27.54 -33.02 6.98
CA HIS C 201 28.32 -31.95 6.35
C HIS C 201 29.74 -31.82 6.98
N ALA C 202 29.91 -32.26 8.25
CA ALA C 202 31.17 -32.19 9.00
C ALA C 202 32.23 -33.21 8.52
N ARG C 203 31.83 -34.21 7.72
CA ARG C 203 32.74 -35.23 7.17
C ARG C 203 33.72 -34.59 6.19
N ASN C 204 33.26 -33.57 5.44
CA ASN C 204 34.04 -32.84 4.43
C ASN C 204 34.98 -31.80 5.09
N LYS C 205 34.43 -30.95 5.98
CA LYS C 205 35.17 -29.87 6.64
C LYS C 205 35.95 -30.35 7.88
N LYS C 206 37.00 -29.58 8.27
CA LYS C 206 37.86 -29.84 9.42
C LYS C 206 37.35 -29.06 10.65
N LEU C 207 37.00 -29.77 11.73
CA LEU C 207 36.50 -29.14 12.96
C LEU C 207 37.50 -29.25 14.11
N ALA C 208 37.44 -28.27 15.04
CA ALA C 208 38.30 -28.17 16.21
C ALA C 208 37.96 -29.23 17.29
N LYS C 209 38.75 -29.25 18.39
CA LYS C 209 38.54 -30.19 19.51
C LYS C 209 37.56 -29.61 20.54
N ASP C 210 37.50 -28.26 20.64
CA ASP C 210 36.63 -27.54 21.58
C ASP C 210 35.20 -27.33 21.04
N VAL C 211 34.90 -27.81 19.81
CA VAL C 211 33.58 -27.65 19.20
C VAL C 211 32.62 -28.79 19.58
N ASP C 212 31.37 -28.41 19.88
CA ASP C 212 30.30 -29.33 20.26
C ASP C 212 29.12 -29.11 19.31
N LEU C 213 28.75 -30.18 18.56
CA LEU C 213 27.65 -30.14 17.59
C LEU C 213 26.27 -30.24 18.29
N GLU C 214 26.23 -30.77 19.53
CA GLU C 214 25.02 -30.92 20.34
C GLU C 214 24.44 -29.57 20.76
N PHE C 215 25.29 -28.57 21.08
CA PHE C 215 24.82 -27.23 21.46
C PHE C 215 24.33 -26.46 20.22
N VAL C 216 24.90 -26.75 19.04
CA VAL C 216 24.53 -26.14 17.76
C VAL C 216 23.12 -26.65 17.37
N ALA C 217 22.89 -27.97 17.56
CA ALA C 217 21.62 -28.64 17.28
C ALA C 217 20.51 -28.15 18.23
N ARG C 218 20.86 -27.85 19.49
CA ARG C 218 19.93 -27.37 20.52
C ARG C 218 19.51 -25.92 20.30
N ALA C 219 20.43 -25.07 19.81
CA ALA C 219 20.21 -23.64 19.57
C ALA C 219 19.78 -23.31 18.13
N THR C 220 19.00 -24.21 17.49
CA THR C 220 18.53 -23.99 16.12
C THR C 220 17.01 -24.36 15.94
N PRO C 221 16.04 -23.81 16.74
CA PRO C 221 14.64 -24.17 16.53
C PRO C 221 14.00 -23.35 15.41
N GLY C 222 13.37 -24.05 14.47
CA GLY C 222 12.73 -23.46 13.31
C GLY C 222 13.69 -23.29 12.15
N LEU C 223 14.74 -24.15 12.11
CA LEU C 223 15.78 -24.16 11.09
C LEU C 223 15.90 -25.53 10.41
N THR C 224 15.87 -25.52 9.06
CA THR C 224 15.92 -26.68 8.16
C THR C 224 17.33 -27.27 8.05
N GLY C 225 17.45 -28.36 7.28
CA GLY C 225 18.74 -29.01 7.00
C GLY C 225 19.55 -28.20 6.02
N ALA C 226 18.85 -27.48 5.11
CA ALA C 226 19.43 -26.61 4.08
C ALA C 226 19.88 -25.26 4.67
N ASP C 227 19.06 -24.67 5.59
CA ASP C 227 19.37 -23.40 6.26
C ASP C 227 20.48 -23.60 7.30
N LEU C 228 20.71 -24.87 7.75
CA LEU C 228 21.76 -25.28 8.68
C LEU C 228 23.07 -25.54 7.93
N GLU C 229 22.97 -25.88 6.63
CA GLU C 229 24.11 -26.11 5.72
C GLU C 229 24.77 -24.75 5.41
N ASN C 230 23.96 -23.67 5.37
CA ASN C 230 24.34 -22.27 5.15
C ASN C 230 25.19 -21.75 6.32
N LEU C 231 24.95 -22.30 7.54
CA LEU C 231 25.63 -21.98 8.80
C LEU C 231 27.02 -22.66 8.88
N LEU C 232 27.11 -23.97 8.54
CA LEU C 232 28.37 -24.72 8.59
C LEU C 232 29.31 -24.37 7.42
N ASN C 233 28.77 -23.79 6.31
CA ASN C 233 29.55 -23.35 5.14
C ASN C 233 30.13 -21.94 5.36
N GLU C 234 29.39 -21.07 6.10
CA GLU C 234 29.81 -19.71 6.42
C GLU C 234 30.81 -19.72 7.60
N ALA C 235 30.81 -20.80 8.42
CA ALA C 235 31.72 -20.98 9.56
C ALA C 235 33.15 -21.27 9.07
N ALA C 236 33.28 -21.98 7.92
CA ALA C 236 34.55 -22.27 7.24
C ALA C 236 34.99 -21.07 6.41
N LEU C 237 34.00 -20.30 5.90
CA LEU C 237 34.19 -19.06 5.13
C LEU C 237 34.77 -17.97 6.02
N LEU C 238 34.28 -17.88 7.29
CA LEU C 238 34.78 -16.95 8.31
C LEU C 238 36.14 -17.40 8.85
N ALA C 239 36.43 -18.72 8.76
CA ALA C 239 37.71 -19.34 9.17
C ALA C 239 38.79 -19.12 8.09
N ALA C 240 38.36 -18.97 6.81
CA ALA C 240 39.23 -18.71 5.66
C ALA C 240 39.47 -17.20 5.50
N ARG C 241 38.53 -16.37 5.99
CA ARG C 241 38.61 -14.90 5.98
C ARG C 241 39.57 -14.42 7.08
N LYS C 242 39.39 -14.93 8.33
CA LYS C 242 40.22 -14.61 9.51
C LYS C 242 41.64 -15.19 9.39
N GLY C 243 41.71 -16.47 8.99
CA GLY C 243 42.97 -17.19 8.82
C GLY C 243 43.19 -18.27 9.85
N LYS C 244 42.44 -19.39 9.73
CA LYS C 244 42.52 -20.53 10.63
C LYS C 244 42.42 -21.85 9.86
N GLU C 245 43.11 -22.89 10.35
CA GLU C 245 43.14 -24.24 9.75
C GLU C 245 42.06 -25.15 10.38
N GLU C 246 41.47 -24.73 11.52
CA GLU C 246 40.42 -25.45 12.24
C GLU C 246 39.22 -24.54 12.53
N ILE C 247 37.99 -25.03 12.23
CA ILE C 247 36.74 -24.29 12.47
C ILE C 247 36.44 -24.38 13.99
N THR C 248 36.62 -23.25 14.70
CA THR C 248 36.40 -23.16 16.15
C THR C 248 34.98 -22.66 16.47
N MET C 249 34.62 -22.66 17.79
CA MET C 249 33.32 -22.25 18.32
C MET C 249 33.02 -20.75 18.08
N GLU C 250 34.06 -19.89 17.99
CA GLU C 250 33.95 -18.44 17.78
C GLU C 250 33.32 -18.09 16.42
N GLU C 251 33.73 -18.78 15.33
CA GLU C 251 33.23 -18.56 13.96
C GLU C 251 31.90 -19.29 13.73
N ILE C 252 31.62 -20.35 14.53
CA ILE C 252 30.39 -21.15 14.48
C ILE C 252 29.25 -20.31 15.08
N GLU C 253 29.48 -19.69 16.25
CA GLU C 253 28.52 -18.85 16.96
C GLU C 253 28.29 -17.50 16.22
N GLU C 254 29.26 -17.07 15.39
CA GLU C 254 29.19 -15.83 14.60
C GLU C 254 28.16 -15.97 13.47
N ALA C 255 28.17 -17.12 12.76
CA ALA C 255 27.25 -17.44 11.67
C ALA C 255 25.81 -17.61 12.19
N LEU C 256 25.66 -17.88 13.50
CA LEU C 256 24.38 -18.03 14.19
C LEU C 256 23.69 -16.66 14.37
N ASP C 257 24.50 -15.57 14.41
CA ASP C 257 24.02 -14.19 14.56
C ASP C 257 23.58 -13.61 13.20
N ARG C 258 24.01 -14.23 12.09
CA ARG C 258 23.63 -13.86 10.73
C ARG C 258 22.17 -14.24 10.46
N ILE C 259 21.69 -15.28 11.16
CA ILE C 259 20.34 -15.85 11.09
C ILE C 259 19.32 -14.94 11.82
N THR C 260 19.69 -14.38 12.99
CA THR C 260 18.84 -13.51 13.82
C THR C 260 18.51 -12.19 13.08
N MET C 268 10.82 -17.11 11.26
CA MET C 268 12.25 -17.11 11.57
C MET C 268 12.56 -18.17 12.65
N THR C 269 13.26 -17.79 13.75
CA THR C 269 13.62 -18.76 14.79
C THR C 269 12.62 -18.78 15.99
N ILE C 270 12.47 -19.93 16.67
CA ILE C 270 11.58 -20.05 17.83
C ILE C 270 12.36 -19.67 19.09
N SER C 271 11.87 -18.69 19.87
CA SER C 271 12.52 -18.27 21.12
C SER C 271 12.33 -19.37 22.18
N PRO C 272 13.20 -19.48 23.21
CA PRO C 272 13.02 -20.54 24.21
C PRO C 272 11.73 -20.43 25.01
N LYS C 273 11.24 -19.18 25.22
CA LYS C 273 9.99 -18.94 25.93
C LYS C 273 8.83 -19.49 25.11
N GLU C 274 8.83 -19.22 23.78
CA GLU C 274 7.86 -19.68 22.78
C GLU C 274 7.87 -21.20 22.71
N LYS C 275 9.08 -21.80 22.69
CA LYS C 275 9.27 -23.25 22.66
C LYS C 275 8.46 -23.90 23.80
N GLU C 276 8.56 -23.35 25.04
CA GLU C 276 7.79 -23.80 26.21
C GLU C 276 6.28 -23.73 25.96
N LYS C 277 5.82 -22.59 25.42
CA LYS C 277 4.41 -22.38 25.15
C LYS C 277 3.93 -23.45 24.17
N ILE C 278 4.71 -23.68 23.07
CA ILE C 278 4.39 -24.66 22.04
C ILE C 278 4.29 -26.06 22.64
N ALA C 279 5.32 -26.49 23.41
CA ALA C 279 5.39 -27.78 24.10
C ALA C 279 4.17 -28.03 24.95
N ILE C 280 3.82 -27.06 25.84
CA ILE C 280 2.63 -27.17 26.68
C ILE C 280 1.36 -27.31 25.80
N HIS C 281 1.21 -26.48 24.79
CA HIS C 281 0.05 -26.59 23.90
C HIS C 281 -0.02 -27.98 23.31
N GLU C 282 1.06 -28.44 22.71
CA GLU C 282 1.14 -29.76 22.07
C GLU C 282 0.87 -30.92 23.03
N ALA C 283 1.35 -30.78 24.28
CA ALA C 283 1.13 -31.79 25.33
C ALA C 283 -0.33 -31.80 25.76
N GLY C 284 -1.02 -30.68 25.59
CA GLY C 284 -2.45 -30.53 25.87
C GLY C 284 -3.25 -31.44 24.98
N HIS C 285 -3.10 -31.25 23.66
CA HIS C 285 -3.75 -32.08 22.65
C HIS C 285 -3.51 -33.57 22.95
N ALA C 286 -2.23 -33.95 23.02
CA ALA C 286 -1.77 -35.30 23.27
C ALA C 286 -2.49 -35.89 24.46
N LEU C 287 -2.39 -35.24 25.64
CA LEU C 287 -3.04 -35.67 26.87
C LEU C 287 -4.52 -35.93 26.63
N MET C 288 -5.22 -34.90 26.14
CA MET C 288 -6.64 -34.93 25.85
C MET C 288 -7.08 -36.24 25.13
N GLY C 289 -6.39 -36.60 24.04
CA GLY C 289 -6.62 -37.80 23.24
C GLY C 289 -6.33 -39.06 24.02
N LEU C 290 -5.15 -39.11 24.67
CA LEU C 290 -4.76 -40.26 25.50
C LEU C 290 -5.62 -40.39 26.77
N VAL C 291 -6.73 -39.63 26.91
CA VAL C 291 -7.55 -39.66 28.11
C VAL C 291 -9.05 -39.78 27.77
N SER C 292 -9.53 -39.17 26.67
CA SER C 292 -10.96 -39.19 26.31
C SER C 292 -11.49 -40.61 26.00
N ASP C 293 -12.81 -40.82 26.32
CA ASP C 293 -13.67 -42.02 26.24
C ASP C 293 -13.29 -42.99 25.13
N ASP C 294 -13.22 -42.51 23.87
CA ASP C 294 -12.80 -43.31 22.70
C ASP C 294 -12.28 -42.35 21.62
N ASP C 295 -11.07 -42.64 21.07
CA ASP C 295 -10.44 -41.78 20.07
C ASP C 295 -9.90 -42.51 18.80
N ASP C 296 -9.40 -41.68 17.86
CA ASP C 296 -8.86 -42.04 16.55
C ASP C 296 -7.34 -41.75 16.47
N LYS C 297 -6.55 -42.52 17.26
CA LYS C 297 -5.07 -42.60 17.36
C LYS C 297 -4.32 -41.29 17.67
N VAL C 298 -3.47 -41.35 18.71
CA VAL C 298 -2.53 -40.31 19.17
C VAL C 298 -1.20 -40.60 18.48
N HIS C 299 -0.48 -39.58 17.99
CA HIS C 299 0.81 -39.85 17.32
C HIS C 299 2.01 -39.14 18.05
N LYS C 300 3.14 -38.93 17.33
CA LYS C 300 4.35 -38.26 17.80
C LYS C 300 4.04 -36.83 18.21
N ILE C 301 4.58 -36.41 19.33
CA ILE C 301 4.41 -35.07 19.90
C ILE C 301 5.67 -34.28 19.56
N SER C 302 5.59 -33.21 18.75
CA SER C 302 6.75 -32.41 18.36
C SER C 302 6.56 -30.91 18.59
N ILE C 303 7.60 -30.17 19.05
CA ILE C 303 7.52 -28.72 19.23
C ILE C 303 7.67 -28.02 17.87
N ILE C 304 8.35 -28.69 16.91
CA ILE C 304 8.57 -28.14 15.57
C ILE C 304 7.20 -27.98 14.91
N PRO C 305 6.78 -26.72 14.64
CA PRO C 305 5.43 -26.51 14.09
C PRO C 305 5.31 -26.97 12.63
N PRO C 317 -11.63 -29.35 9.87
CA PRO C 317 -12.34 -30.58 9.48
C PRO C 317 -11.80 -31.82 10.19
N ILE C 318 -12.71 -32.78 10.50
CA ILE C 318 -12.50 -34.10 11.14
C ILE C 318 -13.86 -34.91 11.08
N GLU C 319 -14.40 -35.02 9.88
CA GLU C 319 -15.68 -35.69 9.59
C GLU C 319 -15.52 -36.86 8.56
N ASP C 320 -14.64 -36.68 7.52
CA ASP C 320 -14.29 -37.62 6.42
C ASP C 320 -15.52 -38.42 5.89
N LYS C 321 -15.33 -39.68 5.44
CA LYS C 321 -16.40 -40.56 4.96
C LYS C 321 -16.81 -41.54 6.09
N HIS C 322 -16.48 -41.15 7.34
CA HIS C 322 -16.72 -41.84 8.61
C HIS C 322 -17.97 -41.24 9.29
N ILE C 323 -18.68 -42.07 10.08
CA ILE C 323 -19.93 -41.70 10.76
C ILE C 323 -19.65 -41.54 12.25
N TYR C 324 -20.02 -40.43 12.86
CA TYR C 324 -19.70 -40.16 14.25
C TYR C 324 -20.92 -39.95 15.10
N ASP C 325 -20.87 -40.32 16.39
CA ASP C 325 -21.99 -40.06 17.29
C ASP C 325 -21.70 -38.77 18.06
N LYS C 326 -22.67 -38.31 18.86
CA LYS C 326 -22.56 -37.07 19.62
C LYS C 326 -21.37 -37.13 20.58
N LYS C 327 -21.21 -38.27 21.30
CA LYS C 327 -20.13 -38.50 22.26
C LYS C 327 -18.78 -38.36 21.60
N ASP C 328 -18.62 -38.89 20.38
CA ASP C 328 -17.41 -38.81 19.59
C ASP C 328 -17.00 -37.37 19.28
N LEU C 329 -17.96 -36.56 18.80
CA LEU C 329 -17.69 -35.18 18.42
C LEU C 329 -17.40 -34.32 19.61
N TYR C 330 -18.01 -34.61 20.78
CA TYR C 330 -17.66 -33.84 21.96
C TYR C 330 -16.17 -34.05 22.24
N ASN C 331 -15.72 -35.33 22.21
CA ASN C 331 -14.31 -35.66 22.44
C ASN C 331 -13.41 -35.08 21.35
N LYS C 332 -13.93 -34.93 20.10
CA LYS C 332 -13.15 -34.34 19.01
C LYS C 332 -12.85 -32.86 19.35
N ILE C 333 -13.90 -32.16 19.87
CA ILE C 333 -13.88 -30.77 20.34
C ILE C 333 -12.95 -30.68 21.55
N LEU C 334 -13.05 -31.66 22.48
CA LEU C 334 -12.24 -31.70 23.71
C LEU C 334 -10.76 -31.64 23.38
N VAL C 335 -10.29 -32.58 22.56
CA VAL C 335 -8.93 -32.61 22.05
C VAL C 335 -8.56 -31.27 21.43
N LEU C 336 -9.42 -30.76 20.51
CA LEU C 336 -9.18 -29.50 19.83
C LEU C 336 -8.96 -28.39 20.82
N LEU C 337 -9.66 -28.44 21.95
CA LEU C 337 -9.51 -27.42 22.97
C LEU C 337 -8.32 -27.65 23.95
N GLY C 338 -7.82 -28.88 24.02
CA GLY C 338 -6.69 -29.27 24.86
C GLY C 338 -5.58 -28.27 25.07
N GLY C 339 -4.73 -28.11 24.06
CA GLY C 339 -3.62 -27.14 24.05
C GLY C 339 -3.90 -25.78 24.65
N ARG C 340 -5.02 -25.13 24.27
CA ARG C 340 -5.43 -23.84 24.84
C ARG C 340 -5.64 -23.99 26.34
N ALA C 341 -6.38 -25.03 26.76
CA ALA C 341 -6.60 -25.33 28.18
C ALA C 341 -5.25 -25.54 28.88
N ALA C 342 -4.32 -26.27 28.22
CA ALA C 342 -2.97 -26.52 28.74
C ALA C 342 -2.25 -25.17 28.91
N GLU C 343 -2.38 -24.24 27.93
CA GLU C 343 -1.79 -22.90 27.96
C GLU C 343 -2.36 -22.14 29.13
N GLU C 344 -3.71 -22.18 29.30
CA GLU C 344 -4.43 -21.45 30.35
C GLU C 344 -4.02 -21.92 31.73
N VAL C 345 -3.85 -23.26 31.85
CA VAL C 345 -3.49 -23.91 33.11
C VAL C 345 -2.06 -23.56 33.48
N PHE C 346 -1.15 -23.62 32.51
CA PHE C 346 0.26 -23.38 32.73
C PHE C 346 0.62 -21.89 32.82
N PHE C 347 0.18 -21.06 31.87
CA PHE C 347 0.59 -19.66 31.88
C PHE C 347 -0.46 -18.71 32.39
N GLY C 348 -1.70 -19.17 32.53
CA GLY C 348 -2.74 -18.28 33.02
C GLY C 348 -3.53 -17.62 31.92
N LYS C 349 -4.58 -16.87 32.30
CA LYS C 349 -5.46 -16.21 31.34
C LYS C 349 -4.66 -15.26 30.44
N ASP C 350 -3.78 -14.42 31.01
CA ASP C 350 -2.93 -13.49 30.26
C ASP C 350 -1.87 -14.20 29.41
N GLY C 351 -1.67 -15.50 29.66
CA GLY C 351 -0.63 -16.27 28.99
C GLY C 351 -1.02 -17.03 27.75
N ILE C 352 -2.31 -17.13 27.47
CA ILE C 352 -2.85 -17.86 26.32
C ILE C 352 -2.35 -17.18 25.03
N THR C 353 -1.99 -17.98 24.02
CA THR C 353 -1.41 -17.46 22.79
C THR C 353 -2.30 -17.57 21.54
N THR C 354 -1.81 -16.96 20.45
CA THR C 354 -2.49 -17.00 19.16
C THR C 354 -2.27 -18.39 18.47
N GLY C 355 -1.69 -19.31 19.19
CA GLY C 355 -1.46 -20.64 18.68
C GLY C 355 -2.76 -21.41 18.56
N ALA C 356 -3.66 -21.24 19.53
CA ALA C 356 -4.96 -21.92 19.48
C ALA C 356 -5.89 -21.38 18.37
N GLU C 357 -5.42 -20.49 17.47
CA GLU C 357 -6.24 -19.94 16.41
C GLU C 357 -7.02 -21.01 15.66
N ASN C 358 -6.35 -21.95 14.96
CA ASN C 358 -7.13 -22.94 14.19
C ASN C 358 -7.91 -23.87 15.08
N ASP C 359 -7.35 -24.33 16.21
CA ASP C 359 -8.03 -25.23 17.16
C ASP C 359 -9.31 -24.66 17.64
N LEU C 360 -9.33 -23.35 17.96
CA LEU C 360 -10.54 -22.69 18.42
C LEU C 360 -11.58 -22.70 17.37
N GLN C 361 -11.20 -22.26 16.16
CA GLN C 361 -12.04 -22.23 14.98
C GLN C 361 -12.59 -23.62 14.70
N ARG C 362 -11.72 -24.60 14.46
CA ARG C 362 -12.09 -25.98 14.15
C ARG C 362 -13.14 -26.50 15.12
N ALA C 363 -12.90 -26.31 16.45
CA ALA C 363 -13.81 -26.71 17.53
C ALA C 363 -15.16 -26.04 17.40
N THR C 364 -15.20 -24.71 17.23
CA THR C 364 -16.46 -23.97 17.09
C THR C 364 -17.22 -24.48 15.89
N ASP C 365 -16.55 -24.63 14.73
CA ASP C 365 -17.23 -25.06 13.52
C ASP C 365 -17.87 -26.44 13.75
N LEU C 366 -17.14 -27.33 14.39
CA LEU C 366 -17.65 -28.66 14.74
C LEU C 366 -18.90 -28.49 15.57
N ALA C 367 -18.84 -27.60 16.61
CA ALA C 367 -20.00 -27.32 17.45
C ALA C 367 -21.19 -26.71 16.64
N TYR C 368 -20.97 -25.80 15.67
CA TYR C 368 -22.10 -25.30 14.89
C TYR C 368 -22.70 -26.44 14.06
N ARG C 369 -21.86 -27.27 13.42
CA ARG C 369 -22.38 -28.42 12.66
C ARG C 369 -23.18 -29.34 13.56
N MET C 370 -22.72 -29.51 14.80
CA MET C 370 -23.45 -30.32 15.75
C MET C 370 -24.84 -29.75 15.99
N VAL C 371 -24.94 -28.43 16.22
CA VAL C 371 -26.20 -27.79 16.57
C VAL C 371 -27.11 -27.59 15.33
N SER C 372 -26.65 -26.75 14.40
CA SER C 372 -27.44 -26.38 13.26
C SER C 372 -27.54 -27.42 12.13
N MET C 373 -26.66 -28.41 12.08
CA MET C 373 -26.72 -29.33 10.95
C MET C 373 -27.08 -30.75 11.26
N TRP C 374 -26.62 -31.30 12.36
CA TRP C 374 -26.85 -32.70 12.71
C TRP C 374 -27.90 -32.86 13.79
N GLY C 375 -28.50 -31.74 14.18
CA GLY C 375 -29.53 -31.67 15.21
C GLY C 375 -29.19 -32.39 16.50
N MET C 376 -27.98 -32.19 16.98
CA MET C 376 -27.52 -32.79 18.21
C MET C 376 -27.66 -31.81 19.39
N SER C 377 -28.53 -30.79 19.26
CA SER C 377 -28.82 -29.86 20.36
C SER C 377 -30.23 -30.05 20.78
N ASP C 378 -30.43 -30.42 22.04
CA ASP C 378 -31.78 -30.66 22.54
C ASP C 378 -32.60 -29.39 22.53
N LYS C 379 -31.98 -28.25 22.90
CA LYS C 379 -32.67 -26.97 22.92
C LYS C 379 -33.13 -26.56 21.53
N VAL C 380 -32.29 -26.76 20.51
CA VAL C 380 -32.57 -26.38 19.13
C VAL C 380 -33.39 -27.47 18.39
N GLY C 381 -33.38 -28.70 18.87
CA GLY C 381 -34.15 -29.77 18.24
C GLY C 381 -33.52 -30.36 16.98
N PRO C 382 -34.17 -31.34 16.34
CA PRO C 382 -33.61 -31.95 15.14
C PRO C 382 -33.92 -31.17 13.87
N ILE C 383 -33.85 -29.83 13.93
CA ILE C 383 -34.10 -28.99 12.75
C ILE C 383 -32.76 -28.79 12.09
N ALA C 384 -32.72 -28.59 10.79
CA ALA C 384 -31.42 -28.44 10.18
C ALA C 384 -31.36 -27.19 9.33
N ILE C 385 -30.58 -26.23 9.80
CA ILE C 385 -30.39 -24.96 9.13
C ILE C 385 -29.45 -25.19 7.91
N ARG C 386 -30.03 -24.92 6.71
CA ARG C 386 -29.47 -25.13 5.36
C ARG C 386 -28.20 -24.28 5.02
N ARG C 387 -27.16 -24.42 5.87
CA ARG C 387 -25.81 -23.80 5.81
C ARG C 387 -24.84 -24.65 6.67
N ASP C 401 -32.11 -16.21 5.62
CA ASP C 401 -33.57 -16.29 5.80
C ASP C 401 -33.94 -16.97 7.16
N THR C 402 -32.94 -17.21 8.02
CA THR C 402 -33.14 -17.81 9.34
C THR C 402 -33.43 -16.69 10.32
N SER C 403 -34.57 -16.79 11.05
CA SER C 403 -35.03 -15.83 12.06
C SER C 403 -33.93 -15.51 13.07
N PRO C 404 -33.83 -14.23 13.50
CA PRO C 404 -32.76 -13.83 14.44
C PRO C 404 -32.74 -14.63 15.73
N ASP C 405 -33.93 -14.95 16.30
CA ASP C 405 -34.12 -15.73 17.51
C ASP C 405 -33.50 -17.12 17.39
N LEU C 406 -33.69 -17.76 16.23
CA LEU C 406 -33.15 -19.10 16.01
C LEU C 406 -31.64 -19.02 15.95
N LEU C 407 -31.10 -18.00 15.27
CA LEU C 407 -29.65 -17.83 15.19
C LEU C 407 -29.08 -17.72 16.57
N ARG C 408 -29.75 -16.90 17.44
CA ARG C 408 -29.40 -16.69 18.85
C ARG C 408 -29.31 -18.07 19.53
N GLU C 409 -30.42 -18.84 19.49
CA GLU C 409 -30.50 -20.17 20.07
C GLU C 409 -29.33 -21.03 19.62
N ILE C 410 -28.98 -21.01 18.31
CA ILE C 410 -27.88 -21.80 17.75
C ILE C 410 -26.54 -21.41 18.38
N ASP C 411 -26.26 -20.11 18.38
CA ASP C 411 -25.03 -19.55 18.92
C ASP C 411 -24.91 -19.86 20.39
N GLU C 412 -25.98 -19.60 21.18
CA GLU C 412 -26.03 -19.82 22.63
C GLU C 412 -25.68 -21.28 22.98
N GLU C 413 -26.13 -22.22 22.13
CA GLU C 413 -25.86 -23.62 22.33
C GLU C 413 -24.41 -23.92 21.96
N VAL C 414 -23.86 -23.23 20.94
CA VAL C 414 -22.48 -23.48 20.51
C VAL C 414 -21.53 -22.96 21.60
N ARG C 415 -21.91 -21.84 22.26
CA ARG C 415 -21.11 -21.36 23.39
C ARG C 415 -21.19 -22.38 24.54
N ARG C 416 -22.40 -22.94 24.77
CA ARG C 416 -22.62 -23.97 25.82
C ARG C 416 -21.72 -25.16 25.60
N ILE C 417 -21.62 -25.68 24.36
CA ILE C 417 -20.78 -26.86 24.09
C ILE C 417 -19.32 -26.50 24.27
N ILE C 418 -18.87 -25.39 23.65
CA ILE C 418 -17.47 -25.04 23.67
C ILE C 418 -16.98 -24.80 25.10
N THR C 419 -17.64 -23.91 25.87
CA THR C 419 -17.27 -23.64 27.24
C THR C 419 -17.31 -24.91 28.06
N GLU C 420 -18.38 -25.73 27.94
CA GLU C 420 -18.49 -26.99 28.68
C GLU C 420 -17.27 -27.89 28.49
N GLN C 421 -16.89 -28.17 27.22
CA GLN C 421 -15.74 -29.01 26.90
C GLN C 421 -14.47 -28.34 27.32
N TYR C 422 -14.37 -27.01 27.17
CA TYR C 422 -13.16 -26.28 27.55
C TYR C 422 -12.95 -26.40 29.05
N GLU C 423 -13.99 -26.21 29.86
CA GLU C 423 -13.88 -26.37 31.30
C GLU C 423 -13.40 -27.80 31.62
N LYS C 424 -13.81 -28.79 30.80
CA LYS C 424 -13.44 -30.21 30.92
C LYS C 424 -11.95 -30.42 30.61
N ALA C 425 -11.44 -29.78 29.54
CA ALA C 425 -10.04 -29.91 29.14
C ALA C 425 -9.14 -29.30 30.22
N LYS C 426 -9.44 -28.04 30.64
CA LYS C 426 -8.71 -27.34 31.69
C LYS C 426 -8.54 -28.23 32.93
N ALA C 427 -9.64 -28.87 33.36
CA ALA C 427 -9.71 -29.77 34.51
C ALA C 427 -8.75 -30.97 34.42
N ILE C 428 -8.66 -31.61 33.23
CA ILE C 428 -7.79 -32.76 32.96
C ILE C 428 -6.34 -32.31 33.04
N VAL C 429 -6.03 -31.10 32.50
CA VAL C 429 -4.66 -30.56 32.58
C VAL C 429 -4.33 -30.28 34.05
N GLU C 430 -5.25 -29.60 34.75
CA GLU C 430 -5.12 -29.31 36.18
C GLU C 430 -4.80 -30.59 36.96
N GLU C 431 -5.53 -31.69 36.68
CA GLU C 431 -5.40 -33.02 37.31
C GLU C 431 -4.01 -33.67 37.06
N TYR C 432 -3.53 -33.59 35.80
CA TYR C 432 -2.26 -34.20 35.39
C TYR C 432 -1.16 -33.15 35.13
N LYS C 433 -1.10 -32.09 35.96
CA LYS C 433 -0.14 -30.99 35.81
C LYS C 433 1.31 -31.45 35.96
N GLU C 434 1.62 -32.19 37.05
CA GLU C 434 2.99 -32.67 37.36
C GLU C 434 3.55 -33.68 36.31
N PRO C 435 2.87 -34.78 35.88
CA PRO C 435 3.46 -35.60 34.81
C PRO C 435 3.60 -34.81 33.50
N LEU C 436 2.65 -33.83 33.22
CA LEU C 436 2.71 -32.97 32.04
C LEU C 436 3.95 -32.15 32.06
N LYS C 437 4.22 -31.51 33.23
CA LYS C 437 5.39 -30.65 33.44
C LYS C 437 6.61 -31.37 32.93
N ALA C 438 6.74 -32.65 33.37
CA ALA C 438 7.81 -33.59 33.01
C ALA C 438 7.80 -33.86 31.51
N VAL C 439 6.63 -34.25 30.94
CA VAL C 439 6.50 -34.50 29.50
C VAL C 439 7.05 -33.30 28.73
N VAL C 440 6.67 -32.09 29.16
CA VAL C 440 7.09 -30.85 28.54
C VAL C 440 8.61 -30.68 28.63
N LYS C 441 9.24 -31.03 29.78
CA LYS C 441 10.71 -30.93 29.88
C LYS C 441 11.37 -31.88 28.87
N LYS C 442 10.87 -33.13 28.80
CA LYS C 442 11.36 -34.16 27.89
C LYS C 442 11.22 -33.69 26.47
N LEU C 443 10.08 -33.03 26.19
CA LEU C 443 9.71 -32.49 24.89
C LEU C 443 10.61 -31.34 24.49
N LEU C 444 11.02 -30.48 25.44
CA LEU C 444 11.86 -29.34 25.13
C LEU C 444 13.28 -29.81 24.77
N GLU C 445 13.79 -30.85 25.45
CA GLU C 445 15.13 -31.35 25.19
C GLU C 445 15.18 -32.19 23.89
N LYS C 446 14.29 -33.18 23.75
CA LYS C 446 14.26 -34.05 22.57
C LYS C 446 13.67 -33.35 21.35
N GLU C 447 12.78 -32.34 21.58
CA GLU C 447 12.02 -31.55 20.61
C GLU C 447 10.84 -32.35 20.04
N THR C 448 11.01 -33.68 19.91
CA THR C 448 9.96 -34.58 19.45
C THR C 448 9.98 -35.83 20.30
N ILE C 449 8.86 -36.16 20.87
CA ILE C 449 8.75 -37.35 21.68
C ILE C 449 7.72 -38.19 20.96
N THR C 450 7.88 -39.52 20.88
CA THR C 450 6.88 -40.35 20.16
C THR C 450 5.64 -40.51 21.09
N CYS C 451 4.74 -41.43 20.78
CA CYS C 451 3.57 -41.57 21.65
C CYS C 451 3.91 -42.31 22.95
N GLU C 452 4.49 -43.51 22.83
CA GLU C 452 4.85 -44.45 23.89
C GLU C 452 5.31 -43.75 25.19
N GLU C 453 6.60 -43.30 25.27
CA GLU C 453 7.30 -42.63 26.39
C GLU C 453 6.43 -41.63 27.15
N PHE C 454 5.54 -40.86 26.47
CA PHE C 454 4.63 -39.91 27.14
C PHE C 454 3.82 -40.66 28.20
N VAL C 455 3.16 -41.76 27.79
CA VAL C 455 2.31 -42.59 28.64
C VAL C 455 3.18 -43.28 29.72
N GLU C 456 4.47 -43.49 29.40
CA GLU C 456 5.42 -44.10 30.32
C GLU C 456 5.86 -43.06 31.36
N VAL C 457 5.97 -41.76 30.96
CA VAL C 457 6.30 -40.62 31.83
C VAL C 457 5.14 -40.47 32.81
N PHE C 458 3.91 -40.73 32.32
CA PHE C 458 2.71 -40.71 33.12
C PHE C 458 2.67 -41.91 34.04
N LYS C 459 3.20 -43.05 33.56
CA LYS C 459 3.29 -44.24 34.38
C LYS C 459 4.21 -43.93 35.57
N LEU C 460 5.30 -43.13 35.37
CA LEU C 460 6.26 -42.73 36.43
C LEU C 460 5.56 -41.95 37.55
N TYR C 461 4.44 -41.28 37.21
CA TYR C 461 3.63 -40.48 38.15
C TYR C 461 2.38 -41.28 38.58
N GLY C 462 2.52 -42.62 38.59
CA GLY C 462 1.54 -43.62 38.98
C GLY C 462 0.19 -43.58 38.29
N ILE C 463 0.15 -43.06 37.04
CA ILE C 463 -1.08 -42.89 36.26
C ILE C 463 -1.06 -43.80 35.01
N GLU C 464 -2.20 -44.48 34.78
CA GLU C 464 -2.43 -45.33 33.62
C GLU C 464 -3.37 -44.63 32.64
N LEU C 465 -2.90 -44.36 31.41
CA LEU C 465 -3.70 -43.78 30.33
C LEU C 465 -4.18 -44.95 29.46
N LYS C 466 -4.40 -44.74 28.13
CA LYS C 466 -4.79 -45.87 27.30
C LYS C 466 -4.00 -45.95 26.00
N ASP C 467 -3.62 -47.20 25.66
CA ASP C 467 -2.86 -47.64 24.48
C ASP C 467 -3.52 -47.14 23.20
N LYS C 468 -3.19 -45.89 22.83
CA LYS C 468 -3.77 -45.20 21.71
C LYS C 468 -2.70 -44.67 20.72
N CYS C 469 -1.54 -45.36 20.66
CA CYS C 469 -0.43 -45.01 19.79
C CYS C 469 -0.68 -45.48 18.37
ZN ZN D . 0.67 7.04 14.78
PB ADP E . 14.17 10.75 -7.53
O1B ADP E . 15.07 9.81 -8.31
O2B ADP E . 12.93 11.04 -8.38
O3B ADP E . 13.84 10.23 -6.17
PA ADP E . 16.23 12.73 -8.19
O1A ADP E . 16.01 12.47 -9.69
O2A ADP E . 17.46 12.06 -7.72
O3A ADP E . 14.97 12.13 -7.42
O5' ADP E . 16.26 14.32 -7.93
C5' ADP E . 16.49 15.33 -8.93
C4' ADP E . 17.61 16.24 -8.48
O4' ADP E . 17.56 16.42 -7.05
C3' ADP E . 19.02 15.81 -8.84
O3' ADP E . 19.74 16.85 -9.50
C2' ADP E . 19.64 15.39 -7.49
O2' ADP E . 21.02 15.76 -7.41
C1' ADP E . 18.84 16.22 -6.49
N9 ADP E . 18.69 15.55 -5.20
C8 ADP E . 17.64 14.77 -4.79
N7 ADP E . 17.81 14.24 -3.60
C5 ADP E . 19.05 14.70 -3.20
C6 ADP E . 19.82 14.45 -2.04
N6 ADP E . 19.42 13.69 -1.03
N1 ADP E . 21.04 15.05 -1.96
C2 ADP E . 21.43 15.83 -2.97
N3 ADP E . 20.80 16.13 -4.11
C4 ADP E . 19.60 15.53 -4.16
S SO4 F . -8.68 -8.66 30.93
O1 SO4 F . -9.13 -9.23 29.66
O2 SO4 F . -7.21 -8.69 30.97
O3 SO4 F . -9.14 -7.28 31.05
O4 SO4 F . -9.23 -9.43 32.04
ZN ZN G . -23.56 25.72 -0.22
S SO4 H . -18.13 17.36 22.10
O1 SO4 H . -19.02 17.85 21.04
O2 SO4 H . -16.82 17.97 21.96
O3 SO4 H . -18.74 17.74 23.38
O4 SO4 H . -18.00 15.90 22.04
ZN ZN I . -3.01 -27.00 18.53
PB ADP J . 14.92 -28.93 -0.63
O1B ADP J . 14.99 -29.88 -1.82
O2B ADP J . 14.71 -27.50 -1.16
O3B ADP J . 13.86 -29.33 0.34
PA ADP J . 17.78 -29.45 -0.44
O1A ADP J . 18.00 -28.93 -1.88
O2A ADP J . 17.83 -30.93 -0.42
O3A ADP J . 16.36 -28.94 0.05
O5' ADP J . 18.90 -28.78 0.52
C5' ADP J . 20.14 -28.18 0.10
C4' ADP J . 21.29 -28.80 0.85
O4' ADP J . 20.90 -29.12 2.20
C3' ADP J . 21.90 -30.05 0.24
O3' ADP J . 23.32 -29.93 0.09
C2' ADP J . 21.48 -31.17 1.19
O2' ADP J . 22.50 -32.15 1.34
C1' ADP J . 21.28 -30.44 2.52
N9 ADP J . 20.25 -31.04 3.37
C8 ADP J . 18.92 -30.69 3.42
N7 ADP J . 18.21 -31.45 4.21
C5 ADP J . 19.12 -32.38 4.70
C6 ADP J . 18.98 -33.49 5.55
N6 ADP J . 17.82 -33.86 6.12
N1 ADP J . 20.09 -34.23 5.82
C2 ADP J . 21.25 -33.85 5.27
N3 ADP J . 21.50 -32.84 4.45
C4 ADP J . 20.39 -32.13 4.19
S SO4 K . -24.95 -32.39 26.78
O1 SO4 K . -23.81 -31.52 26.48
O2 SO4 K . -24.61 -33.76 26.40
O3 SO4 K . -26.14 -31.93 26.02
O4 SO4 K . -25.22 -32.33 28.22
#